data_5NVV
#
_entry.id   5NVV
#
_cell.length_a   93.299
_cell.length_b   93.299
_cell.length_c   364.958
_cell.angle_alpha   90.000
_cell.angle_beta   90.000
_cell.angle_gamma   90.000
#
_symmetry.space_group_name_H-M   'P 41 2 2'
#
loop_
_entity.id
_entity.type
_entity.pdbx_description
1 polymer Elongin-B
2 polymer Elongin-C
3 polymer 'Von Hippel-Lindau disease tumor suppressor'
4 non-polymer (2~{S},4~{R})-1-[(2~{S})-3,3-dimethyl-2-(2-oxidanylethanoylamino)butanoyl]-~{N}-[[4-(4-methyl-1,3-thiazol-5-yl)phenyl]methyl]-4-oxidanyl-pyrrolidine-2-carboxamide
5 water water
#
loop_
_entity_poly.entity_id
_entity_poly.type
_entity_poly.pdbx_seq_one_letter_code
_entity_poly.pdbx_strand_id
1 'polypeptide(L)'
;MDVFLMIRRHKTTIFTDAKESSTVFELKRIVEGILKRPPDEQRLYKDDQLLDDGKTLGE(CAS)GFTSQTARPQAPATVG
LAFRADDTFEAL(CAS)IEPFSSPPELPDVMK
;
A,D,G,J
2 'polypeptide(L)'
;MMYVKLISSDGHEFIVKREHALTSGTIKAMLSGPGQFAENETNEVNFREIPSHVLSKVCMYFTYKVRYTNSSTEIPEFPI
APEIALELLMAANFLDC
;
B,E,H,K
3 'polypeptide(L)'
;GSMEAGRPRPVLRSVNSREPSQVIF(CAS)NRSPRVVLPVWLNFDGEPQPYPTLPPGTGRRIHSYRGHLWLFRDAGTHDG
LLVNQTELFVPSLNVDGQPIFANITLPVYTLKERCLQVVRSLVKPENYRRLDIVRSLYEDLEDHPNVQKDLERLTQERIA
HQRMGD
;
C,F,I,L
#
loop_
_chem_comp.id
_chem_comp.type
_chem_comp.name
_chem_comp.formula
9BT non-polymer (2~{S},4~{R})-1-[(2~{S})-3,3-dimethyl-2-(2-oxidanylethanoylamino)butanoyl]-~{N}-[[4-(4-methyl-1,3-thiazol-5-yl)phenyl]methyl]-4-oxidanyl-pyrrolidine-2-carboxamide 'C24 H32 N4 O5 S'
#
# COMPACT_ATOMS: atom_id res chain seq x y z
N MET A 1 39.54 -8.98 11.30
CA MET A 1 38.63 -8.58 10.20
C MET A 1 39.35 -7.65 9.21
N ASP A 2 39.17 -7.91 7.93
CA ASP A 2 39.74 -7.06 6.89
C ASP A 2 38.94 -5.77 6.72
N VAL A 3 39.66 -4.66 6.54
CA VAL A 3 39.06 -3.40 6.12
C VAL A 3 39.65 -3.07 4.75
N PHE A 4 38.83 -2.47 3.89
CA PHE A 4 39.20 -2.21 2.51
C PHE A 4 39.27 -0.71 2.28
N LEU A 5 40.43 -0.26 1.80
CA LEU A 5 40.80 1.15 1.83
C LEU A 5 41.21 1.70 0.47
N MET A 6 41.09 3.01 0.33
CA MET A 6 41.76 3.79 -0.70
C MET A 6 42.67 4.80 0.02
N ILE A 7 43.97 4.69 -0.18
CA ILE A 7 44.91 5.62 0.43
C ILE A 7 45.20 6.65 -0.65
N ARG A 8 44.87 7.91 -0.38
CA ARG A 8 44.82 8.90 -1.42
C ARG A 8 45.66 10.14 -1.12
N ARG A 9 46.44 10.54 -2.12
CA ARG A 9 47.21 11.78 -2.08
C ARG A 9 47.26 12.33 -3.49
N HIS A 10 46.93 13.62 -3.64
CA HIS A 10 47.00 14.31 -4.94
C HIS A 10 46.24 13.48 -5.98
N LYS A 11 46.90 12.93 -7.00
CA LYS A 11 46.22 12.10 -8.00
C LYS A 11 46.62 10.63 -7.89
N THR A 12 46.99 10.21 -6.68
CA THR A 12 47.42 8.85 -6.40
C THR A 12 46.38 8.21 -5.51
N THR A 13 45.98 6.99 -5.84
CA THR A 13 45.02 6.25 -5.05
C THR A 13 45.47 4.78 -4.97
N ILE A 14 45.79 4.32 -3.76
CA ILE A 14 46.20 2.95 -3.55
C ILE A 14 45.02 2.16 -3.04
N PHE A 15 44.63 1.09 -3.75
CA PHE A 15 43.64 0.15 -3.24
C PHE A 15 44.36 -0.95 -2.47
N THR A 16 43.99 -1.12 -1.20
CA THR A 16 44.52 -2.22 -0.41
C THR A 16 43.59 -2.54 0.73
N ASP A 17 43.85 -3.66 1.41
CA ASP A 17 43.17 -4.00 2.65
C ASP A 17 44.18 -4.08 3.76
N ALA A 18 43.67 -4.11 5.00
CA ALA A 18 44.49 -4.28 6.21
C ALA A 18 43.58 -4.83 7.29
N LYS A 19 44.16 -5.25 8.40
CA LYS A 19 43.38 -5.74 9.51
C LYS A 19 42.83 -4.60 10.33
N GLU A 20 41.64 -4.78 10.86
CA GLU A 20 41.07 -3.81 11.78
C GLU A 20 42.00 -3.59 12.97
N SER A 21 42.68 -4.66 13.38
CA SER A 21 43.62 -4.62 14.49
C SER A 21 44.97 -3.99 14.15
N SER A 22 45.25 -3.74 12.87
CA SER A 22 46.55 -3.22 12.46
C SER A 22 46.66 -1.73 12.79
N THR A 23 47.89 -1.25 12.89
CA THR A 23 48.11 0.12 13.30
C THR A 23 48.32 1.05 12.11
N VAL A 24 48.15 2.34 12.40
CA VAL A 24 48.44 3.43 11.48
C VAL A 24 49.87 3.33 10.98
N PHE A 25 50.81 3.11 11.89
CA PHE A 25 52.21 2.98 11.49
C PHE A 25 52.42 1.82 10.51
N GLU A 26 51.80 0.69 10.82
CA GLU A 26 51.85 -0.47 9.92
C GLU A 26 51.28 -0.14 8.52
N LEU A 27 50.25 0.69 8.45
CA LEU A 27 49.76 1.16 7.16
C LEU A 27 50.77 2.05 6.41
N LYS A 28 51.54 2.87 7.15
CA LYS A 28 52.63 3.65 6.55
C LYS A 28 53.71 2.72 5.97
N ARG A 29 53.95 1.59 6.63
CA ARG A 29 54.92 0.61 6.13
C ARG A 29 54.41 0.02 4.82
N ILE A 30 53.09 -0.16 4.70
CA ILE A 30 52.48 -0.64 3.45
C ILE A 30 52.68 0.41 2.37
N VAL A 31 52.38 1.66 2.70
CA VAL A 31 52.57 2.76 1.77
C VAL A 31 54.06 2.89 1.40
N GLU A 32 54.94 2.67 2.37
CA GLU A 32 56.37 2.73 2.09
C GLU A 32 56.79 1.73 1.01
N GLY A 33 56.28 0.51 1.12
CA GLY A 33 56.59 -0.55 0.16
C GLY A 33 56.16 -0.21 -1.25
N ILE A 34 55.07 0.56 -1.37
CA ILE A 34 54.49 0.89 -2.66
C ILE A 34 55.08 2.17 -3.26
N LEU A 35 55.09 3.25 -2.47
CA LEU A 35 55.51 4.57 -2.95
C LEU A 35 56.94 4.98 -2.55
N LYS A 36 57.66 4.12 -1.85
CA LYS A 36 59.09 4.32 -1.51
C LYS A 36 59.36 5.59 -0.70
N ARG A 37 58.55 5.83 0.31
CA ARG A 37 58.77 6.94 1.22
C ARG A 37 58.57 6.40 2.63
N PRO A 38 59.50 6.70 3.55
CA PRO A 38 59.40 6.09 4.87
C PRO A 38 58.28 6.69 5.71
N PRO A 39 57.86 5.98 6.77
CA PRO A 39 56.77 6.44 7.62
C PRO A 39 56.97 7.84 8.18
N ASP A 40 58.20 8.18 8.57
CA ASP A 40 58.48 9.53 9.09
C ASP A 40 58.23 10.65 8.06
N GLU A 41 58.10 10.31 6.78
CA GLU A 41 57.78 11.32 5.76
C GLU A 41 56.32 11.27 5.31
N GLN A 42 55.49 10.53 6.06
CA GLN A 42 54.07 10.36 5.78
C GLN A 42 53.20 10.86 6.93
N ARG A 43 52.12 11.55 6.59
CA ARG A 43 51.01 11.75 7.51
C ARG A 43 49.78 11.08 6.94
N LEU A 44 49.07 10.32 7.77
CA LEU A 44 47.80 9.70 7.35
C LEU A 44 46.64 10.38 8.08
N TYR A 45 45.53 10.49 7.37
CA TYR A 45 44.38 11.23 7.85
C TYR A 45 43.08 10.43 7.66
N LYS A 46 42.15 10.67 8.56
CA LYS A 46 40.78 10.32 8.32
C LYS A 46 40.05 11.64 8.22
N ASP A 47 39.51 11.93 7.05
CA ASP A 47 38.98 13.27 6.75
C ASP A 47 40.07 14.29 7.09
N ASP A 48 39.81 15.21 8.00
CA ASP A 48 40.81 16.20 8.35
C ASP A 48 41.66 15.79 9.55
N GLN A 49 41.37 14.64 10.15
CA GLN A 49 42.04 14.26 11.38
C GLN A 49 43.37 13.52 11.12
N LEU A 50 44.45 14.06 11.68
CA LEU A 50 45.75 13.40 11.61
C LEU A 50 45.73 12.13 12.45
N LEU A 51 46.14 11.01 11.87
CA LEU A 51 46.10 9.74 12.58
C LEU A 51 47.41 9.47 13.34
N ASP A 52 47.29 9.01 14.60
CA ASP A 52 48.42 8.66 15.46
C ASP A 52 48.97 7.26 15.13
N ASP A 53 50.29 7.15 15.00
CA ASP A 53 50.97 5.91 14.59
C ASP A 53 50.55 4.67 15.35
N GLY A 54 50.36 4.81 16.66
CA GLY A 54 50.11 3.69 17.53
C GLY A 54 48.68 3.18 17.55
N LYS A 55 47.74 3.94 16.97
CA LYS A 55 46.34 3.55 17.05
C LYS A 55 46.02 2.49 16.01
N THR A 56 45.05 1.64 16.31
CA THR A 56 44.56 0.69 15.33
C THR A 56 43.61 1.36 14.34
N LEU A 57 43.48 0.75 13.17
CA LEU A 57 42.60 1.27 12.14
C LEU A 57 41.17 1.26 12.66
N GLY A 58 40.84 0.23 13.43
CA GLY A 58 39.53 0.10 14.08
C GLY A 58 39.22 1.26 15.01
N GLU A 59 40.15 1.52 15.93
CA GLU A 59 40.09 2.69 16.81
C GLU A 59 39.88 4.00 16.09
N CAS A 60 40.51 4.14 14.93
CA CAS A 60 40.35 5.35 14.09
CB CAS A 60 41.62 5.53 13.24
C CAS A 60 39.13 5.29 13.20
O CAS A 60 39.01 6.10 12.28
SG CAS A 60 43.02 5.92 14.24
AS CAS A 60 42.42 7.83 15.33
CE1 CAS A 60 42.20 7.25 17.20
CE2 CAS A 60 43.79 9.24 15.41
N GLY A 61 38.21 4.34 13.43
CA GLY A 61 36.94 4.31 12.72
C GLY A 61 36.89 3.55 11.41
N PHE A 62 37.98 2.88 11.03
CA PHE A 62 37.95 2.01 9.84
C PHE A 62 37.53 0.63 10.29
N THR A 63 36.27 0.29 10.05
CA THR A 63 35.72 -0.98 10.48
C THR A 63 35.27 -1.77 9.28
N SER A 64 35.19 -3.09 9.46
CA SER A 64 34.96 -4.01 8.36
C SER A 64 33.62 -3.74 7.68
N GLN A 65 32.68 -3.21 8.44
CA GLN A 65 31.36 -2.96 7.90
C GLN A 65 31.19 -1.56 7.30
N THR A 66 32.18 -0.69 7.48
CA THR A 66 32.20 0.60 6.79
C THR A 66 33.26 0.66 5.69
N ALA A 67 34.34 -0.08 5.81
CA ALA A 67 35.39 -0.05 4.82
C ALA A 67 35.27 -1.34 4.04
N ARG A 68 34.36 -1.33 3.07
CA ARG A 68 33.91 -2.54 2.37
C ARG A 68 34.61 -2.69 1.04
N PRO A 69 34.74 -3.93 0.52
CA PRO A 69 35.43 -4.14 -0.76
C PRO A 69 34.86 -3.30 -1.89
N GLN A 70 33.53 -3.24 -1.97
CA GLN A 70 32.84 -2.52 -3.04
C GLN A 70 32.62 -1.03 -2.79
N ALA A 71 33.02 -0.58 -1.59
CA ALA A 71 32.90 0.83 -1.20
C ALA A 71 33.94 1.11 -0.12
N PRO A 72 35.22 1.18 -0.50
CA PRO A 72 36.29 1.26 0.48
C PRO A 72 36.37 2.62 1.12
N ALA A 73 36.92 2.66 2.32
CA ALA A 73 37.04 3.90 3.08
C ALA A 73 38.28 4.61 2.61
N THR A 74 38.27 5.94 2.72
CA THR A 74 39.41 6.73 2.26
C THR A 74 40.34 7.13 3.41
N VAL A 75 41.63 6.86 3.21
CA VAL A 75 42.66 7.35 4.12
C VAL A 75 43.47 8.39 3.38
N GLY A 76 43.53 9.61 3.93
CA GLY A 76 44.29 10.69 3.30
C GLY A 76 45.76 10.51 3.57
N LEU A 77 46.60 10.95 2.62
CA LEU A 77 48.05 10.84 2.75
C LEU A 77 48.74 12.15 2.37
N ALA A 78 49.72 12.58 3.18
CA ALA A 78 50.55 13.74 2.86
C ALA A 78 52.03 13.42 3.07
N PHE A 79 52.88 13.92 2.15
CA PHE A 79 54.32 13.74 2.25
C PHE A 79 55.04 14.97 2.80
N ARG A 80 56.14 14.71 3.49
CA ARG A 80 57.06 15.76 3.89
C ARG A 80 58.12 15.87 2.81
N ALA A 81 58.19 17.06 2.18
CA ALA A 81 59.30 17.39 1.30
C ALA A 81 60.33 18.15 2.13
N ASP A 82 61.51 17.55 2.31
CA ASP A 82 62.59 18.10 3.14
C ASP A 82 62.19 18.37 4.60
N ASP A 83 62.03 19.64 4.97
CA ASP A 83 61.85 20.03 6.37
C ASP A 83 60.40 19.83 6.83
N THR A 84 59.44 20.24 5.98
CA THR A 84 58.05 20.38 6.40
C THR A 84 57.06 19.59 5.52
N PHE A 85 55.91 19.29 6.10
CA PHE A 85 54.87 18.53 5.42
C PHE A 85 54.03 19.44 4.52
N GLU A 86 53.75 18.95 3.32
CA GLU A 86 52.74 19.54 2.47
C GLU A 86 51.40 19.46 3.20
N ALA A 87 50.43 20.24 2.77
CA ALA A 87 49.08 20.14 3.31
C ALA A 87 48.39 18.98 2.61
N LEU A 88 47.40 18.39 3.28
CA LEU A 88 46.62 17.31 2.71
C LEU A 88 45.90 17.80 1.46
N CAS A 89 46.18 17.19 0.30
CA CAS A 89 45.50 17.55 -0.97
CB CAS A 89 46.39 18.34 -1.95
C CAS A 89 45.09 16.27 -1.63
O CAS A 89 45.95 15.47 -1.98
SG CAS A 89 45.74 18.37 -3.61
AS CAS A 89 44.24 19.93 -3.10
CE1 CAS A 89 44.92 21.68 -3.75
CE2 CAS A 89 42.52 19.50 -4.00
N ILE A 90 43.79 16.06 -1.79
CA ILE A 90 43.25 14.92 -2.55
C ILE A 90 42.48 15.47 -3.74
N GLU A 91 42.96 15.16 -4.94
CA GLU A 91 42.29 15.59 -6.16
C GLU A 91 40.98 14.85 -6.35
N PRO A 92 39.86 15.58 -6.55
CA PRO A 92 38.64 14.80 -6.77
C PRO A 92 38.70 13.95 -8.05
N PHE A 93 37.93 12.88 -8.09
CA PHE A 93 37.70 12.16 -9.33
C PHE A 93 36.90 13.05 -10.28
N SER A 94 36.90 12.70 -11.57
CA SER A 94 36.16 13.46 -12.57
C SER A 94 34.65 13.42 -12.30
N SER A 95 33.91 14.37 -12.85
CA SER A 95 32.45 14.42 -12.69
C SER A 95 31.77 13.62 -13.78
N PRO A 96 30.77 12.80 -13.41
CA PRO A 96 30.01 12.11 -14.45
C PRO A 96 29.25 13.12 -15.29
N PRO A 97 29.00 12.80 -16.57
CA PRO A 97 28.22 13.70 -17.40
C PRO A 97 26.74 13.65 -17.00
N GLU A 98 25.94 14.57 -17.53
CA GLU A 98 24.49 14.49 -17.38
C GLU A 98 24.01 13.15 -17.92
N LEU A 99 23.00 12.60 -17.28
CA LEU A 99 22.31 11.41 -17.80
C LEU A 99 21.75 11.71 -19.18
N PRO A 100 21.96 10.79 -20.15
CA PRO A 100 21.24 10.92 -21.40
C PRO A 100 19.73 10.99 -21.15
N ASP A 101 18.98 11.61 -22.05
CA ASP A 101 17.54 11.80 -21.84
C ASP A 101 16.82 10.47 -21.63
N VAL A 102 17.21 9.45 -22.41
CA VAL A 102 16.54 8.15 -22.33
C VAL A 102 16.78 7.40 -21.02
N MET A 103 17.69 7.90 -20.18
CA MET A 103 17.94 7.33 -18.84
C MET A 103 17.22 8.11 -17.74
N LYS A 104 16.58 9.22 -18.09
CA LYS A 104 15.79 9.99 -17.13
C LYS A 104 14.35 9.46 -17.05
N MET B 1 53.99 -7.57 -1.94
CA MET B 1 52.95 -7.88 -2.97
C MET B 1 53.24 -7.11 -4.25
N MET B 2 52.92 -7.73 -5.39
CA MET B 2 53.09 -7.05 -6.65
C MET B 2 51.88 -6.17 -6.92
N TYR B 3 52.15 -4.91 -7.18
CA TYR B 3 51.15 -3.93 -7.56
C TYR B 3 51.36 -3.50 -9.01
N VAL B 4 50.31 -3.00 -9.65
CA VAL B 4 50.41 -2.33 -10.95
C VAL B 4 49.69 -1.01 -10.85
N LYS B 5 50.00 -0.12 -11.77
CA LYS B 5 49.41 1.20 -11.80
C LYS B 5 48.50 1.34 -13.00
N LEU B 6 47.23 1.67 -12.74
CA LEU B 6 46.25 1.93 -13.77
C LEU B 6 45.93 3.43 -13.79
N ILE B 7 46.20 4.09 -14.92
CA ILE B 7 46.09 5.55 -15.03
C ILE B 7 44.90 5.95 -15.91
N SER B 8 44.02 6.76 -15.34
CA SER B 8 42.79 7.17 -16.01
C SER B 8 43.09 8.25 -17.04
N SER B 9 42.11 8.56 -17.89
CA SER B 9 42.33 9.53 -18.95
C SER B 9 42.65 10.92 -18.39
N ASP B 10 42.05 11.27 -17.26
CA ASP B 10 42.32 12.54 -16.58
C ASP B 10 43.54 12.52 -15.63
N GLY B 11 44.40 11.50 -15.73
CA GLY B 11 45.66 11.47 -14.98
C GLY B 11 45.63 10.91 -13.56
N HIS B 12 44.51 10.38 -13.09
CA HIS B 12 44.50 9.71 -11.79
C HIS B 12 45.20 8.36 -11.87
N GLU B 13 46.11 8.12 -10.94
CA GLU B 13 46.91 6.91 -10.91
C GLU B 13 46.39 5.98 -9.84
N PHE B 14 45.85 4.84 -10.26
CA PHE B 14 45.27 3.88 -9.36
C PHE B 14 46.25 2.72 -9.20
N ILE B 15 46.64 2.45 -7.96
CA ILE B 15 47.59 1.40 -7.66
C ILE B 15 46.84 0.23 -7.03
N VAL B 16 46.82 -0.91 -7.71
CA VAL B 16 46.05 -2.07 -7.27
C VAL B 16 46.92 -3.29 -7.34
N LYS B 17 46.56 -4.34 -6.60
CA LYS B 17 47.29 -5.59 -6.68
C LYS B 17 47.27 -6.10 -8.11
N ARG B 18 48.41 -6.57 -8.58
CA ARG B 18 48.55 -7.16 -9.91
C ARG B 18 47.49 -8.23 -10.16
N GLU B 19 47.35 -9.13 -9.17
CA GLU B 19 46.37 -10.22 -9.22
C GLU B 19 44.94 -9.70 -9.45
N HIS B 20 44.62 -8.56 -8.85
CA HIS B 20 43.32 -7.94 -9.03
C HIS B 20 43.13 -7.39 -10.46
N ALA B 21 44.16 -6.76 -10.99
CA ALA B 21 44.07 -6.17 -12.33
C ALA B 21 43.95 -7.27 -13.39
N LEU B 22 44.55 -8.43 -13.15
CA LEU B 22 44.44 -9.57 -14.06
C LEU B 22 43.05 -10.21 -14.08
N THR B 23 42.13 -9.74 -13.24
CA THR B 23 40.70 -9.97 -13.47
C THR B 23 40.36 -9.66 -14.94
N SER B 24 41.01 -8.64 -15.51
CA SER B 24 40.82 -8.25 -16.90
C SER B 24 41.87 -8.86 -17.81
N GLY B 25 41.41 -9.66 -18.78
CA GLY B 25 42.28 -10.19 -19.84
C GLY B 25 42.88 -9.08 -20.70
N THR B 26 42.13 -8.00 -20.88
CA THR B 26 42.62 -6.84 -21.62
C THR B 26 43.81 -6.20 -20.92
N ILE B 27 43.69 -6.04 -19.60
CA ILE B 27 44.77 -5.46 -18.82
C ILE B 27 45.97 -6.38 -18.86
N LYS B 28 45.76 -7.69 -18.69
CA LYS B 28 46.85 -8.67 -18.79
C LYS B 28 47.62 -8.49 -20.08
N ALA B 29 46.90 -8.35 -21.20
CA ALA B 29 47.51 -8.15 -22.51
C ALA B 29 48.32 -6.87 -22.58
N MET B 30 47.79 -5.80 -22.01
CA MET B 30 48.46 -4.50 -22.01
C MET B 30 49.73 -4.50 -21.14
N LEU B 31 49.82 -5.39 -20.15
CA LEU B 31 51.01 -5.49 -19.29
C LEU B 31 52.12 -6.35 -19.92
N SER B 32 51.74 -7.46 -20.57
CA SER B 32 52.67 -8.29 -21.34
C SER B 32 52.03 -8.76 -22.62
N ASN B 43 54.67 -2.27 -15.69
CA ASN B 43 53.74 -2.28 -14.57
C ASN B 43 52.80 -1.06 -14.51
N GLU B 44 52.67 -0.32 -15.61
CA GLU B 44 51.68 0.75 -15.71
C GLU B 44 50.88 0.64 -17.00
N VAL B 45 49.61 0.99 -16.94
CA VAL B 45 48.76 1.07 -18.14
C VAL B 45 48.00 2.37 -18.13
N ASN B 46 48.00 3.07 -19.27
CA ASN B 46 47.23 4.30 -19.42
C ASN B 46 45.93 4.01 -20.14
N PHE B 47 44.83 4.57 -19.65
CA PHE B 47 43.54 4.39 -20.29
C PHE B 47 43.05 5.73 -20.80
N ARG B 48 43.20 5.94 -22.09
CA ARG B 48 42.88 7.21 -22.72
C ARG B 48 41.40 7.51 -22.76
N GLU B 49 40.57 6.47 -22.63
CA GLU B 49 39.12 6.65 -22.68
C GLU B 49 38.40 6.40 -21.37
N ILE B 50 39.12 6.07 -20.30
CA ILE B 50 38.43 5.76 -19.06
C ILE B 50 38.77 6.81 -18.02
N PRO B 51 37.79 7.67 -17.68
CA PRO B 51 38.01 8.70 -16.68
C PRO B 51 37.98 8.14 -15.26
N SER B 52 38.48 8.93 -14.31
CA SER B 52 38.71 8.47 -12.95
C SER B 52 37.42 8.03 -12.25
N HIS B 53 36.30 8.71 -12.52
CA HIS B 53 35.03 8.30 -11.89
C HIS B 53 34.56 6.91 -12.34
N VAL B 54 35.11 6.43 -13.46
CA VAL B 54 34.82 5.09 -13.96
C VAL B 54 35.90 4.11 -13.50
N LEU B 55 37.16 4.47 -13.67
CA LEU B 55 38.25 3.55 -13.35
C LEU B 55 38.33 3.22 -11.85
N SER B 56 38.01 4.20 -11.01
CA SER B 56 37.95 3.98 -9.57
C SER B 56 36.95 2.87 -9.24
N LYS B 57 35.77 2.94 -9.87
CA LYS B 57 34.77 1.88 -9.73
C LYS B 57 35.24 0.53 -10.27
N VAL B 58 35.95 0.54 -11.38
CA VAL B 58 36.52 -0.69 -11.89
C VAL B 58 37.40 -1.34 -10.83
N CYS B 59 38.25 -0.55 -10.18
CA CYS B 59 39.13 -1.10 -9.14
C CYS B 59 38.35 -1.65 -7.96
N MET B 60 37.27 -0.97 -7.59
CA MET B 60 36.40 -1.43 -6.51
C MET B 60 35.74 -2.75 -6.91
N TYR B 61 35.40 -2.91 -8.19
CA TYR B 61 34.86 -4.18 -8.65
C TYR B 61 35.88 -5.29 -8.46
N PHE B 62 37.14 -5.03 -8.81
CA PHE B 62 38.18 -6.07 -8.66
C PHE B 62 38.25 -6.55 -7.22
N THR B 63 38.23 -5.60 -6.28
CA THR B 63 38.30 -5.92 -4.86
C THR B 63 37.11 -6.75 -4.45
N TYR B 64 35.94 -6.35 -4.95
CA TYR B 64 34.68 -7.03 -4.66
C TYR B 64 34.69 -8.45 -5.21
N LYS B 65 35.11 -8.59 -6.46
CA LYS B 65 35.12 -9.90 -7.10
C LYS B 65 36.07 -10.85 -6.39
N VAL B 66 37.28 -10.38 -6.10
CA VAL B 66 38.29 -11.25 -5.48
C VAL B 66 37.79 -11.67 -4.09
N ARG B 67 37.21 -10.72 -3.36
CA ARG B 67 36.70 -10.99 -2.01
C ARG B 67 35.53 -11.97 -1.97
N TYR B 68 34.58 -11.82 -2.88
CA TYR B 68 33.34 -12.62 -2.79
C TYR B 68 33.28 -13.81 -3.73
N THR B 69 34.25 -13.97 -4.62
CA THR B 69 34.29 -15.18 -5.46
C THR B 69 34.65 -16.39 -4.60
N ASN B 70 33.94 -17.49 -4.80
CA ASN B 70 34.11 -18.72 -4.01
C ASN B 70 34.08 -18.46 -2.50
N SER B 71 33.06 -17.71 -2.06
CA SER B 71 32.88 -17.38 -0.66
C SER B 71 31.45 -17.67 -0.24
N SER B 72 31.29 -18.23 0.95
CA SER B 72 29.98 -18.64 1.46
C SER B 72 29.23 -17.48 2.13
N THR B 73 29.97 -16.56 2.75
CA THR B 73 29.37 -15.36 3.35
C THR B 73 28.51 -14.62 2.33
N GLU B 74 27.31 -14.21 2.76
CA GLU B 74 26.31 -13.65 1.86
C GLU B 74 26.90 -12.51 1.01
N ILE B 75 26.51 -12.47 -0.26
CA ILE B 75 27.10 -11.57 -1.23
C ILE B 75 26.21 -10.33 -1.36
N PRO B 76 26.78 -9.12 -1.14
CA PRO B 76 26.02 -7.90 -1.37
C PRO B 76 26.00 -7.49 -2.83
N GLU B 77 25.02 -6.66 -3.18
CA GLU B 77 24.90 -6.11 -4.51
C GLU B 77 26.10 -5.19 -4.77
N PHE B 78 26.72 -5.31 -5.95
CA PHE B 78 27.72 -4.34 -6.36
C PHE B 78 26.99 -3.07 -6.80
N PRO B 79 27.25 -1.93 -6.13
CA PRO B 79 26.48 -0.73 -6.39
C PRO B 79 27.02 0.08 -7.57
N ILE B 80 26.13 0.60 -8.42
CA ILE B 80 26.53 1.42 -9.56
C ILE B 80 25.55 2.59 -9.71
N ALA B 81 26.03 3.81 -9.48
CA ALA B 81 25.18 4.98 -9.61
C ALA B 81 24.70 5.11 -11.04
N PRO B 82 23.44 5.55 -11.24
CA PRO B 82 22.90 5.74 -12.59
C PRO B 82 23.79 6.59 -13.51
N GLU B 83 24.42 7.61 -12.96
CA GLU B 83 25.19 8.59 -13.76
C GLU B 83 26.45 8.02 -14.37
N ILE B 84 26.97 6.93 -13.81
CA ILE B 84 28.20 6.31 -14.33
C ILE B 84 27.96 5.00 -15.06
N ALA B 85 26.71 4.53 -15.11
CA ALA B 85 26.44 3.18 -15.55
C ALA B 85 26.82 2.94 -17.00
N LEU B 86 26.51 3.92 -17.86
CA LEU B 86 26.75 3.78 -19.29
C LEU B 86 28.24 3.70 -19.59
N GLU B 87 29.02 4.61 -19.02
CA GLU B 87 30.46 4.61 -19.20
C GLU B 87 31.10 3.38 -18.57
N LEU B 88 30.61 2.97 -17.40
CA LEU B 88 31.12 1.78 -16.74
C LEU B 88 30.87 0.56 -17.62
N LEU B 89 29.71 0.53 -18.28
CA LEU B 89 29.37 -0.57 -19.19
C LEU B 89 30.40 -0.64 -20.31
N MET B 90 30.68 0.52 -20.89
CA MET B 90 31.64 0.58 -22.00
C MET B 90 33.01 0.08 -21.55
N ALA B 91 33.46 0.54 -20.38
CA ALA B 91 34.76 0.09 -19.83
C ALA B 91 34.78 -1.41 -19.59
N ALA B 92 33.70 -1.94 -19.00
CA ALA B 92 33.59 -3.36 -18.71
C ALA B 92 33.70 -4.20 -19.98
N ASN B 93 33.11 -3.69 -21.06
CA ASN B 93 33.12 -4.38 -22.33
C ASN B 93 34.52 -4.38 -22.95
N PHE B 94 35.21 -3.25 -22.83
CA PHE B 94 36.60 -3.14 -23.27
C PHE B 94 37.52 -4.05 -22.46
N LEU B 95 37.37 -4.01 -21.14
CA LEU B 95 38.23 -4.76 -20.22
C LEU B 95 37.82 -6.24 -20.11
N ASP B 96 36.63 -6.57 -20.62
CA ASP B 96 36.11 -7.93 -20.60
C ASP B 96 36.01 -8.45 -19.17
N CYS B 97 35.33 -7.70 -18.30
CA CYS B 97 35.20 -8.09 -16.90
C CYS B 97 33.79 -7.91 -16.35
N VAL C 11 15.18 -32.99 -21.91
CA VAL C 11 16.43 -33.32 -21.17
C VAL C 11 16.33 -32.88 -19.71
N LEU C 12 16.37 -31.58 -19.46
CA LEU C 12 16.22 -31.07 -18.10
C LEU C 12 14.74 -31.07 -17.73
N ARG C 13 14.36 -32.02 -16.89
CA ARG C 13 12.99 -32.11 -16.40
C ARG C 13 12.98 -32.80 -15.04
N SER C 14 11.94 -32.53 -14.26
CA SER C 14 11.79 -33.19 -12.99
C SER C 14 11.49 -34.68 -13.24
N VAL C 15 12.02 -35.52 -12.36
CA VAL C 15 11.63 -36.93 -12.29
C VAL C 15 10.33 -37.06 -11.49
N ASN C 16 9.36 -37.80 -12.01
CA ASN C 16 8.08 -37.97 -11.32
C ASN C 16 8.16 -39.10 -10.27
N SER C 17 8.80 -38.78 -9.15
CA SER C 17 9.12 -39.79 -8.14
C SER C 17 7.98 -40.01 -7.13
N ARG C 18 7.18 -38.96 -6.91
CA ARG C 18 6.12 -38.96 -5.90
C ARG C 18 6.62 -39.16 -4.47
N GLU C 19 7.90 -38.94 -4.20
CA GLU C 19 8.43 -39.09 -2.86
C GLU C 19 8.62 -37.71 -2.24
N PRO C 20 7.79 -37.37 -1.23
CA PRO C 20 7.84 -36.02 -0.70
C PRO C 20 9.23 -35.63 -0.21
N SER C 21 9.53 -34.34 -0.34
CA SER C 21 10.73 -33.75 0.22
C SER C 21 10.39 -32.32 0.59
N GLN C 22 10.56 -32.01 1.87
CA GLN C 22 10.25 -30.70 2.42
C GLN C 22 11.49 -29.83 2.31
N VAL C 23 11.30 -28.59 1.90
CA VAL C 23 12.40 -27.70 1.57
C VAL C 23 12.13 -26.33 2.14
N ILE C 24 13.19 -25.64 2.57
CA ILE C 24 13.12 -24.23 2.91
C ILE C 24 13.76 -23.43 1.78
N PHE C 25 12.94 -22.63 1.09
CA PHE C 25 13.47 -21.64 0.16
C PHE C 25 13.86 -20.46 1.03
N CAS C 26 15.16 -20.13 1.07
CA CAS C 26 15.66 -19.03 1.90
CB CAS C 26 16.72 -19.56 2.88
C CAS C 26 16.26 -18.01 0.98
O CAS C 26 17.30 -18.25 0.36
SG CAS C 26 17.34 -18.29 3.94
AS CAS C 26 15.57 -17.89 5.21
CE1 CAS C 26 15.24 -15.96 5.00
CE2 CAS C 26 16.09 -18.12 7.08
N ASN C 27 15.59 -16.86 0.86
CA ASN C 27 16.06 -15.82 -0.04
C ASN C 27 17.09 -14.93 0.68
N ARG C 28 18.37 -15.24 0.52
CA ARG C 28 19.43 -14.40 1.08
C ARG C 28 20.00 -13.46 0.02
N SER C 29 19.14 -12.98 -0.86
CA SER C 29 19.50 -11.99 -1.84
C SER C 29 18.70 -10.74 -1.55
N PRO C 30 19.07 -9.62 -2.18
CA PRO C 30 18.30 -8.40 -2.05
C PRO C 30 17.24 -8.29 -3.15
N ARG C 31 17.06 -9.34 -3.94
CA ARG C 31 16.08 -9.32 -5.01
C ARG C 31 14.78 -9.99 -4.57
N VAL C 32 13.70 -9.68 -5.28
CA VAL C 32 12.48 -10.46 -5.21
C VAL C 32 12.70 -11.72 -6.04
N VAL C 33 12.50 -12.87 -5.42
CA VAL C 33 12.85 -14.15 -6.04
C VAL C 33 11.64 -14.86 -6.63
N LEU C 34 11.81 -15.31 -7.88
CA LEU C 34 10.83 -16.16 -8.55
C LEU C 34 11.39 -17.56 -8.57
N PRO C 35 10.74 -18.49 -7.82
CA PRO C 35 11.15 -19.87 -7.97
C PRO C 35 10.51 -20.47 -9.21
N VAL C 36 11.26 -21.29 -9.94
CA VAL C 36 10.80 -21.93 -11.16
C VAL C 36 11.02 -23.44 -11.05
N TRP C 37 9.92 -24.19 -11.12
CA TRP C 37 9.93 -25.64 -11.14
C TRP C 37 9.92 -26.10 -12.60
N LEU C 38 10.81 -27.02 -12.94
CA LEU C 38 10.78 -27.60 -14.27
C LEU C 38 9.88 -28.81 -14.22
N ASN C 39 8.76 -28.75 -14.93
CA ASN C 39 7.76 -29.80 -14.83
C ASN C 39 8.21 -31.06 -15.58
N PHE C 40 7.36 -32.06 -15.64
CA PHE C 40 7.75 -33.37 -16.16
C PHE C 40 8.01 -33.37 -17.68
N ASP C 41 7.51 -32.35 -18.36
CA ASP C 41 7.84 -32.09 -19.76
C ASP C 41 8.96 -31.07 -19.93
N GLY C 42 9.58 -30.63 -18.84
CA GLY C 42 10.65 -29.64 -18.90
C GLY C 42 10.18 -28.21 -19.08
N GLU C 43 8.87 -27.97 -19.02
CA GLU C 43 8.34 -26.62 -19.07
C GLU C 43 8.58 -25.92 -17.73
N PRO C 44 9.09 -24.69 -17.77
CA PRO C 44 9.24 -23.93 -16.54
C PRO C 44 7.89 -23.48 -15.99
N GLN C 45 7.60 -23.86 -14.75
CA GLN C 45 6.42 -23.38 -14.05
C GLN C 45 6.83 -22.40 -12.96
N PRO C 46 6.36 -21.14 -13.06
CA PRO C 46 6.65 -20.15 -12.06
C PRO C 46 5.84 -20.40 -10.79
N TYR C 47 6.44 -20.12 -9.63
CA TYR C 47 5.80 -20.30 -8.33
C TYR C 47 5.76 -18.95 -7.62
N PRO C 48 5.00 -18.83 -6.51
CA PRO C 48 4.90 -17.52 -5.86
C PRO C 48 6.26 -16.95 -5.46
N THR C 49 6.37 -15.63 -5.43
CA THR C 49 7.65 -14.97 -5.25
C THR C 49 8.03 -14.88 -3.76
N LEU C 50 9.32 -14.68 -3.49
CA LEU C 50 9.82 -14.41 -2.13
C LEU C 50 10.43 -13.02 -2.06
N PRO C 51 9.94 -12.18 -1.13
CA PRO C 51 10.59 -10.89 -0.94
C PRO C 51 12.02 -11.06 -0.41
N PRO C 52 12.87 -10.03 -0.57
CA PRO C 52 14.25 -10.10 -0.10
C PRO C 52 14.35 -10.53 1.35
N GLY C 53 15.23 -11.48 1.64
CA GLY C 53 15.50 -11.87 3.02
C GLY C 53 14.46 -12.72 3.69
N THR C 54 13.46 -13.19 2.94
CA THR C 54 12.38 -14.00 3.49
C THR C 54 12.58 -15.47 3.16
N GLY C 55 11.80 -16.31 3.83
CA GLY C 55 11.87 -17.74 3.62
C GLY C 55 10.49 -18.38 3.58
N ARG C 56 10.40 -19.51 2.90
CA ARG C 56 9.15 -20.26 2.82
C ARG C 56 9.44 -21.74 2.98
N ARG C 57 8.66 -22.40 3.81
CA ARG C 57 8.73 -23.85 3.90
C ARG C 57 7.75 -24.42 2.88
N ILE C 58 8.26 -25.22 1.96
CA ILE C 58 7.44 -25.69 0.84
C ILE C 58 7.58 -27.18 0.68
N HIS C 59 6.56 -27.78 0.07
CA HIS C 59 6.52 -29.21 -0.17
C HIS C 59 6.89 -29.48 -1.62
N SER C 60 7.99 -30.19 -1.82
CA SER C 60 8.43 -30.57 -3.17
C SER C 60 8.63 -32.07 -3.17
N TYR C 61 9.40 -32.58 -4.12
CA TYR C 61 9.61 -34.02 -4.27
C TYR C 61 11.02 -34.35 -4.66
N ARG C 62 11.48 -35.53 -4.25
CA ARG C 62 12.81 -35.99 -4.63
C ARG C 62 12.92 -36.04 -6.15
N GLY C 63 14.06 -35.57 -6.67
CA GLY C 63 14.33 -35.59 -8.09
C GLY C 63 13.72 -34.43 -8.86
N HIS C 64 13.03 -33.52 -8.19
CA HIS C 64 12.44 -32.38 -8.87
C HIS C 64 13.50 -31.31 -9.07
N LEU C 65 13.36 -30.54 -10.14
CA LEU C 65 14.35 -29.53 -10.50
C LEU C 65 13.78 -28.14 -10.31
N TRP C 66 14.59 -27.26 -9.72
CA TRP C 66 14.24 -25.89 -9.46
C TRP C 66 15.38 -24.95 -9.87
N LEU C 67 15.03 -23.76 -10.32
CA LEU C 67 16.00 -22.69 -10.42
C LEU C 67 15.32 -21.42 -9.92
N PHE C 68 16.10 -20.37 -9.73
CA PHE C 68 15.61 -19.17 -9.09
C PHE C 68 16.09 -17.93 -9.82
N ARG C 69 15.18 -16.97 -9.98
CA ARG C 69 15.39 -15.75 -10.76
C ARG C 69 14.95 -14.53 -10.00
N ASP C 70 15.49 -13.37 -10.38
CA ASP C 70 14.91 -12.10 -10.02
C ASP C 70 13.56 -12.02 -10.73
N ALA C 71 12.51 -11.85 -9.95
CA ALA C 71 11.16 -11.91 -10.49
C ALA C 71 10.85 -10.78 -11.44
N GLY C 72 11.50 -9.64 -11.25
CA GLY C 72 11.21 -8.45 -12.06
C GLY C 72 12.00 -8.38 -13.36
N THR C 73 13.23 -8.88 -13.34
CA THR C 73 14.14 -8.79 -14.49
C THR C 73 14.56 -10.14 -15.05
N HIS C 74 14.29 -11.22 -14.32
CA HIS C 74 14.75 -12.57 -14.66
C HIS C 74 16.26 -12.77 -14.61
N ASP C 75 17.00 -11.86 -13.98
CA ASP C 75 18.42 -12.09 -13.72
C ASP C 75 18.63 -13.43 -13.02
N GLY C 76 19.73 -14.10 -13.34
CA GLY C 76 20.07 -15.39 -12.72
C GLY C 76 20.47 -15.27 -11.26
N LEU C 77 20.03 -16.24 -10.45
CA LEU C 77 20.48 -16.36 -9.07
C LEU C 77 21.00 -17.76 -8.81
N LEU C 78 21.75 -17.89 -7.72
CA LEU C 78 22.33 -19.16 -7.35
C LEU C 78 21.52 -19.74 -6.20
N VAL C 79 21.51 -21.06 -6.12
CA VAL C 79 20.90 -21.76 -5.01
C VAL C 79 21.91 -22.79 -4.54
N ASN C 80 22.22 -22.76 -3.26
CA ASN C 80 23.34 -23.49 -2.69
C ASN C 80 24.56 -23.45 -3.61
N GLN C 81 24.86 -22.24 -4.08
CA GLN C 81 26.06 -21.94 -4.88
C GLN C 81 26.04 -22.50 -6.29
N THR C 82 24.88 -22.93 -6.79
CA THR C 82 24.83 -23.46 -8.14
C THR C 82 23.52 -23.09 -8.82
N GLU C 83 23.36 -23.53 -10.07
CA GLU C 83 22.25 -23.11 -10.91
C GLU C 83 20.96 -23.81 -10.52
N LEU C 84 21.04 -25.12 -10.36
CA LEU C 84 19.88 -25.99 -10.18
C LEU C 84 19.85 -26.54 -8.78
N PHE C 85 18.65 -26.64 -8.22
CA PHE C 85 18.44 -27.25 -6.92
C PHE C 85 17.50 -28.44 -7.08
N VAL C 86 17.91 -29.59 -6.56
CA VAL C 86 17.12 -30.82 -6.62
C VAL C 86 16.88 -31.31 -5.19
N PRO C 87 15.63 -31.26 -4.71
CA PRO C 87 15.39 -31.78 -3.36
C PRO C 87 15.81 -33.23 -3.22
N SER C 88 16.48 -33.53 -2.11
CA SER C 88 16.93 -34.88 -1.78
C SER C 88 16.13 -35.50 -0.62
N LEU C 89 16.54 -36.69 -0.20
CA LEU C 89 15.92 -37.36 0.94
C LEU C 89 16.10 -36.53 2.20
N ASN C 90 15.01 -36.28 2.92
CA ASN C 90 15.08 -35.63 4.23
C ASN C 90 15.65 -36.58 5.30
N VAL C 91 16.68 -36.12 6.01
CA VAL C 91 17.32 -36.92 7.06
C VAL C 91 16.79 -36.49 8.43
N ASP C 92 16.34 -37.46 9.22
CA ASP C 92 15.80 -37.22 10.57
C ASP C 92 14.59 -36.26 10.56
N GLY C 93 13.79 -36.32 9.49
CA GLY C 93 12.66 -35.40 9.32
C GLY C 93 13.02 -33.95 9.08
N GLN C 94 14.30 -33.66 8.85
CA GLN C 94 14.77 -32.27 8.68
C GLN C 94 14.58 -31.82 7.22
N PRO C 95 14.13 -30.56 7.03
CA PRO C 95 13.99 -30.06 5.66
C PRO C 95 15.33 -29.77 4.99
N ILE C 96 15.33 -29.74 3.66
CA ILE C 96 16.53 -29.40 2.92
C ILE C 96 16.57 -27.89 2.78
N PHE C 97 17.73 -27.29 3.03
CA PHE C 97 17.85 -25.84 2.89
C PHE C 97 18.28 -25.47 1.47
N ALA C 98 17.49 -24.63 0.81
CA ALA C 98 17.86 -24.02 -0.46
C ALA C 98 18.19 -22.54 -0.26
N ASN C 99 19.47 -22.27 -0.04
CA ASN C 99 19.96 -20.91 0.13
C ASN C 99 20.14 -20.17 -1.17
N ILE C 100 19.27 -19.19 -1.41
CA ILE C 100 19.24 -18.46 -2.67
C ILE C 100 20.02 -17.16 -2.50
N THR C 101 21.05 -16.95 -3.34
CA THR C 101 21.93 -15.78 -3.23
C THR C 101 22.23 -15.11 -4.57
N LEU C 102 22.69 -13.87 -4.53
CA LEU C 102 23.26 -13.24 -5.71
C LEU C 102 24.50 -13.98 -6.13
N PRO C 103 24.68 -14.20 -7.44
CA PRO C 103 26.03 -14.53 -7.89
C PRO C 103 26.94 -13.30 -7.83
N VAL C 104 28.23 -13.53 -8.00
CA VAL C 104 29.14 -12.46 -8.36
C VAL C 104 28.98 -12.26 -9.87
N TYR C 105 28.15 -11.29 -10.25
CA TYR C 105 28.00 -10.97 -11.66
C TYR C 105 29.30 -10.39 -12.18
N THR C 106 29.55 -10.58 -13.47
CA THR C 106 30.63 -9.86 -14.13
C THR C 106 30.25 -8.38 -14.07
N LEU C 107 31.24 -7.49 -14.10
CA LEU C 107 30.96 -6.06 -14.12
C LEU C 107 30.10 -5.70 -15.34
N LYS C 108 30.35 -6.35 -16.48
CA LYS C 108 29.53 -6.10 -17.67
C LYS C 108 28.07 -6.47 -17.43
N GLU C 109 27.81 -7.65 -16.91
CA GLU C 109 26.42 -8.04 -16.70
C GLU C 109 25.74 -7.12 -15.70
N ARG C 110 26.44 -6.75 -14.63
CA ARG C 110 25.88 -5.83 -13.65
C ARG C 110 25.56 -4.45 -14.25
N CYS C 111 26.44 -3.94 -15.09
CA CYS C 111 26.15 -2.70 -15.81
C CYS C 111 24.95 -2.84 -16.75
N LEU C 112 24.85 -3.95 -17.46
CA LEU C 112 23.68 -4.21 -18.29
C LEU C 112 22.41 -4.18 -17.45
N GLN C 113 22.46 -4.78 -16.25
CA GLN C 113 21.28 -4.78 -15.35
C GLN C 113 20.87 -3.37 -15.00
N VAL C 114 21.82 -2.56 -14.54
CA VAL C 114 21.50 -1.19 -14.14
C VAL C 114 21.02 -0.38 -15.34
N VAL C 115 21.66 -0.54 -16.49
CA VAL C 115 21.26 0.22 -17.67
C VAL C 115 19.84 -0.24 -18.08
N ARG C 116 19.59 -1.54 -18.10
CA ARG C 116 18.23 -2.04 -18.39
C ARG C 116 17.19 -1.46 -17.44
N SER C 117 17.55 -1.30 -16.16
CA SER C 117 16.60 -0.77 -15.16
C SER C 117 16.25 0.70 -15.35
N LEU C 118 17.05 1.43 -16.12
CA LEU C 118 16.86 2.86 -16.33
C LEU C 118 16.37 3.26 -17.71
N VAL C 119 16.48 2.36 -18.69
CA VAL C 119 16.14 2.69 -20.07
C VAL C 119 15.08 1.73 -20.57
N LYS C 120 14.01 2.29 -21.13
CA LYS C 120 12.94 1.47 -21.67
C LYS C 120 13.47 0.75 -22.91
N PRO C 121 13.01 -0.48 -23.16
CA PRO C 121 13.63 -1.24 -24.24
C PRO C 121 13.58 -0.57 -25.62
N GLU C 122 12.55 0.23 -25.87
CA GLU C 122 12.43 0.97 -27.14
C GLU C 122 13.60 1.91 -27.36
N ASN C 123 14.19 2.36 -26.26
CA ASN C 123 15.26 3.36 -26.31
C ASN C 123 16.68 2.84 -26.22
N TYR C 124 16.87 1.52 -26.07
CA TYR C 124 18.21 0.94 -26.07
C TYR C 124 19.01 1.37 -27.30
N ARG C 125 18.33 1.43 -28.44
CA ARG C 125 18.95 1.83 -29.70
C ARG C 125 19.35 3.31 -29.72
N ARG C 126 18.73 4.13 -28.87
CA ARG C 126 19.09 5.55 -28.78
C ARG C 126 20.38 5.77 -27.99
N LEU C 127 20.84 4.76 -27.24
CA LEU C 127 22.05 4.89 -26.46
C LEU C 127 23.26 4.99 -27.37
N ASP C 128 24.23 5.80 -26.98
CA ASP C 128 25.41 6.01 -27.79
C ASP C 128 26.48 4.98 -27.43
N ILE C 129 26.28 3.76 -27.92
CA ILE C 129 27.15 2.62 -27.64
C ILE C 129 27.21 1.76 -28.89
N VAL C 130 28.24 0.93 -29.00
CA VAL C 130 28.38 0.04 -30.16
C VAL C 130 27.23 -0.96 -30.27
N ARG C 131 26.89 -1.30 -31.51
CA ARG C 131 25.77 -2.19 -31.80
C ARG C 131 25.76 -3.42 -30.91
N SER C 132 26.92 -4.03 -30.67
CA SER C 132 26.98 -5.26 -29.88
C SER C 132 26.44 -5.06 -28.45
N LEU C 133 26.64 -3.87 -27.89
CA LEU C 133 26.12 -3.55 -26.56
C LEU C 133 24.62 -3.31 -26.57
N TYR C 134 24.11 -2.68 -27.64
CA TYR C 134 22.66 -2.56 -27.84
C TYR C 134 22.04 -3.95 -27.89
N GLU C 135 22.68 -4.86 -28.61
CA GLU C 135 22.21 -6.24 -28.67
C GLU C 135 22.33 -6.94 -27.32
N ASP C 136 23.42 -6.69 -26.59
CA ASP C 136 23.57 -7.25 -25.24
C ASP C 136 22.43 -6.81 -24.32
N LEU C 137 22.05 -5.53 -24.39
CA LEU C 137 20.94 -5.01 -23.60
C LEU C 137 19.60 -5.64 -23.98
N GLU C 138 19.36 -5.75 -25.29
CA GLU C 138 18.13 -6.35 -25.82
C GLU C 138 18.04 -7.83 -25.47
N ASP C 139 19.18 -8.52 -25.44
CA ASP C 139 19.20 -9.95 -25.14
C ASP C 139 19.16 -10.19 -23.63
N HIS C 140 18.05 -9.81 -23.01
CA HIS C 140 17.97 -9.83 -21.55
C HIS C 140 17.79 -11.24 -21.00
N PRO C 141 18.08 -11.43 -19.70
CA PRO C 141 17.95 -12.75 -19.13
C PRO C 141 16.57 -13.36 -19.34
N ASN C 142 16.56 -14.66 -19.58
CA ASN C 142 15.32 -15.39 -19.88
C ASN C 142 15.57 -16.86 -19.54
N VAL C 143 14.59 -17.50 -18.91
CA VAL C 143 14.74 -18.87 -18.46
C VAL C 143 14.90 -19.84 -19.65
N GLN C 144 14.12 -19.68 -20.71
CA GLN C 144 14.22 -20.57 -21.87
C GLN C 144 15.64 -20.58 -22.47
N LYS C 145 16.21 -19.40 -22.64
CA LYS C 145 17.58 -19.27 -23.11
C LYS C 145 18.55 -20.07 -22.25
N ASP C 146 18.38 -20.00 -20.92
CA ASP C 146 19.25 -20.72 -20.01
C ASP C 146 19.06 -22.23 -20.05
N LEU C 147 17.83 -22.68 -20.29
CA LEU C 147 17.56 -24.11 -20.39
C LEU C 147 18.25 -24.68 -21.61
N GLU C 148 18.19 -23.98 -22.73
CA GLU C 148 18.91 -24.39 -23.93
C GLU C 148 20.41 -24.42 -23.66
N ARG C 149 20.92 -23.37 -23.01
CA ARG C 149 22.32 -23.32 -22.58
C ARG C 149 22.65 -24.54 -21.71
N LEU C 150 21.89 -24.73 -20.63
CA LEU C 150 22.12 -25.84 -19.68
C LEU C 150 21.92 -27.23 -20.30
N THR C 151 21.37 -27.28 -21.52
CA THR C 151 21.27 -28.51 -22.29
C THR C 151 22.37 -28.58 -23.35
N MET D 1 6.07 20.93 -5.27
CA MET D 1 5.17 21.51 -6.32
C MET D 1 5.97 22.40 -7.25
N ASP D 2 5.71 22.26 -8.55
CA ASP D 2 6.42 23.05 -9.55
C ASP D 2 5.71 24.37 -9.83
N VAL D 3 6.50 25.43 -10.04
CA VAL D 3 5.95 26.67 -10.53
C VAL D 3 6.57 26.93 -11.89
N PHE D 4 5.80 27.54 -12.78
CA PHE D 4 6.24 27.78 -14.13
C PHE D 4 6.39 29.28 -14.35
N LEU D 5 7.58 29.67 -14.81
CA LEU D 5 8.03 31.06 -14.75
C LEU D 5 8.48 31.60 -16.09
N MET D 6 8.31 32.92 -16.24
CA MET D 6 9.01 33.73 -17.21
C MET D 6 9.91 34.69 -16.43
N ILE D 7 11.22 34.56 -16.58
CA ILE D 7 12.17 35.50 -15.99
C ILE D 7 12.49 36.53 -17.07
N ARG D 8 12.11 37.78 -16.85
CA ARG D 8 12.12 38.78 -17.91
C ARG D 8 12.99 40.00 -17.60
N ARG D 9 13.73 40.44 -18.61
CA ARG D 9 14.56 41.64 -18.56
C ARG D 9 14.68 42.23 -19.96
N HIS D 10 14.35 43.51 -20.10
CA HIS D 10 14.43 44.20 -21.38
C HIS D 10 13.68 43.36 -22.43
N LYS D 11 14.37 42.81 -23.43
CA LYS D 11 13.73 41.98 -24.46
C LYS D 11 14.10 40.49 -24.35
N THR D 12 14.58 40.09 -23.18
CA THR D 12 14.86 38.69 -22.86
C THR D 12 13.73 38.13 -22.00
N THR D 13 13.30 36.92 -22.34
CA THR D 13 12.32 36.17 -21.57
C THR D 13 12.74 34.71 -21.51
N ILE D 14 13.09 34.24 -20.32
CA ILE D 14 13.44 32.84 -20.09
C ILE D 14 12.24 32.07 -19.57
N PHE D 15 11.89 30.99 -20.26
CA PHE D 15 10.87 30.07 -19.78
C PHE D 15 11.56 28.95 -19.01
N THR D 16 11.16 28.76 -17.76
CA THR D 16 11.66 27.66 -16.95
C THR D 16 10.71 27.37 -15.81
N ASP D 17 10.99 26.30 -15.07
CA ASP D 17 10.24 25.94 -13.88
C ASP D 17 11.18 25.74 -12.72
N ALA D 18 10.61 25.72 -11.51
CA ALA D 18 11.34 25.49 -10.26
C ALA D 18 10.35 25.02 -9.21
N LYS D 19 10.86 24.62 -8.05
CA LYS D 19 10.01 24.14 -6.97
C LYS D 19 9.50 25.34 -6.16
N GLU D 20 8.29 25.19 -5.64
CA GLU D 20 7.75 26.16 -4.71
C GLU D 20 8.72 26.34 -3.54
N SER D 21 9.36 25.25 -3.14
CA SER D 21 10.29 25.26 -2.01
C SER D 21 11.70 25.75 -2.36
N SER D 22 12.00 25.99 -3.65
CA SER D 22 13.34 26.47 -4.02
C SER D 22 13.50 27.95 -3.69
N THR D 23 14.74 28.39 -3.49
CA THR D 23 15.01 29.75 -3.04
C THR D 23 15.25 30.72 -4.19
N VAL D 24 15.14 31.99 -3.87
CA VAL D 24 15.44 33.06 -4.82
C VAL D 24 16.88 32.93 -5.32
N PHE D 25 17.78 32.60 -4.39
CA PHE D 25 19.18 32.44 -4.72
C PHE D 25 19.37 31.31 -5.72
N GLU D 26 18.73 30.18 -5.44
CA GLU D 26 18.80 29.02 -6.35
C GLU D 26 18.26 29.36 -7.74
N LEU D 27 17.28 30.25 -7.81
CA LEU D 27 16.78 30.75 -9.11
C LEU D 27 17.81 31.63 -9.82
N LYS D 28 18.55 32.45 -9.08
CA LYS D 28 19.66 33.23 -9.66
C LYS D 28 20.74 32.33 -10.26
N ARG D 29 20.99 31.18 -9.63
CA ARG D 29 21.92 30.20 -10.18
C ARG D 29 21.44 29.65 -11.53
N ILE D 30 20.13 29.39 -11.65
CA ILE D 30 19.58 28.99 -12.94
C ILE D 30 19.82 30.06 -13.99
N VAL D 31 19.44 31.30 -13.68
CA VAL D 31 19.67 32.43 -14.59
C VAL D 31 21.16 32.54 -14.97
N GLU D 32 22.04 32.31 -14.00
CA GLU D 32 23.48 32.34 -14.25
C GLU D 32 23.90 31.31 -15.30
N GLY D 33 23.36 30.09 -15.18
CA GLY D 33 23.63 29.03 -16.15
C GLY D 33 23.25 29.42 -17.57
N ILE D 34 22.16 30.15 -17.71
CA ILE D 34 21.65 30.56 -19.03
C ILE D 34 22.33 31.83 -19.54
N LEU D 35 22.32 32.90 -18.75
CA LEU D 35 22.77 34.21 -19.24
C LEU D 35 24.19 34.61 -18.81
N LYS D 36 24.90 33.70 -18.13
CA LYS D 36 26.31 33.88 -17.79
C LYS D 36 26.53 35.14 -16.97
N ARG D 37 25.74 35.34 -15.93
CA ARG D 37 25.93 36.43 -14.98
C ARG D 37 25.78 35.88 -13.57
N PRO D 38 26.71 36.23 -12.65
CA PRO D 38 26.66 35.66 -11.31
C PRO D 38 25.49 36.19 -10.48
N PRO D 39 25.05 35.41 -9.46
CA PRO D 39 23.97 35.84 -8.58
C PRO D 39 24.11 37.28 -8.09
N ASP D 40 25.32 37.66 -7.70
CA ASP D 40 25.55 38.99 -7.13
C ASP D 40 25.51 40.14 -8.15
N GLU D 41 25.30 39.82 -9.43
CA GLU D 41 25.01 40.83 -10.45
C GLU D 41 23.56 40.76 -10.93
N GLN D 42 22.72 40.01 -10.21
CA GLN D 42 21.30 39.91 -10.51
C GLN D 42 20.46 40.45 -9.37
N ARG D 43 19.38 41.15 -9.70
CA ARG D 43 18.27 41.36 -8.77
C ARG D 43 17.03 40.72 -9.37
N LEU D 44 16.31 39.93 -8.58
CA LEU D 44 15.05 39.35 -9.01
C LEU D 44 13.88 40.03 -8.33
N TYR D 45 12.80 40.20 -9.07
CA TYR D 45 11.65 40.95 -8.59
C TYR D 45 10.35 40.19 -8.75
N LYS D 46 9.40 40.52 -7.90
CA LYS D 46 8.01 40.18 -8.15
C LYS D 46 7.28 41.51 -8.23
N ASP D 47 6.77 41.82 -9.42
CA ASP D 47 6.30 43.16 -9.74
C ASP D 47 7.42 44.16 -9.36
N ASP D 48 7.15 45.13 -8.50
CA ASP D 48 8.17 46.09 -8.07
C ASP D 48 8.97 45.65 -6.84
N GLN D 49 8.62 44.52 -6.24
CA GLN D 49 9.24 44.11 -4.97
C GLN D 49 10.54 43.35 -5.21
N LEU D 50 11.59 43.72 -4.47
CA LEU D 50 12.89 43.03 -4.59
C LEU D 50 12.83 41.74 -3.79
N LEU D 51 13.32 40.65 -4.37
CA LEU D 51 13.25 39.34 -3.75
C LEU D 51 14.55 39.01 -3.02
N ASP D 52 14.45 38.71 -1.72
CA ASP D 52 15.63 38.33 -0.93
C ASP D 52 16.11 36.93 -1.29
N ASP D 53 17.42 36.77 -1.41
CA ASP D 53 18.06 35.52 -1.83
C ASP D 53 17.61 34.30 -1.03
N GLY D 54 17.42 34.49 0.28
CA GLY D 54 17.11 33.38 1.17
C GLY D 54 15.66 32.90 1.16
N LYS D 55 14.77 33.65 0.54
CA LYS D 55 13.35 33.32 0.59
C LYS D 55 12.99 32.29 -0.45
N THR D 56 11.96 31.49 -0.17
CA THR D 56 11.48 30.52 -1.13
C THR D 56 10.59 31.22 -2.12
N LEU D 57 10.43 30.59 -3.28
CA LEU D 57 9.52 31.10 -4.29
C LEU D 57 8.09 31.10 -3.76
N GLY D 58 7.73 30.07 -2.98
CA GLY D 58 6.39 29.97 -2.39
C GLY D 58 6.07 31.08 -1.42
N GLU D 59 7.05 31.42 -0.57
CA GLU D 59 7.00 32.56 0.34
C GLU D 59 6.72 33.86 -0.35
N CAS D 60 7.34 34.06 -1.52
CA CAS D 60 7.18 35.27 -2.31
CB CAS D 60 8.45 35.50 -3.12
C CAS D 60 5.99 35.23 -3.23
O CAS D 60 5.84 36.08 -4.09
SG CAS D 60 9.83 35.76 -2.07
AS CAS D 60 9.14 37.50 -0.86
CE1 CAS D 60 9.23 36.89 1.03
CE2 CAS D 60 10.41 39.01 -1.10
N GLY D 61 5.14 34.22 -3.07
CA GLY D 61 3.84 34.19 -3.75
C GLY D 61 3.81 33.51 -5.10
N PHE D 62 4.89 32.82 -5.45
CA PHE D 62 4.89 32.00 -6.66
C PHE D 62 4.39 30.62 -6.27
N THR D 63 3.13 30.35 -6.59
CA THR D 63 2.50 29.08 -6.21
C THR D 63 2.12 28.31 -7.45
N SER D 64 2.04 26.99 -7.32
CA SER D 64 1.79 26.10 -8.44
C SER D 64 0.50 26.44 -9.14
N GLN D 65 -0.49 26.87 -8.38
CA GLN D 65 -1.80 27.18 -8.96
C GLN D 65 -1.90 28.57 -9.61
N THR D 66 -0.87 29.40 -9.47
CA THR D 66 -0.82 30.69 -10.16
C THR D 66 0.29 30.75 -11.21
N ALA D 67 1.40 30.06 -10.97
CA ALA D 67 2.49 30.03 -11.93
C ALA D 67 2.31 28.73 -12.74
N ARG D 68 1.40 28.77 -13.70
CA ARG D 68 0.93 27.59 -14.42
C ARG D 68 1.71 27.37 -15.74
N PRO D 69 1.80 26.11 -16.21
CA PRO D 69 2.54 25.85 -17.45
C PRO D 69 2.08 26.74 -18.60
N GLN D 70 0.77 26.85 -18.75
CA GLN D 70 0.14 27.58 -19.85
C GLN D 70 -0.08 29.05 -19.54
N ALA D 71 0.34 29.50 -18.37
CA ALA D 71 0.17 30.90 -17.97
C ALA D 71 1.18 31.16 -16.87
N PRO D 72 2.47 31.19 -17.25
CA PRO D 72 3.52 31.27 -16.27
C PRO D 72 3.55 32.62 -15.58
N ALA D 73 4.10 32.65 -14.37
CA ALA D 73 4.20 33.87 -13.57
C ALA D 73 5.50 34.57 -13.94
N THR D 74 5.52 35.89 -13.85
CA THR D 74 6.69 36.67 -14.24
C THR D 74 7.62 37.04 -13.08
N VAL D 75 8.90 36.77 -13.28
CA VAL D 75 9.95 37.22 -12.36
C VAL D 75 10.75 38.27 -13.10
N GLY D 76 10.89 39.45 -12.51
CA GLY D 76 11.67 40.52 -13.10
C GLY D 76 13.15 40.34 -12.80
N LEU D 77 14.00 40.73 -13.74
CA LEU D 77 15.44 40.63 -13.59
C LEU D 77 16.09 41.95 -13.97
N ALA D 78 16.98 42.45 -13.11
CA ALA D 78 17.85 43.59 -13.43
C ALA D 78 19.31 43.19 -13.18
N PHE D 79 20.20 43.59 -14.09
CA PHE D 79 21.62 43.30 -13.98
C PHE D 79 22.41 44.48 -13.40
N ARG D 80 23.56 44.16 -12.80
CA ARG D 80 24.51 45.19 -12.37
C ARG D 80 25.66 45.31 -13.37
N ALA D 81 25.68 46.42 -14.11
CA ALA D 81 26.81 46.77 -14.96
C ALA D 81 27.72 47.70 -14.18
N ASP D 82 28.97 47.29 -13.97
CA ASP D 82 29.95 48.07 -13.20
C ASP D 82 29.53 48.24 -11.74
N ASP D 83 29.53 49.48 -11.23
CA ASP D 83 29.27 49.75 -9.82
C ASP D 83 27.83 49.49 -9.37
N THR D 84 26.85 49.86 -10.21
CA THR D 84 25.45 49.94 -9.79
C THR D 84 24.50 49.09 -10.65
N PHE D 85 23.33 48.78 -10.09
CA PHE D 85 22.27 48.06 -10.83
C PHE D 85 21.47 48.99 -11.72
N GLU D 86 21.05 48.47 -12.87
CA GLU D 86 20.11 49.19 -13.72
C GLU D 86 18.73 49.14 -13.06
N ALA D 87 17.83 50.01 -13.52
CA ALA D 87 16.44 49.96 -13.09
C ALA D 87 15.75 48.78 -13.76
N LEU D 88 14.76 48.21 -13.08
CA LEU D 88 13.97 47.11 -13.66
C LEU D 88 13.25 47.60 -14.91
N CAS D 89 13.56 47.00 -16.06
CA CAS D 89 12.95 47.36 -17.34
CB CAS D 89 13.98 48.10 -18.23
C CAS D 89 12.50 46.09 -18.01
O CAS D 89 13.32 45.21 -18.29
SG CAS D 89 13.45 48.20 -19.93
AS CAS D 89 11.91 49.75 -19.47
CE1 CAS D 89 12.55 51.53 -20.11
CE2 CAS D 89 10.22 49.25 -20.42
N ILE D 90 11.19 45.97 -18.27
CA ILE D 90 10.64 44.84 -19.01
C ILE D 90 9.86 45.37 -20.20
N GLU D 91 10.39 45.15 -21.40
CA GLU D 91 9.72 45.56 -22.63
C GLU D 91 8.44 44.77 -22.82
N PRO D 92 7.33 45.46 -23.13
CA PRO D 92 6.09 44.75 -23.34
C PRO D 92 6.13 44.00 -24.66
N PHE D 93 5.42 42.89 -24.73
CA PHE D 93 5.26 42.17 -25.99
C PHE D 93 4.44 43.05 -26.92
N SER D 94 4.46 42.73 -28.21
CA SER D 94 3.70 43.48 -29.21
C SER D 94 2.21 43.39 -28.93
N SER D 95 1.46 44.28 -29.58
CA SER D 95 0.02 44.36 -29.39
C SER D 95 -0.70 43.62 -30.50
N PRO D 96 -1.73 42.82 -30.16
CA PRO D 96 -2.52 42.18 -31.20
C PRO D 96 -3.23 43.21 -32.08
N PRO D 97 -3.56 42.82 -33.31
CA PRO D 97 -4.32 43.70 -34.20
C PRO D 97 -5.80 43.70 -33.86
N GLU D 98 -6.57 44.59 -34.51
CA GLU D 98 -8.01 44.62 -34.35
C GLU D 98 -8.60 43.33 -34.90
N LEU D 99 -9.69 42.87 -34.30
CA LEU D 99 -10.36 41.65 -34.76
C LEU D 99 -11.00 41.88 -36.11
N PRO D 100 -10.80 40.94 -37.05
CA PRO D 100 -11.52 41.04 -38.32
C PRO D 100 -13.03 41.05 -38.11
N ASP D 101 -13.78 41.61 -39.05
CA ASP D 101 -15.24 41.65 -38.98
C ASP D 101 -15.84 40.27 -38.74
N VAL D 102 -15.31 39.27 -39.44
CA VAL D 102 -15.84 37.91 -39.36
C VAL D 102 -15.65 37.20 -38.01
N MET D 103 -14.91 37.84 -37.09
CA MET D 103 -14.71 37.34 -35.72
C MET D 103 -15.37 38.24 -34.68
N MET E 1 21.43 21.81 -18.62
CA MET E 1 20.27 21.70 -19.54
C MET E 1 20.52 22.52 -20.80
N MET E 2 20.16 21.96 -21.95
CA MET E 2 20.33 22.66 -23.21
C MET E 2 19.16 23.63 -23.42
N TYR E 3 19.50 24.87 -23.74
CA TYR E 3 18.50 25.88 -24.05
C TYR E 3 18.70 26.38 -25.48
N VAL E 4 17.64 26.93 -26.06
CA VAL E 4 17.72 27.61 -27.36
C VAL E 4 16.99 28.94 -27.30
N LYS E 5 17.35 29.83 -28.21
CA LYS E 5 16.75 31.15 -28.27
C LYS E 5 15.88 31.26 -29.50
N LEU E 6 14.62 31.63 -29.27
CA LEU E 6 13.65 31.90 -30.32
C LEU E 6 13.35 33.39 -30.32
N ILE E 7 13.69 34.06 -31.42
CA ILE E 7 13.57 35.51 -31.53
C ILE E 7 12.38 35.91 -32.39
N SER E 8 11.47 36.69 -31.82
CA SER E 8 10.27 37.15 -32.55
C SER E 8 10.63 38.22 -33.58
N SER E 9 9.67 38.58 -34.43
CA SER E 9 9.89 39.58 -35.47
C SER E 9 10.23 40.97 -34.90
N ASP E 10 9.69 41.28 -33.73
CA ASP E 10 9.95 42.55 -33.04
C ASP E 10 11.15 42.53 -32.08
N GLY E 11 12.00 41.51 -32.16
CA GLY E 11 13.25 41.49 -31.38
C GLY E 11 13.23 40.77 -30.03
N HIS E 12 12.06 40.31 -29.58
CA HIS E 12 11.99 39.59 -28.31
C HIS E 12 12.68 38.23 -28.38
N GLU E 13 13.57 38.01 -27.43
CA GLU E 13 14.35 36.79 -27.37
C GLU E 13 13.76 35.88 -26.29
N PHE E 14 13.24 34.74 -26.72
CA PHE E 14 12.65 33.77 -25.82
C PHE E 14 13.60 32.60 -25.68
N ILE E 15 13.96 32.28 -24.44
CA ILE E 15 14.91 31.22 -24.17
C ILE E 15 14.12 30.09 -23.53
N VAL E 16 14.09 28.96 -24.24
CA VAL E 16 13.35 27.79 -23.81
C VAL E 16 14.24 26.57 -23.88
N LYS E 17 13.88 25.53 -23.14
CA LYS E 17 14.60 24.27 -23.20
C LYS E 17 14.60 23.75 -24.64
N ARG E 18 15.77 23.32 -25.10
CA ARG E 18 15.91 22.71 -26.42
C ARG E 18 14.83 21.66 -26.65
N GLU E 19 14.72 20.73 -25.70
CA GLU E 19 13.71 19.68 -25.72
C GLU E 19 12.30 20.22 -26.02
N HIS E 20 11.94 21.34 -25.41
CA HIS E 20 10.63 21.97 -25.62
C HIS E 20 10.51 22.54 -27.02
N ALA E 21 11.56 23.18 -27.50
CA ALA E 21 11.55 23.78 -28.83
C ALA E 21 11.44 22.73 -29.92
N LEU E 22 12.06 21.57 -29.71
CA LEU E 22 12.00 20.47 -30.67
C LEU E 22 10.62 19.80 -30.78
N THR E 23 9.64 20.22 -29.99
CA THR E 23 8.23 19.93 -30.29
C THR E 23 7.97 20.21 -31.78
N SER E 24 8.51 21.32 -32.29
CA SER E 24 8.34 21.72 -33.68
C SER E 24 9.43 21.14 -34.57
N GLY E 25 9.05 20.25 -35.48
CA GLY E 25 9.96 19.79 -36.54
C GLY E 25 10.53 20.91 -37.41
N THR E 26 9.76 21.98 -37.62
CA THR E 26 10.24 23.14 -38.36
C THR E 26 11.42 23.80 -37.64
N ILE E 27 11.26 24.04 -36.34
CA ILE E 27 12.33 24.62 -35.53
C ILE E 27 13.56 23.71 -35.52
N LYS E 28 13.35 22.41 -35.39
CA LYS E 28 14.42 21.41 -35.44
C LYS E 28 15.22 21.50 -36.74
N ALA E 29 14.54 21.71 -37.86
CA ALA E 29 15.22 21.85 -39.15
C ALA E 29 15.93 23.20 -39.23
N MET E 30 15.37 24.21 -38.57
CA MET E 30 16.01 25.53 -38.52
C MET E 30 17.24 25.57 -37.62
N LEU E 31 17.35 24.63 -36.68
CA LEU E 31 18.51 24.56 -35.77
C LEU E 31 19.76 23.97 -36.40
N SER E 32 19.59 23.13 -37.42
CA SER E 32 20.72 22.60 -38.19
C SER E 32 20.24 22.21 -39.58
N GLY E 33 21.03 22.55 -40.60
CA GLY E 33 20.73 22.17 -41.98
C GLY E 33 20.67 23.35 -42.93
N ASN E 40 20.86 33.73 -38.12
CA ASN E 40 20.71 32.95 -36.91
C ASN E 40 22.06 32.38 -36.44
N GLU E 41 22.52 32.83 -35.27
CA GLU E 41 23.69 32.24 -34.58
C GLU E 41 23.35 30.84 -34.05
N THR E 42 24.35 30.13 -33.52
CA THR E 42 24.14 28.75 -33.06
C THR E 42 23.12 28.71 -31.91
N ASN E 43 22.18 27.76 -31.99
CA ASN E 43 21.09 27.64 -31.02
C ASN E 43 20.11 28.81 -31.02
N GLU E 44 20.09 29.61 -32.08
CA GLU E 44 19.17 30.72 -32.19
C GLU E 44 18.36 30.61 -33.46
N VAL E 45 17.08 30.97 -33.39
CA VAL E 45 16.23 30.98 -34.56
C VAL E 45 15.47 32.30 -34.58
N ASN E 46 15.53 32.98 -35.71
CA ASN E 46 14.77 34.20 -35.91
C ASN E 46 13.49 33.91 -36.67
N PHE E 47 12.39 34.52 -36.24
CA PHE E 47 11.09 34.35 -36.86
C PHE E 47 10.61 35.70 -37.38
N ARG E 48 10.79 35.92 -38.68
CA ARG E 48 10.47 37.20 -39.31
C ARG E 48 8.98 37.52 -39.35
N GLU E 49 8.14 36.50 -39.24
CA GLU E 49 6.70 36.68 -39.35
C GLU E 49 5.94 36.47 -38.07
N ILE E 50 6.63 36.08 -37.00
CA ILE E 50 5.94 35.78 -35.74
C ILE E 50 6.30 36.85 -34.70
N PRO E 51 5.33 37.72 -34.36
CA PRO E 51 5.61 38.74 -33.36
C PRO E 51 5.54 38.18 -31.93
N SER E 52 6.00 38.98 -30.96
CA SER E 52 6.17 38.50 -29.59
C SER E 52 4.87 38.09 -28.92
N HIS E 53 3.75 38.73 -29.27
CA HIS E 53 2.47 38.34 -28.67
C HIS E 53 1.98 36.96 -29.15
N VAL E 54 2.57 36.46 -30.23
CA VAL E 54 2.29 35.14 -30.73
C VAL E 54 3.33 34.13 -30.25
N LEU E 55 4.62 34.49 -30.39
CA LEU E 55 5.71 33.56 -30.07
C LEU E 55 5.81 33.23 -28.58
N SER E 56 5.48 34.20 -27.72
CA SER E 56 5.42 33.92 -26.28
C SER E 56 4.36 32.84 -25.98
N LYS E 57 3.22 32.93 -26.66
CA LYS E 57 2.17 31.93 -26.53
C LYS E 57 2.63 30.58 -27.03
N VAL E 58 3.42 30.58 -28.11
CA VAL E 58 3.96 29.34 -28.63
C VAL E 58 4.82 28.67 -27.57
N CYS E 59 5.68 29.46 -26.91
CA CYS E 59 6.53 28.93 -25.86
C CYS E 59 5.75 28.38 -24.68
N MET E 60 4.68 29.07 -24.29
CA MET E 60 3.81 28.57 -23.23
C MET E 60 3.17 27.23 -23.63
N TYR E 61 2.72 27.11 -24.89
CA TYR E 61 2.24 25.82 -25.38
C TYR E 61 3.27 24.71 -25.19
N PHE E 62 4.54 24.97 -25.49
CA PHE E 62 5.56 23.94 -25.31
C PHE E 62 5.57 23.47 -23.86
N THR E 63 5.61 24.42 -22.93
CA THR E 63 5.59 24.06 -21.51
C THR E 63 4.36 23.24 -21.16
N TYR E 64 3.18 23.69 -21.60
CA TYR E 64 1.90 23.00 -21.37
C TYR E 64 1.92 21.56 -21.88
N LYS E 65 2.31 21.40 -23.14
CA LYS E 65 2.35 20.09 -23.77
C LYS E 65 3.27 19.13 -23.02
N VAL E 66 4.48 19.60 -22.75
CA VAL E 66 5.47 18.78 -22.08
C VAL E 66 4.97 18.38 -20.69
N ARG E 67 4.31 19.32 -20.01
CA ARG E 67 3.77 19.06 -18.69
C ARG E 67 2.60 18.10 -18.69
N TYR E 68 1.70 18.21 -19.67
CA TYR E 68 0.45 17.51 -19.56
C TYR E 68 0.31 16.28 -20.44
N THR E 69 1.27 16.03 -21.34
CA THR E 69 1.17 14.86 -22.23
C THR E 69 1.43 13.59 -21.43
N ASN E 70 0.59 12.59 -21.64
CA ASN E 70 0.65 11.32 -20.90
C ASN E 70 0.63 11.58 -19.39
N SER E 71 -0.43 12.23 -18.95
CA SER E 71 -0.55 12.69 -17.58
C SER E 71 -1.81 12.13 -16.96
N SER E 72 -1.73 11.79 -15.68
CA SER E 72 -2.88 11.29 -14.92
C SER E 72 -3.76 12.47 -14.50
N THR E 73 -3.12 13.54 -13.99
CA THR E 73 -3.83 14.74 -13.54
C THR E 73 -4.79 15.28 -14.59
N GLU E 74 -5.84 15.95 -14.13
CA GLU E 74 -6.79 16.61 -15.02
C GLU E 74 -6.06 17.70 -15.80
N ILE E 75 -6.42 17.83 -17.06
CA ILE E 75 -5.75 18.73 -17.99
C ILE E 75 -6.60 19.99 -18.11
N PRO E 76 -6.01 21.18 -17.95
CA PRO E 76 -6.77 22.41 -18.18
C PRO E 76 -6.75 22.78 -19.66
N GLU E 77 -7.71 23.61 -20.04
CA GLU E 77 -7.81 24.09 -21.39
C GLU E 77 -6.60 24.97 -21.67
N PHE E 78 -6.04 24.87 -22.87
CA PHE E 78 -5.03 25.83 -23.27
C PHE E 78 -5.73 27.12 -23.71
N PRO E 79 -5.43 28.25 -23.05
CA PRO E 79 -6.15 29.48 -23.32
C PRO E 79 -5.59 30.23 -24.53
N ILE E 80 -6.49 30.71 -25.39
CA ILE E 80 -6.10 31.52 -26.53
C ILE E 80 -7.05 32.70 -26.69
N ALA E 81 -6.56 33.90 -26.48
CA ALA E 81 -7.39 35.10 -26.64
C ALA E 81 -7.88 35.19 -28.07
N PRO E 82 -9.13 35.58 -28.28
CA PRO E 82 -9.67 35.72 -29.64
C PRO E 82 -8.78 36.57 -30.54
N GLU E 83 -8.14 37.58 -29.98
CA GLU E 83 -7.38 38.57 -30.74
C GLU E 83 -6.09 38.02 -31.32
N ILE E 84 -5.54 36.96 -30.73
CA ILE E 84 -4.29 36.36 -31.21
C ILE E 84 -4.51 35.05 -31.96
N ALA E 85 -5.74 34.60 -32.06
CA ALA E 85 -6.05 33.26 -32.52
C ALA E 85 -5.60 33.00 -33.96
N LEU E 86 -5.88 33.95 -34.85
CA LEU E 86 -5.60 33.78 -36.28
C LEU E 86 -4.10 33.73 -36.55
N GLU E 87 -3.36 34.66 -35.96
CA GLU E 87 -1.93 34.67 -36.07
C GLU E 87 -1.33 33.41 -35.46
N LEU E 88 -1.88 32.97 -34.33
CA LEU E 88 -1.34 31.79 -33.67
C LEU E 88 -1.61 30.56 -34.53
N LEU E 89 -2.77 30.52 -35.18
CA LEU E 89 -3.10 29.43 -36.10
C LEU E 89 -2.05 29.36 -37.20
N MET E 90 -1.71 30.51 -37.79
CA MET E 90 -0.73 30.56 -38.86
C MET E 90 0.65 30.09 -38.36
N ALA E 91 1.05 30.51 -37.16
CA ALA E 91 2.32 30.06 -36.58
C ALA E 91 2.35 28.54 -36.37
N ALA E 92 1.25 28.00 -35.84
CA ALA E 92 1.20 26.56 -35.52
C ALA E 92 1.30 25.76 -36.79
N ASN E 93 0.67 26.26 -37.85
CA ASN E 93 0.75 25.63 -39.17
C ASN E 93 2.16 25.62 -39.71
N PHE E 94 2.87 26.74 -39.58
CA PHE E 94 4.24 26.86 -40.06
C PHE E 94 5.19 25.99 -39.23
N LEU E 95 4.99 25.97 -37.91
CA LEU E 95 5.85 25.24 -37.00
C LEU E 95 5.47 23.74 -36.86
N ASP E 96 4.28 23.38 -37.35
CA ASP E 96 3.76 22.01 -37.31
C ASP E 96 3.61 21.49 -35.88
N CYS E 97 2.95 22.25 -35.02
CA CYS E 97 2.82 21.86 -33.62
C CYS E 97 1.40 22.06 -33.08
N VAL F 11 -16.18 -3.30 -38.32
CA VAL F 11 -15.01 -3.69 -37.46
C VAL F 11 -15.19 -3.13 -36.04
N LEU F 12 -15.51 -1.84 -35.93
CA LEU F 12 -15.78 -1.21 -34.63
C LEU F 12 -17.27 -1.24 -34.30
N ARG F 13 -17.65 -2.15 -33.41
CA ARG F 13 -19.03 -2.31 -32.98
C ARG F 13 -19.04 -2.91 -31.58
N SER F 14 -20.11 -2.69 -30.82
CA SER F 14 -20.21 -3.31 -29.51
C SER F 14 -20.38 -4.81 -29.66
N VAL F 15 -19.82 -5.57 -28.73
CA VAL F 15 -20.05 -7.02 -28.68
C VAL F 15 -21.33 -7.24 -27.90
N ASN F 16 -22.25 -8.01 -28.48
CA ASN F 16 -23.54 -8.26 -27.85
C ASN F 16 -23.42 -9.30 -26.72
N SER F 17 -22.74 -8.92 -25.64
CA SER F 17 -22.40 -9.85 -24.56
C SER F 17 -23.54 -10.09 -23.61
N ARG F 18 -24.40 -9.08 -23.43
CA ARG F 18 -25.49 -9.15 -22.46
C ARG F 18 -24.94 -9.41 -21.03
N GLU F 19 -23.70 -9.04 -20.78
CA GLU F 19 -23.05 -9.28 -19.49
C GLU F 19 -22.86 -7.94 -18.78
N PRO F 20 -23.71 -7.62 -17.79
CA PRO F 20 -23.72 -6.28 -17.17
C PRO F 20 -22.37 -5.81 -16.64
N SER F 21 -22.10 -4.51 -16.82
CA SER F 21 -20.92 -3.85 -16.28
C SER F 21 -21.32 -2.43 -15.92
N GLN F 22 -21.15 -2.07 -14.66
CA GLN F 22 -21.52 -0.73 -14.18
C GLN F 22 -20.33 0.19 -14.37
N VAL F 23 -20.61 1.43 -14.73
CA VAL F 23 -19.56 2.38 -15.08
C VAL F 23 -19.88 3.72 -14.48
N ILE F 24 -18.85 4.42 -14.01
CA ILE F 24 -18.97 5.82 -13.65
C ILE F 24 -18.38 6.64 -14.80
N PHE F 25 -19.22 7.40 -15.46
CA PHE F 25 -18.75 8.39 -16.43
C PHE F 25 -18.42 9.61 -15.61
N CAS F 26 -17.15 10.03 -15.62
CA CAS F 26 -16.69 11.16 -14.82
CB CAS F 26 -15.66 10.65 -13.79
C CAS F 26 -16.09 12.18 -15.74
O CAS F 26 -15.00 11.97 -16.28
SG CAS F 26 -15.03 11.98 -12.80
AS CAS F 26 -16.73 12.40 -11.45
CE1 CAS F 26 -17.07 14.33 -11.68
CE2 CAS F 26 -16.10 12.20 -9.60
N ASN F 27 -16.79 13.28 -15.93
CA ASN F 27 -16.34 14.34 -16.83
C ASN F 27 -15.35 15.26 -16.13
N ARG F 28 -14.05 14.97 -16.27
CA ARG F 28 -13.00 15.85 -15.75
C ARG F 28 -12.49 16.79 -16.84
N SER F 29 -13.41 17.38 -17.59
CA SER F 29 -13.06 18.33 -18.63
C SER F 29 -13.92 19.56 -18.43
N PRO F 30 -13.55 20.66 -19.08
CA PRO F 30 -14.39 21.86 -19.01
C PRO F 30 -15.48 21.88 -20.09
N ARG F 31 -15.61 20.80 -20.86
CA ARG F 31 -16.58 20.72 -21.94
C ARG F 31 -17.84 20.00 -21.49
N VAL F 32 -18.95 20.29 -22.17
CA VAL F 32 -20.16 19.48 -22.06
C VAL F 32 -19.85 18.23 -22.85
N VAL F 33 -19.96 17.08 -22.20
CA VAL F 33 -19.56 15.81 -22.82
C VAL F 33 -20.76 15.07 -23.39
N LEU F 34 -20.60 14.61 -24.63
CA LEU F 34 -21.54 13.71 -25.29
C LEU F 34 -20.95 12.30 -25.27
N PRO F 35 -21.53 11.39 -24.48
CA PRO F 35 -21.12 10.01 -24.61
C PRO F 35 -21.75 9.44 -25.87
N VAL F 36 -20.98 8.65 -26.60
CA VAL F 36 -21.44 7.99 -27.82
C VAL F 36 -21.17 6.48 -27.73
N TRP F 37 -22.24 5.68 -27.77
CA TRP F 37 -22.16 4.22 -27.77
C TRP F 37 -22.17 3.70 -29.21
N LEU F 38 -21.24 2.81 -29.54
CA LEU F 38 -21.23 2.20 -30.84
C LEU F 38 -22.12 0.96 -30.77
N ASN F 39 -23.23 0.98 -31.50
CA ASN F 39 -24.19 -0.10 -31.41
C ASN F 39 -23.71 -1.35 -32.14
N PHE F 40 -24.55 -2.37 -32.19
CA PHE F 40 -24.14 -3.67 -32.70
C PHE F 40 -23.85 -3.64 -34.21
N ASP F 41 -24.50 -2.74 -34.95
CA ASP F 41 -24.17 -2.46 -36.37
C ASP F 41 -23.06 -1.40 -36.52
N GLY F 42 -22.43 -1.01 -35.43
CA GLY F 42 -21.40 0.02 -35.50
C GLY F 42 -21.89 1.44 -35.73
N GLU F 43 -23.20 1.70 -35.59
CA GLU F 43 -23.71 3.07 -35.68
C GLU F 43 -23.49 3.82 -34.37
N PRO F 44 -23.00 5.06 -34.44
CA PRO F 44 -22.88 5.85 -33.20
C PRO F 44 -24.25 6.21 -32.64
N GLN F 45 -24.49 5.88 -31.38
CA GLN F 45 -25.72 6.28 -30.70
C GLN F 45 -25.35 7.28 -29.61
N PRO F 46 -25.84 8.51 -29.73
CA PRO F 46 -25.56 9.51 -28.71
C PRO F 46 -26.41 9.25 -27.48
N TYR F 47 -25.81 9.49 -26.31
CA TYR F 47 -26.47 9.34 -25.00
C TYR F 47 -26.53 10.71 -24.33
N PRO F 48 -27.26 10.82 -23.18
CA PRO F 48 -27.40 12.11 -22.50
C PRO F 48 -26.07 12.77 -22.12
N THR F 49 -26.02 14.10 -22.15
CA THR F 49 -24.76 14.80 -21.93
C THR F 49 -24.39 14.92 -20.45
N LEU F 50 -23.11 15.17 -20.19
CA LEU F 50 -22.62 15.47 -18.84
C LEU F 50 -22.03 16.88 -18.80
N PRO F 51 -22.56 17.76 -17.90
CA PRO F 51 -21.91 19.06 -17.75
C PRO F 51 -20.49 18.90 -17.19
N PRO F 52 -19.67 19.95 -17.30
CA PRO F 52 -18.31 19.93 -16.76
C PRO F 52 -18.23 19.50 -15.31
N GLY F 53 -17.28 18.63 -14.99
CA GLY F 53 -17.00 18.28 -13.62
C GLY F 53 -18.07 17.46 -12.93
N THR F 54 -18.95 16.83 -13.71
CA THR F 54 -20.01 16.01 -13.14
C THR F 54 -19.81 14.53 -13.47
N GLY F 55 -20.55 13.70 -12.75
CA GLY F 55 -20.45 12.25 -12.88
C GLY F 55 -21.81 11.58 -12.93
N ARG F 56 -21.85 10.40 -13.54
CA ARG F 56 -23.08 9.65 -13.74
C ARG F 56 -22.71 8.16 -13.65
N ARG F 57 -23.47 7.43 -12.83
CA ARG F 57 -23.28 5.98 -12.70
C ARG F 57 -24.26 5.33 -13.67
N ILE F 58 -23.73 4.56 -14.62
CA ILE F 58 -24.55 4.02 -15.71
C ILE F 58 -24.41 2.50 -15.88
N HIS F 59 -25.44 1.90 -16.46
CA HIS F 59 -25.47 0.47 -16.74
C HIS F 59 -25.08 0.23 -18.18
N SER F 60 -24.00 -0.52 -18.37
CA SER F 60 -23.52 -0.88 -19.70
C SER F 60 -23.18 -2.36 -19.68
N TYR F 61 -22.36 -2.81 -20.62
CA TYR F 61 -22.08 -4.25 -20.76
C TYR F 61 -20.66 -4.49 -21.22
N ARG F 62 -20.12 -5.65 -20.83
CA ARG F 62 -18.77 -6.01 -21.19
C ARG F 62 -18.64 -6.10 -22.69
N GLY F 63 -17.52 -5.59 -23.23
CA GLY F 63 -17.28 -5.58 -24.68
C GLY F 63 -18.04 -4.53 -25.48
N HIS F 64 -18.76 -3.63 -24.80
CA HIS F 64 -19.42 -2.51 -25.49
C HIS F 64 -18.42 -1.36 -25.69
N LEU F 65 -18.60 -0.62 -26.78
CA LEU F 65 -17.64 0.44 -27.18
C LEU F 65 -18.23 1.83 -26.99
N TRP F 66 -17.47 2.70 -26.31
CA TRP F 66 -17.88 4.08 -26.10
C TRP F 66 -16.76 5.02 -26.53
N LEU F 67 -17.15 6.21 -27.00
CA LEU F 67 -16.22 7.33 -27.13
C LEU F 67 -16.94 8.57 -26.65
N PHE F 68 -16.18 9.65 -26.46
CA PHE F 68 -16.73 10.84 -25.81
C PHE F 68 -16.31 12.09 -26.56
N ARG F 69 -17.26 13.01 -26.74
CA ARG F 69 -17.01 14.24 -27.49
C ARG F 69 -17.51 15.47 -26.79
N ASP F 70 -17.00 16.62 -27.22
CA ASP F 70 -17.61 17.89 -26.88
C ASP F 70 -18.98 17.88 -27.56
N ALA F 71 -20.03 18.05 -26.77
CA ALA F 71 -21.40 17.99 -27.29
C ALA F 71 -21.75 19.12 -28.26
N GLY F 72 -21.09 20.27 -28.13
CA GLY F 72 -21.35 21.40 -29.01
C GLY F 72 -20.53 21.37 -30.29
N THR F 73 -19.29 20.92 -30.20
CA THR F 73 -18.36 21.02 -31.32
C THR F 73 -17.91 19.68 -31.86
N HIS F 74 -18.13 18.61 -31.10
CA HIS F 74 -17.65 17.28 -31.47
C HIS F 74 -16.14 17.13 -31.43
N ASP F 75 -15.43 18.08 -30.81
CA ASP F 75 -14.01 17.91 -30.50
C ASP F 75 -13.81 16.58 -29.78
N GLY F 76 -12.73 15.88 -30.11
CA GLY F 76 -12.42 14.62 -29.47
C GLY F 76 -12.01 14.78 -28.02
N LEU F 77 -12.40 13.82 -27.19
CA LEU F 77 -11.98 13.77 -25.82
C LEU F 77 -11.37 12.41 -25.50
N LEU F 78 -10.66 12.33 -24.38
CA LEU F 78 -10.03 11.09 -23.97
C LEU F 78 -10.83 10.48 -22.85
N VAL F 79 -10.78 9.16 -22.78
CA VAL F 79 -11.37 8.40 -21.69
C VAL F 79 -10.29 7.40 -21.24
N ASN F 80 -9.91 7.49 -19.98
CA ASN F 80 -8.77 6.77 -19.45
C ASN F 80 -7.53 6.83 -20.35
N GLN F 81 -7.22 8.05 -20.79
CA GLN F 81 -6.03 8.33 -21.59
C GLN F 81 -6.10 7.88 -23.04
N THR F 82 -7.25 7.41 -23.51
CA THR F 82 -7.32 6.91 -24.87
C THR F 82 -8.65 7.23 -25.53
N GLU F 83 -8.83 6.76 -26.75
CA GLU F 83 -9.96 7.12 -27.59
C GLU F 83 -11.21 6.36 -27.21
N LEU F 84 -11.09 5.04 -27.12
CA LEU F 84 -12.22 4.14 -26.89
C LEU F 84 -12.25 3.64 -25.48
N PHE F 85 -13.46 3.47 -24.95
CA PHE F 85 -13.67 2.86 -23.65
C PHE F 85 -14.52 1.61 -23.77
N VAL F 86 -14.03 0.52 -23.18
CA VAL F 86 -14.73 -0.77 -23.19
C VAL F 86 -14.93 -1.21 -21.76
N PRO F 87 -16.18 -1.21 -21.26
CA PRO F 87 -16.38 -1.71 -19.91
C PRO F 87 -15.83 -3.12 -19.75
N SER F 88 -15.15 -3.35 -18.63
CA SER F 88 -14.60 -4.65 -18.30
C SER F 88 -15.29 -5.21 -17.05
N LEU F 89 -14.83 -6.37 -16.59
CA LEU F 89 -15.35 -7.02 -15.39
C LEU F 89 -15.26 -6.10 -14.15
N ASN F 90 -16.38 -5.95 -13.43
CA ASN F 90 -16.41 -5.27 -12.15
C ASN F 90 -15.87 -6.18 -11.05
N VAL F 91 -14.68 -5.89 -10.56
CA VAL F 91 -14.09 -6.71 -9.50
C VAL F 91 -14.74 -6.37 -8.16
N ASP F 92 -15.22 -7.41 -7.47
CA ASP F 92 -15.93 -7.30 -6.18
C ASP F 92 -17.15 -6.34 -6.22
N GLY F 93 -17.80 -6.25 -7.38
CA GLY F 93 -18.95 -5.36 -7.56
C GLY F 93 -18.61 -3.88 -7.75
N GLN F 94 -17.33 -3.54 -7.85
CA GLN F 94 -16.92 -2.15 -7.99
C GLN F 94 -17.10 -1.65 -9.43
N PRO F 95 -17.74 -0.48 -9.62
CA PRO F 95 -17.93 0.02 -10.98
C PRO F 95 -16.62 0.40 -11.64
N ILE F 96 -16.58 0.36 -12.97
CA ILE F 96 -15.42 0.81 -13.72
C ILE F 96 -15.50 2.34 -13.77
N PHE F 97 -14.35 2.98 -13.62
CA PHE F 97 -14.29 4.43 -13.70
C PHE F 97 -13.84 4.85 -15.09
N ALA F 98 -14.72 5.55 -15.81
CA ALA F 98 -14.36 6.13 -17.10
C ALA F 98 -14.00 7.60 -16.92
N ASN F 99 -12.71 7.87 -16.82
CA ASN F 99 -12.21 9.21 -16.55
C ASN F 99 -12.08 10.01 -17.85
N ILE F 100 -12.98 10.97 -18.06
CA ILE F 100 -13.07 11.71 -19.30
C ILE F 100 -12.34 13.04 -19.18
N THR F 101 -11.40 13.30 -20.09
CA THR F 101 -10.52 14.48 -20.01
C THR F 101 -10.28 15.09 -21.37
N LEU F 102 -9.79 16.33 -21.38
CA LEU F 102 -9.28 16.92 -22.60
C LEU F 102 -8.04 16.14 -22.99
N PRO F 103 -7.84 15.92 -24.30
CA PRO F 103 -6.48 15.58 -24.70
C PRO F 103 -5.60 16.82 -24.62
N VAL F 104 -4.30 16.64 -24.78
CA VAL F 104 -3.46 17.74 -25.15
C VAL F 104 -3.60 17.88 -26.65
N TYR F 105 -4.43 18.82 -27.08
CA TYR F 105 -4.56 19.10 -28.50
C TYR F 105 -3.26 19.69 -29.01
N THR F 106 -3.03 19.53 -30.31
CA THR F 106 -1.95 20.26 -30.95
C THR F 106 -2.36 21.72 -30.88
N LEU F 107 -1.37 22.60 -30.92
CA LEU F 107 -1.66 24.03 -30.93
C LEU F 107 -2.48 24.36 -32.17
N LYS F 108 -2.14 23.77 -33.30
CA LYS F 108 -2.93 23.99 -34.52
C LYS F 108 -4.40 23.64 -34.29
N GLU F 109 -4.67 22.45 -33.76
CA GLU F 109 -6.06 22.05 -33.57
C GLU F 109 -6.76 22.95 -32.57
N ARG F 110 -6.04 23.34 -31.53
CA ARG F 110 -6.60 24.20 -30.50
C ARG F 110 -6.93 25.56 -31.09
N CYS F 111 -6.04 26.08 -31.95
CA CYS F 111 -6.32 27.31 -32.66
C CYS F 111 -7.54 27.19 -33.56
N LEU F 112 -7.65 26.08 -34.27
CA LEU F 112 -8.79 25.87 -35.17
C LEU F 112 -10.09 25.87 -34.37
N GLN F 113 -10.07 25.24 -33.19
CA GLN F 113 -11.24 25.24 -32.29
C GLN F 113 -11.70 26.66 -31.94
N VAL F 114 -10.73 27.49 -31.57
CA VAL F 114 -11.02 28.86 -31.16
C VAL F 114 -11.58 29.67 -32.33
N VAL F 115 -10.97 29.54 -33.50
CA VAL F 115 -11.44 30.24 -34.68
C VAL F 115 -12.86 29.78 -35.07
N ARG F 116 -13.10 28.46 -35.10
CA ARG F 116 -14.44 27.94 -35.38
C ARG F 116 -15.50 28.48 -34.41
N SER F 117 -15.15 28.61 -33.13
CA SER F 117 -16.07 29.16 -32.14
C SER F 117 -16.39 30.64 -32.37
N LEU F 118 -15.54 31.36 -33.11
CA LEU F 118 -15.73 32.79 -33.35
C LEU F 118 -16.28 33.16 -34.72
N VAL F 119 -16.05 32.30 -35.72
CA VAL F 119 -16.39 32.62 -37.10
C VAL F 119 -17.44 31.65 -37.61
N LYS F 120 -18.56 32.19 -38.10
CA LYS F 120 -19.59 31.34 -38.70
C LYS F 120 -19.04 30.64 -39.94
N PRO F 121 -19.42 29.37 -40.15
CA PRO F 121 -18.82 28.61 -41.25
C PRO F 121 -18.88 29.27 -42.64
N GLU F 122 -19.90 30.09 -42.90
CA GLU F 122 -20.01 30.78 -44.19
C GLU F 122 -18.90 31.81 -44.37
N ASN F 123 -18.31 32.26 -43.27
CA ASN F 123 -17.28 33.31 -43.32
C ASN F 123 -15.83 32.83 -43.19
N TYR F 124 -15.61 31.51 -43.07
CA TYR F 124 -14.22 30.99 -43.04
C TYR F 124 -13.47 31.47 -44.27
N ARG F 125 -14.14 31.40 -45.42
CA ARG F 125 -13.54 31.77 -46.70
C ARG F 125 -13.10 33.24 -46.73
N ARG F 126 -13.69 34.09 -45.89
CA ARG F 126 -13.33 35.51 -45.85
C ARG F 126 -12.06 35.76 -45.04
N LEU F 127 -11.62 34.78 -44.26
CA LEU F 127 -10.43 34.95 -43.43
C LEU F 127 -9.18 35.02 -44.30
N ASP F 128 -8.28 35.93 -43.95
CA ASP F 128 -7.04 36.14 -44.71
C ASP F 128 -6.00 35.08 -44.35
N ILE F 129 -6.20 33.87 -44.85
CA ILE F 129 -5.34 32.71 -44.56
C ILE F 129 -5.26 31.80 -45.79
N VAL F 130 -4.20 31.00 -45.88
CA VAL F 130 -4.04 30.09 -47.02
C VAL F 130 -5.19 29.08 -47.16
N ARG F 131 -5.45 28.68 -48.39
CA ARG F 131 -6.56 27.77 -48.70
C ARG F 131 -6.59 26.51 -47.83
N SER F 132 -5.42 25.94 -47.56
CA SER F 132 -5.35 24.72 -46.77
C SER F 132 -5.93 24.94 -45.36
N LEU F 133 -5.72 26.13 -44.78
CA LEU F 133 -6.31 26.47 -43.48
C LEU F 133 -7.83 26.67 -43.53
N TYR F 134 -8.37 27.17 -44.66
CA TYR F 134 -9.83 27.18 -44.86
C TYR F 134 -10.35 25.77 -44.74
N GLU F 135 -9.71 24.87 -45.47
CA GLU F 135 -10.15 23.47 -45.50
C GLU F 135 -10.02 22.81 -44.13
N ASP F 136 -8.93 23.08 -43.41
CA ASP F 136 -8.76 22.58 -42.06
C ASP F 136 -9.90 23.05 -41.17
N LEU F 137 -10.31 24.30 -41.30
CA LEU F 137 -11.46 24.82 -40.55
C LEU F 137 -12.76 24.13 -40.94
N GLU F 138 -12.99 23.99 -42.25
CA GLU F 138 -14.21 23.38 -42.74
C GLU F 138 -14.29 21.90 -42.41
N ASP F 139 -13.14 21.25 -42.27
CA ASP F 139 -13.11 19.83 -41.97
C ASP F 139 -13.19 19.64 -40.46
N HIS F 140 -14.34 19.97 -39.89
CA HIS F 140 -14.47 20.00 -38.45
C HIS F 140 -14.60 18.59 -37.87
N PRO F 141 -14.26 18.43 -36.58
CA PRO F 141 -14.35 17.13 -35.94
C PRO F 141 -15.69 16.47 -36.18
N ASN F 142 -15.66 15.16 -36.34
CA ASN F 142 -16.85 14.38 -36.64
C ASN F 142 -16.58 12.93 -36.24
N VAL F 143 -17.57 12.27 -35.66
CA VAL F 143 -17.41 10.90 -35.19
C VAL F 143 -17.18 9.90 -36.34
N GLN F 144 -17.95 10.02 -37.42
CA GLN F 144 -17.78 9.10 -38.56
C GLN F 144 -16.37 9.14 -39.13
N LYS F 145 -15.83 10.35 -39.29
CA LYS F 145 -14.47 10.54 -39.77
C LYS F 145 -13.49 9.76 -38.90
N ASP F 146 -13.67 9.88 -37.59
CA ASP F 146 -12.80 9.19 -36.64
C ASP F 146 -12.96 7.68 -36.69
N LEU F 147 -14.20 7.20 -36.87
CA LEU F 147 -14.48 5.77 -36.96
C LEU F 147 -13.80 5.13 -38.16
N GLU F 148 -13.80 5.83 -39.29
CA GLU F 148 -13.07 5.39 -40.47
C GLU F 148 -11.56 5.39 -40.24
N ARG F 149 -11.06 6.43 -39.56
CA ARG F 149 -9.64 6.56 -39.26
C ARG F 149 -9.18 5.50 -38.26
N LEU F 150 -10.00 5.25 -37.23
CA LEU F 150 -9.70 4.21 -36.24
C LEU F 150 -9.69 2.81 -36.87
N THR F 151 -10.51 2.61 -37.90
CA THR F 151 -10.55 1.35 -38.62
C THR F 151 -9.31 1.16 -39.50
N GLN F 152 -8.91 2.20 -40.22
CA GLN F 152 -7.72 2.15 -41.09
C GLN F 152 -6.42 1.84 -40.33
N GLU F 153 -6.42 2.00 -39.01
CA GLU F 153 -5.32 1.55 -38.16
C GLU F 153 -5.33 0.03 -38.03
N MET G 1 -22.76 5.44 25.80
CA MET G 1 -23.76 6.05 24.87
C MET G 1 -23.05 6.93 23.85
N ASP G 2 -23.26 6.66 22.57
CA ASP G 2 -22.65 7.45 21.51
C ASP G 2 -23.45 8.69 21.22
N VAL G 3 -22.76 9.73 20.80
CA VAL G 3 -23.39 10.93 20.32
C VAL G 3 -22.80 11.22 18.95
N PHE G 4 -23.64 11.74 18.06
CA PHE G 4 -23.27 11.96 16.68
C PHE G 4 -23.33 13.45 16.42
N LEU G 5 -22.26 13.97 15.82
CA LEU G 5 -21.99 15.39 15.80
C LEU G 5 -21.64 15.92 14.43
N MET G 6 -21.91 17.21 14.26
CA MET G 6 -21.31 18.03 13.23
C MET G 6 -20.51 19.10 13.94
N ILE G 7 -19.19 19.12 13.70
CA ILE G 7 -18.35 20.18 14.19
C ILE G 7 -18.19 21.19 13.06
N ARG G 8 -18.68 22.39 13.29
CA ARG G 8 -18.84 23.36 12.20
C ARG G 8 -18.13 24.70 12.41
N ARG G 9 -17.39 25.11 11.38
CA ARG G 9 -16.74 26.41 11.33
C ARG G 9 -16.78 26.94 9.89
N HIS G 10 -17.30 28.15 9.72
CA HIS G 10 -17.35 28.81 8.40
C HIS G 10 -18.03 27.85 7.41
N LYS G 11 -17.32 27.40 6.37
CA LYS G 11 -17.88 26.45 5.40
C LYS G 11 -17.31 25.03 5.59
N THR G 12 -16.83 24.75 6.80
CA THR G 12 -16.28 23.46 7.17
C THR G 12 -17.25 22.77 8.13
N THR G 13 -17.60 21.52 7.81
CA THR G 13 -18.43 20.70 8.70
C THR G 13 -17.80 19.32 8.83
N ILE G 14 -17.33 18.98 10.03
CA ILE G 14 -16.82 17.64 10.29
C ILE G 14 -17.93 16.81 10.87
N PHE G 15 -18.21 15.66 10.26
CA PHE G 15 -19.12 14.66 10.83
C PHE G 15 -18.28 13.70 11.65
N THR G 16 -18.59 13.56 12.93
CA THR G 16 -17.96 12.52 13.74
C THR G 16 -18.85 12.15 14.90
N ASP G 17 -18.41 11.16 15.66
CA ASP G 17 -19.11 10.74 16.86
C ASP G 17 -18.12 10.59 18.00
N ALA G 18 -18.68 10.44 19.19
CA ALA G 18 -17.91 10.28 20.42
C ALA G 18 -18.86 9.73 21.47
N LYS G 19 -18.35 9.53 22.67
CA LYS G 19 -19.15 9.04 23.79
C LYS G 19 -19.72 10.22 24.58
N GLU G 20 -20.88 9.98 25.22
CA GLU G 20 -21.40 10.89 26.23
C GLU G 20 -20.36 11.15 27.34
N SER G 21 -19.54 10.15 27.65
CA SER G 21 -18.57 10.26 28.74
C SER G 21 -17.24 10.90 28.31
N SER G 22 -17.07 11.15 27.02
CA SER G 22 -15.83 11.74 26.53
C SER G 22 -15.86 13.25 26.78
N THR G 23 -14.68 13.86 26.79
CA THR G 23 -14.55 15.26 27.16
C THR G 23 -14.44 16.18 25.95
N VAL G 24 -14.67 17.45 26.23
CA VAL G 24 -14.51 18.50 25.23
C VAL G 24 -13.08 18.48 24.70
N PHE G 25 -12.10 18.31 25.59
CA PHE G 25 -10.70 18.27 25.19
C PHE G 25 -10.42 17.14 24.21
N GLU G 26 -10.99 15.96 24.49
CA GLU G 26 -10.80 14.80 23.62
C GLU G 26 -11.41 15.04 22.26
N LEU G 27 -12.48 15.84 22.22
CA LEU G 27 -13.09 16.26 20.97
C LEU G 27 -12.17 17.23 20.20
N LYS G 28 -11.50 18.13 20.92
CA LYS G 28 -10.52 19.05 20.30
C LYS G 28 -9.33 18.29 19.70
N ARG G 29 -8.96 17.16 20.30
CA ARG G 29 -7.95 16.27 19.76
C ARG G 29 -8.37 15.65 18.44
N ILE G 30 -9.64 15.28 18.33
CA ILE G 30 -10.16 14.76 17.07
C ILE G 30 -10.06 15.85 16.00
N VAL G 31 -10.52 17.05 16.33
CA VAL G 31 -10.44 18.18 15.42
C VAL G 31 -8.98 18.43 14.99
N GLU G 32 -8.05 18.23 15.91
CA GLU G 32 -6.64 18.42 15.61
C GLU G 32 -6.14 17.41 14.58
N GLY G 33 -6.55 16.16 14.75
CA GLY G 33 -6.25 15.11 13.78
C GLY G 33 -6.68 15.49 12.38
N ILE G 34 -7.83 16.16 12.28
CA ILE G 34 -8.40 16.49 10.99
C ILE G 34 -7.88 17.81 10.42
N LEU G 35 -8.05 18.90 11.18
CA LEU G 35 -7.76 20.23 10.66
C LEU G 35 -6.38 20.77 11.03
N LYS G 36 -5.60 19.99 11.78
CA LYS G 36 -4.19 20.30 12.07
C LYS G 36 -4.00 21.61 12.86
N ARG G 37 -4.83 21.78 13.88
CA ARG G 37 -4.75 22.91 14.78
C ARG G 37 -4.90 22.36 16.19
N PRO G 38 -3.96 22.70 17.09
CA PRO G 38 -3.99 22.11 18.44
C PRO G 38 -5.15 22.60 19.30
N PRO G 39 -5.45 21.86 20.39
CA PRO G 39 -6.54 22.23 21.29
C PRO G 39 -6.49 23.69 21.77
N ASP G 40 -5.30 24.19 22.08
CA ASP G 40 -5.17 25.56 22.60
C ASP G 40 -5.44 26.65 21.57
N GLU G 41 -5.55 26.28 20.29
CA GLU G 41 -6.01 27.21 19.25
C GLU G 41 -7.46 27.00 18.84
N GLN G 42 -8.19 26.16 19.59
CA GLN G 42 -9.60 25.88 19.31
C GLN G 42 -10.52 26.28 20.44
N ARG G 43 -11.64 26.90 20.10
CA ARG G 43 -12.77 27.02 21.01
C ARG G 43 -13.94 26.23 20.44
N LEU G 44 -14.58 25.42 21.29
CA LEU G 44 -15.78 24.69 20.91
C LEU G 44 -16.99 25.25 21.66
N TYR G 45 -18.11 25.36 20.95
CA TYR G 45 -19.32 25.94 21.47
C TYR G 45 -20.50 24.98 21.35
N LYS G 46 -21.43 25.09 22.30
CA LYS G 46 -22.79 24.58 22.14
C LYS G 46 -23.67 25.82 22.03
N ASP G 47 -24.23 26.04 20.85
CA ASP G 47 -24.80 27.34 20.50
C ASP G 47 -23.77 28.42 20.87
N ASP G 48 -24.14 29.39 21.71
CA ASP G 48 -23.19 30.44 22.10
C ASP G 48 -22.34 30.07 23.32
N GLN G 49 -22.58 28.93 23.93
CA GLN G 49 -21.87 28.57 25.17
C GLN G 49 -20.50 27.98 24.89
N LEU G 50 -19.46 28.65 25.36
CA LEU G 50 -18.09 28.16 25.28
C LEU G 50 -17.95 26.89 26.13
N LEU G 51 -17.44 25.83 25.52
CA LEU G 51 -17.33 24.55 26.22
C LEU G 51 -16.01 24.46 26.96
N ASP G 52 -16.08 24.12 28.25
CA ASP G 52 -14.90 23.93 29.09
C ASP G 52 -14.25 22.58 28.78
N ASP G 53 -12.94 22.57 28.62
CA ASP G 53 -12.19 21.36 28.22
C ASP G 53 -12.46 20.10 29.06
N GLY G 54 -12.63 20.28 30.37
CA GLY G 54 -12.70 19.15 31.30
C GLY G 54 -14.10 18.58 31.53
N LYS G 55 -15.10 19.11 30.83
CA LYS G 55 -16.48 18.64 30.97
C LYS G 55 -16.79 17.57 29.94
N THR G 56 -17.67 16.65 30.29
CA THR G 56 -18.09 15.62 29.35
C THR G 56 -19.16 16.16 28.42
N LEU G 57 -19.30 15.52 27.26
CA LEU G 57 -20.28 15.94 26.28
C LEU G 57 -21.68 15.74 26.86
N GLY G 58 -21.89 14.67 27.62
CA GLY G 58 -23.16 14.44 28.31
C GLY G 58 -23.56 15.57 29.25
N GLU G 59 -22.59 16.05 30.05
CA GLU G 59 -22.81 17.19 30.94
C GLU G 59 -23.24 18.43 30.18
N CAS G 60 -22.62 18.63 29.03
CA CAS G 60 -22.92 19.77 28.17
CB CAS G 60 -21.74 20.06 27.24
C CAS G 60 -24.18 19.59 27.36
O CAS G 60 -24.53 20.47 26.58
SG CAS G 60 -20.29 20.51 28.15
AS CAS G 60 -21.01 22.32 29.22
CE1 CAS G 60 -21.12 21.88 31.16
CE2 CAS G 60 -19.80 23.89 29.09
N GLY G 61 -24.88 18.48 27.53
CA GLY G 61 -26.21 18.31 26.95
C GLY G 61 -26.26 17.63 25.60
N PHE G 62 -25.13 17.09 25.17
CA PHE G 62 -25.11 16.23 24.01
C PHE G 62 -25.44 14.83 24.50
N THR G 63 -26.67 14.40 24.26
CA THR G 63 -27.12 13.07 24.68
C THR G 63 -27.50 12.24 23.45
N SER G 64 -27.47 10.92 23.63
CA SER G 64 -27.70 10.00 22.53
C SER G 64 -29.04 10.23 21.83
N GLN G 65 -30.04 10.68 22.57
CA GLN G 65 -31.36 10.88 21.99
C GLN G 65 -31.52 12.23 21.27
N THR G 66 -30.56 13.13 21.44
CA THR G 66 -30.60 14.40 20.69
C THR G 66 -29.51 14.51 19.64
N ALA G 67 -28.37 13.87 19.87
CA ALA G 67 -27.28 13.86 18.93
C ALA G 67 -27.33 12.53 18.17
N ARG G 68 -28.25 12.45 17.22
CA ARG G 68 -28.60 11.19 16.56
C ARG G 68 -27.85 11.01 15.23
N PRO G 69 -27.53 9.77 14.86
CA PRO G 69 -26.83 9.54 13.60
C PRO G 69 -27.45 10.28 12.40
N GLN G 70 -28.78 10.23 12.29
CA GLN G 70 -29.51 10.79 11.17
C GLN G 70 -29.94 12.23 11.39
N ALA G 71 -29.60 12.79 12.55
CA ALA G 71 -29.84 14.19 12.89
C ALA G 71 -28.79 14.63 13.92
N PRO G 72 -27.52 14.72 13.51
CA PRO G 72 -26.45 14.96 14.47
C PRO G 72 -26.55 16.33 15.09
N ALA G 73 -26.01 16.47 16.29
CA ALA G 73 -25.98 17.76 17.00
C ALA G 73 -24.78 18.59 16.57
N THR G 74 -24.92 19.91 16.65
CA THR G 74 -23.92 20.83 16.13
C THR G 74 -23.01 21.38 17.24
N VAL G 75 -21.71 21.30 17.00
CA VAL G 75 -20.71 21.91 17.86
C VAL G 75 -20.01 22.98 17.04
N GLY G 76 -20.09 24.22 17.50
CA GLY G 76 -19.42 25.35 16.83
C GLY G 76 -17.93 25.31 17.11
N LEU G 77 -17.15 25.81 16.15
CA LEU G 77 -15.69 25.83 16.25
C LEU G 77 -15.14 27.17 15.80
N ALA G 78 -14.26 27.75 16.63
CA ALA G 78 -13.51 28.95 16.29
C ALA G 78 -12.02 28.71 16.55
N PHE G 79 -11.18 29.19 15.63
CA PHE G 79 -9.73 29.05 15.71
C PHE G 79 -9.09 30.32 16.23
N ARG G 80 -7.94 30.17 16.89
CA ARG G 80 -7.10 31.30 17.27
C ARG G 80 -6.07 31.50 16.17
N ALA G 81 -6.18 32.62 15.48
CA ALA G 81 -5.22 32.99 14.47
C ALA G 81 -4.30 34.02 15.10
N ASP G 82 -2.99 33.77 15.00
CA ASP G 82 -2.01 34.69 15.57
C ASP G 82 -2.37 35.00 17.04
N ASP G 83 -2.48 36.27 17.42
CA ASP G 83 -2.66 36.63 18.83
C ASP G 83 -3.98 36.15 19.47
N THR G 84 -5.08 36.19 18.72
CA THR G 84 -6.42 36.09 19.32
C THR G 84 -7.43 35.22 18.56
N PHE G 85 -8.48 34.80 19.27
CA PHE G 85 -9.51 33.94 18.70
C PHE G 85 -10.44 34.70 17.76
N GLU G 86 -10.77 34.07 16.63
CA GLU G 86 -11.81 34.60 15.76
C GLU G 86 -13.17 34.37 16.41
N ALA G 87 -14.15 35.16 16.00
CA ALA G 87 -15.52 34.95 16.44
C ALA G 87 -16.09 33.65 15.83
N LEU G 88 -17.08 33.09 16.50
CA LEU G 88 -17.81 31.93 16.01
C LEU G 88 -18.63 32.35 14.77
N CAS G 89 -18.33 31.77 13.60
CA CAS G 89 -19.08 32.05 12.33
CB CAS G 89 -18.35 32.84 11.21
C CAS G 89 -19.37 30.71 11.73
O CAS G 89 -18.46 29.96 11.40
SG CAS G 89 -19.08 32.69 9.55
AS CAS G 89 -20.68 34.17 10.12
CE1 CAS G 89 -20.06 36.02 9.68
CE2 CAS G 89 -22.34 33.71 9.11
N ILE G 90 -20.65 30.38 11.57
CA ILE G 90 -21.03 29.17 10.84
C ILE G 90 -21.87 29.56 9.65
N GLU G 91 -21.40 29.23 8.45
CA GLU G 91 -22.13 29.57 7.23
C GLU G 91 -23.27 28.60 7.07
N PRO G 92 -24.49 29.10 6.82
CA PRO G 92 -25.62 28.19 6.63
C PRO G 92 -25.51 27.38 5.35
N PHE G 93 -26.11 26.21 5.34
CA PHE G 93 -26.27 25.45 4.11
C PHE G 93 -27.15 26.24 3.14
N SER G 94 -27.09 25.88 1.87
CA SER G 94 -27.89 26.54 0.86
C SER G 94 -29.37 26.38 1.16
N SER G 95 -30.18 27.28 0.62
CA SER G 95 -31.63 27.23 0.79
C SER G 95 -32.27 26.32 -0.26
N PRO G 96 -33.20 25.45 0.18
CA PRO G 96 -33.95 24.70 -0.81
C PRO G 96 -34.86 25.64 -1.61
N PRO G 97 -35.14 25.29 -2.87
CA PRO G 97 -36.07 26.10 -3.64
C PRO G 97 -37.49 25.93 -3.14
N GLU G 98 -38.40 26.77 -3.62
CA GLU G 98 -39.82 26.59 -3.32
C GLU G 98 -40.23 25.18 -3.76
N LEU G 99 -41.12 24.56 -2.99
CA LEU G 99 -41.71 23.27 -3.39
C LEU G 99 -42.43 23.49 -4.70
N PRO G 100 -42.18 22.60 -5.70
CA PRO G 100 -42.97 22.71 -6.93
C PRO G 100 -44.47 22.63 -6.63
N ASP G 101 -45.28 23.27 -7.47
CA ASP G 101 -46.73 23.28 -7.25
C ASP G 101 -47.30 21.88 -6.98
N VAL G 102 -46.82 20.87 -7.72
CA VAL G 102 -47.30 19.50 -7.57
C VAL G 102 -46.86 18.76 -6.27
N MET G 103 -46.24 19.48 -5.34
CA MET G 103 -45.83 18.90 -4.06
C MET G 103 -46.43 19.68 -2.88
N MET H 1 -8.02 8.00 12.71
CA MET H 1 -8.53 7.25 11.54
C MET H 1 -8.79 8.16 10.35
N MET H 2 -8.99 7.57 9.18
CA MET H 2 -9.00 8.33 7.94
C MET H 2 -10.30 9.06 7.70
N TYR H 3 -10.17 10.29 7.22
CA TYR H 3 -11.30 11.12 6.83
C TYR H 3 -11.12 11.52 5.36
N VAL H 4 -12.22 11.87 4.71
CA VAL H 4 -12.17 12.39 3.34
C VAL H 4 -13.07 13.62 3.27
N LYS H 5 -12.89 14.42 2.23
CA LYS H 5 -13.60 15.69 2.11
C LYS H 5 -14.52 15.67 0.90
N LEU H 6 -15.80 15.93 1.14
CA LEU H 6 -16.80 15.99 0.09
C LEU H 6 -17.23 17.44 0.02
N ILE H 7 -17.08 18.04 -1.16
CA ILE H 7 -17.34 19.46 -1.32
C ILE H 7 -18.57 19.65 -2.17
N SER H 8 -19.51 20.44 -1.65
CA SER H 8 -20.75 20.73 -2.35
C SER H 8 -20.58 21.77 -3.45
N SER H 9 -21.61 21.94 -4.27
CA SER H 9 -21.59 22.89 -5.38
C SER H 9 -21.34 24.32 -4.87
N ASP H 10 -21.98 24.65 -3.74
CA ASP H 10 -21.85 25.98 -3.13
C ASP H 10 -20.65 26.11 -2.16
N GLY H 11 -19.70 25.17 -2.25
CA GLY H 11 -18.42 25.31 -1.56
C GLY H 11 -18.35 24.82 -0.11
N HIS H 12 -19.42 24.22 0.41
CA HIS H 12 -19.33 23.62 1.74
C HIS H 12 -18.44 22.38 1.71
N GLU H 13 -17.56 22.27 2.69
CA GLU H 13 -16.63 21.15 2.76
C GLU H 13 -17.04 20.22 3.89
N PHE H 14 -17.43 19.01 3.55
CA PHE H 14 -17.90 18.02 4.50
C PHE H 14 -16.81 16.97 4.73
N ILE H 15 -16.32 16.91 5.97
CA ILE H 15 -15.28 15.95 6.31
C ILE H 15 -15.92 14.78 7.07
N VAL H 16 -15.83 13.59 6.49
CA VAL H 16 -16.46 12.40 7.06
C VAL H 16 -15.45 11.26 7.10
N LYS H 17 -15.67 10.31 8.00
CA LYS H 17 -14.80 9.13 8.07
C LYS H 17 -14.77 8.44 6.72
N ARG H 18 -13.57 8.03 6.30
CA ARG H 18 -13.39 7.30 5.05
C ARG H 18 -14.34 6.12 4.99
N GLU H 19 -14.29 5.27 6.01
CA GLU H 19 -15.12 4.07 6.10
C GLU H 19 -16.60 4.41 5.90
N HIS H 20 -17.05 5.54 6.44
CA HIS H 20 -18.43 5.95 6.28
C HIS H 20 -18.72 6.33 4.84
N ALA H 21 -17.80 7.01 4.20
CA ALA H 21 -18.00 7.46 2.84
C ALA H 21 -18.02 6.28 1.87
N LEU H 22 -17.27 5.24 2.21
CA LEU H 22 -17.19 4.05 1.35
C LEU H 22 -18.53 3.27 1.27
N THR H 23 -19.49 3.63 2.12
CA THR H 23 -20.89 3.23 1.97
C THR H 23 -21.37 3.36 0.53
N SER H 24 -21.07 4.51 -0.08
CA SER H 24 -21.38 4.74 -1.48
C SER H 24 -20.36 4.00 -2.35
N GLY H 25 -20.86 3.13 -3.23
CA GLY H 25 -20.00 2.46 -4.20
C GLY H 25 -19.36 3.47 -5.13
N THR H 26 -20.12 4.47 -5.52
CA THR H 26 -19.66 5.52 -6.40
C THR H 26 -18.53 6.30 -5.77
N ILE H 27 -18.71 6.75 -4.53
CA ILE H 27 -17.65 7.48 -3.82
C ILE H 27 -16.43 6.60 -3.63
N LYS H 28 -16.62 5.33 -3.28
CA LYS H 28 -15.50 4.42 -3.16
C LYS H 28 -14.71 4.36 -4.46
N ALA H 29 -15.43 4.33 -5.57
CA ALA H 29 -14.82 4.38 -6.90
C ALA H 29 -14.22 5.76 -7.17
N MET H 30 -14.97 6.83 -6.84
CA MET H 30 -14.48 8.22 -7.02
C MET H 30 -13.17 8.46 -6.27
N LEU H 31 -13.00 7.82 -5.12
CA LEU H 31 -11.76 7.94 -4.36
C LEU H 31 -10.61 7.15 -5.00
N SER H 32 -10.91 6.02 -5.62
CA SER H 32 -9.89 5.26 -6.34
C SER H 32 -9.57 5.83 -7.73
N GLY H 33 -10.34 6.82 -8.18
CA GLY H 33 -10.07 7.50 -9.44
C GLY H 33 -10.39 6.65 -10.65
N THR H 42 -7.78 10.06 -4.56
CA THR H 42 -8.01 11.36 -3.95
C THR H 42 -8.61 11.22 -2.54
N ASN H 43 -8.32 12.20 -1.68
CA ASN H 43 -9.00 12.32 -0.38
C ASN H 43 -10.09 13.39 -0.38
N GLU H 44 -10.16 14.16 -1.47
CA GLU H 44 -11.26 15.10 -1.67
C GLU H 44 -12.09 14.67 -2.87
N VAL H 45 -13.37 15.01 -2.84
CA VAL H 45 -14.25 14.83 -3.99
C VAL H 45 -15.14 16.05 -4.15
N ASN H 46 -15.17 16.60 -5.34
CA ASN H 46 -15.99 17.76 -5.63
C ASN H 46 -17.29 17.35 -6.31
N PHE H 47 -18.41 17.84 -5.80
CA PHE H 47 -19.71 17.58 -6.40
C PHE H 47 -20.30 18.89 -6.91
N ARG H 48 -19.95 19.25 -8.15
CA ARG H 48 -20.41 20.50 -8.75
C ARG H 48 -21.94 20.62 -8.90
N GLU H 49 -22.67 19.51 -8.84
CA GLU H 49 -24.13 19.54 -8.99
C GLU H 49 -24.89 19.37 -7.70
N ILE H 50 -24.20 19.14 -6.58
CA ILE H 50 -24.90 18.77 -5.36
C ILE H 50 -24.72 19.87 -4.33
N PRO H 51 -25.79 20.63 -4.04
CA PRO H 51 -25.68 21.74 -3.09
C PRO H 51 -25.63 21.24 -1.66
N SER H 52 -25.23 22.10 -0.73
CA SER H 52 -24.96 21.70 0.66
C SER H 52 -26.20 21.19 1.38
N HIS H 53 -27.37 21.76 1.10
CA HIS H 53 -28.58 21.27 1.74
C HIS H 53 -28.90 19.84 1.33
N VAL H 54 -28.32 19.37 0.23
CA VAL H 54 -28.44 17.97 -0.18
C VAL H 54 -27.26 17.16 0.33
N LEU H 55 -26.04 17.66 0.16
CA LEU H 55 -24.85 16.86 0.49
C LEU H 55 -24.71 16.60 2.00
N SER H 56 -25.13 17.57 2.82
CA SER H 56 -25.10 17.40 4.28
C SER H 56 -25.96 16.19 4.68
N LYS H 57 -27.12 16.08 4.05
CA LYS H 57 -28.02 14.93 4.25
C LYS H 57 -27.39 13.61 3.79
N VAL H 58 -26.72 13.63 2.65
CA VAL H 58 -26.01 12.45 2.19
C VAL H 58 -25.03 11.96 3.28
N CYS H 59 -24.34 12.89 3.94
CA CYS H 59 -23.41 12.53 5.03
C CYS H 59 -24.12 11.95 6.26
N MET H 60 -25.28 12.51 6.60
CA MET H 60 -26.08 11.95 7.69
C MET H 60 -26.49 10.52 7.33
N TYR H 61 -26.88 10.28 6.08
CA TYR H 61 -27.27 8.92 5.67
C TYR H 61 -26.11 7.93 5.90
N PHE H 62 -24.89 8.33 5.55
CA PHE H 62 -23.71 7.48 5.81
C PHE H 62 -23.64 7.09 7.27
N THR H 63 -23.78 8.07 8.15
CA THR H 63 -23.73 7.81 9.58
C THR H 63 -24.80 6.83 9.99
N TYR H 64 -26.01 7.09 9.51
CA TYR H 64 -27.19 6.30 9.78
C TYR H 64 -26.99 4.86 9.31
N LYS H 65 -26.53 4.70 8.07
CA LYS H 65 -26.37 3.36 7.52
C LYS H 65 -25.34 2.53 8.30
N VAL H 66 -24.23 3.14 8.68
CA VAL H 66 -23.17 2.44 9.40
C VAL H 66 -23.65 2.08 10.80
N ARG H 67 -24.38 2.98 11.45
CA ARG H 67 -24.86 2.75 12.80
C ARG H 67 -25.88 1.60 12.83
N TYR H 68 -26.84 1.62 11.92
CA TYR H 68 -27.99 0.73 12.01
C TYR H 68 -27.95 -0.55 11.15
N THR H 69 -26.97 -0.68 10.26
CA THR H 69 -26.80 -1.92 9.52
C THR H 69 -26.29 -3.02 10.45
N ASN H 70 -26.96 -4.17 10.41
CA ASN H 70 -26.57 -5.32 11.24
C ASN H 70 -26.58 -5.00 12.74
N SER H 71 -27.60 -4.26 13.19
CA SER H 71 -27.73 -3.85 14.59
C SER H 71 -28.98 -4.44 15.23
N SER H 72 -28.92 -4.65 16.54
CA SER H 72 -30.03 -5.21 17.31
C SER H 72 -31.03 -4.13 17.72
N THR H 73 -30.55 -2.90 17.93
CA THR H 73 -31.40 -1.81 18.37
C THR H 73 -32.43 -1.44 17.29
N GLU H 74 -33.63 -1.09 17.73
CA GLU H 74 -34.71 -0.71 16.81
C GLU H 74 -34.27 0.43 15.89
N ILE H 75 -34.57 0.29 14.61
CA ILE H 75 -34.09 1.21 13.59
C ILE H 75 -35.12 2.31 13.41
N PRO H 76 -34.71 3.58 13.55
CA PRO H 76 -35.64 4.68 13.32
C PRO H 76 -35.66 5.04 11.85
N GLU H 77 -36.68 5.80 11.45
CA GLU H 77 -36.83 6.30 10.08
C GLU H 77 -35.71 7.27 9.71
N PHE H 78 -35.23 7.21 8.48
CA PHE H 78 -34.33 8.25 7.99
C PHE H 78 -35.18 9.44 7.52
N PRO H 79 -35.02 10.62 8.15
CA PRO H 79 -35.90 11.74 7.84
C PRO H 79 -35.44 12.53 6.62
N ILE H 80 -36.40 12.95 5.80
CA ILE H 80 -36.12 13.75 4.61
C ILE H 80 -37.23 14.79 4.47
N ALA H 81 -36.87 16.06 4.61
CA ALA H 81 -37.84 17.15 4.50
C ALA H 81 -38.37 17.22 3.07
N PRO H 82 -39.67 17.55 2.91
CA PRO H 82 -40.24 17.63 1.57
C PRO H 82 -39.46 18.56 0.65
N GLU H 83 -38.95 19.67 1.18
CA GLU H 83 -38.29 20.69 0.37
C GLU H 83 -36.98 20.20 -0.30
N ILE H 84 -36.34 19.18 0.27
CA ILE H 84 -35.09 18.66 -0.29
C ILE H 84 -35.24 17.32 -1.00
N ALA H 85 -36.41 16.70 -0.92
CA ALA H 85 -36.61 15.33 -1.44
C ALA H 85 -36.23 15.15 -2.91
N LEU H 86 -36.70 16.03 -3.78
CA LEU H 86 -36.42 15.90 -5.21
C LEU H 86 -34.92 15.89 -5.46
N GLU H 87 -34.24 16.88 -4.92
CA GLU H 87 -32.81 17.05 -5.12
C GLU H 87 -32.03 15.87 -4.53
N LEU H 88 -32.42 15.42 -3.35
CA LEU H 88 -31.76 14.29 -2.70
C LEU H 88 -31.93 13.00 -3.51
N LEU H 89 -33.10 12.81 -4.10
CA LEU H 89 -33.33 11.66 -4.98
C LEU H 89 -32.38 11.64 -6.17
N MET H 90 -32.19 12.79 -6.81
CA MET H 90 -31.24 12.88 -7.94
C MET H 90 -29.84 12.50 -7.47
N ALA H 91 -29.43 13.04 -6.34
CA ALA H 91 -28.10 12.78 -5.80
C ALA H 91 -27.91 11.31 -5.46
N ALA H 92 -28.91 10.71 -4.83
CA ALA H 92 -28.83 9.31 -4.40
C ALA H 92 -28.62 8.35 -5.58
N ASN H 93 -29.27 8.64 -6.70
CA ASN H 93 -29.01 7.87 -7.93
C ASN H 93 -27.50 7.81 -8.22
N PHE H 94 -26.91 8.99 -8.46
CA PHE H 94 -25.51 9.11 -8.89
C PHE H 94 -24.52 8.48 -7.91
N LEU H 95 -24.74 8.68 -6.61
CA LEU H 95 -23.81 8.19 -5.61
C LEU H 95 -23.93 6.70 -5.32
N ASP H 96 -25.05 6.08 -5.70
CA ASP H 96 -25.34 4.70 -5.29
C ASP H 96 -25.43 4.65 -3.75
N CYS H 97 -25.77 5.79 -3.09
CA CYS H 97 -26.01 5.80 -1.64
C CYS H 97 -27.32 4.97 -1.36
N VAL I 11 -44.24 -22.26 -5.53
CA VAL I 11 -43.05 -22.56 -4.68
C VAL I 11 -43.18 -21.91 -3.30
N LEU I 12 -43.37 -20.59 -3.26
CA LEU I 12 -43.62 -19.87 -2.00
C LEU I 12 -45.10 -19.92 -1.60
N ARG I 13 -45.43 -20.88 -0.74
CA ARG I 13 -46.79 -21.03 -0.23
C ARG I 13 -46.73 -21.62 1.17
N SER I 14 -47.82 -21.50 1.92
CA SER I 14 -47.88 -22.10 3.26
C SER I 14 -48.09 -23.60 3.11
N VAL I 15 -47.50 -24.35 4.03
CA VAL I 15 -47.80 -25.77 4.19
C VAL I 15 -49.10 -25.90 4.97
N ASN I 16 -50.03 -26.71 4.49
CA ASN I 16 -51.29 -26.95 5.24
C ASN I 16 -51.07 -28.01 6.32
N SER I 17 -50.29 -27.65 7.34
CA SER I 17 -49.94 -28.60 8.41
C SER I 17 -51.08 -28.80 9.40
N ARG I 18 -51.91 -27.79 9.59
CA ARG I 18 -52.97 -27.81 10.60
C ARG I 18 -52.37 -28.04 11.99
N GLU I 19 -51.14 -27.60 12.20
CA GLU I 19 -50.50 -27.68 13.50
C GLU I 19 -50.44 -26.28 14.09
N PRO I 20 -51.27 -26.00 15.11
CA PRO I 20 -51.28 -24.64 15.64
C PRO I 20 -49.90 -24.16 16.11
N SER I 21 -49.63 -22.88 15.87
CA SER I 21 -48.41 -22.23 16.31
C SER I 21 -48.81 -20.81 16.74
N GLN I 22 -48.53 -20.48 18.00
CA GLN I 22 -48.85 -19.17 18.55
C GLN I 22 -47.67 -18.23 18.39
N VAL I 23 -47.98 -17.02 17.93
CA VAL I 23 -46.99 -16.06 17.49
C VAL I 23 -47.32 -14.70 18.09
N ILE I 24 -46.28 -13.95 18.46
CA ILE I 24 -46.43 -12.53 18.73
C ILE I 24 -45.94 -11.74 17.53
N PHE I 25 -46.85 -11.03 16.87
CA PHE I 25 -46.48 -10.04 15.88
C PHE I 25 -46.14 -8.77 16.65
N CAS I 26 -44.88 -8.37 16.62
CA CAS I 26 -44.43 -7.23 17.42
CB CAS I 26 -43.32 -7.70 18.35
C CAS I 26 -43.92 -6.20 16.47
O CAS I 26 -42.92 -6.43 15.80
SG CAS I 26 -42.58 -6.39 19.27
AS CAS I 26 -44.27 -5.62 20.47
CE1 CAS I 26 -43.98 -3.68 20.68
CE2 CAS I 26 -44.19 -6.47 22.26
N ASN I 27 -44.62 -5.08 16.36
CA ASN I 27 -44.27 -4.05 15.37
C ASN I 27 -43.28 -3.03 15.96
N ARG I 28 -41.99 -3.30 15.79
CA ARG I 28 -40.92 -2.41 16.22
C ARG I 28 -40.47 -1.48 15.09
N SER I 29 -41.43 -0.89 14.38
CA SER I 29 -41.14 0.05 13.31
C SER I 29 -42.02 1.26 13.51
N PRO I 30 -41.70 2.35 12.81
CA PRO I 30 -42.58 3.51 12.84
C PRO I 30 -43.73 3.44 11.85
N ARG I 31 -43.90 2.32 11.14
CA ARG I 31 -44.93 2.17 10.11
C ARG I 31 -46.17 1.43 10.63
N VAL I 32 -47.31 1.68 10.00
CA VAL I 32 -48.49 0.84 10.20
C VAL I 32 -48.23 -0.40 9.36
N VAL I 33 -48.23 -1.57 10.00
CA VAL I 33 -47.81 -2.80 9.35
C VAL I 33 -49.00 -3.61 8.87
N LEU I 34 -48.87 -4.12 7.65
CA LEU I 34 -49.81 -5.04 7.06
C LEU I 34 -49.14 -6.42 7.04
N PRO I 35 -49.59 -7.33 7.91
CA PRO I 35 -49.15 -8.71 7.83
C PRO I 35 -49.80 -9.36 6.62
N VAL I 36 -49.03 -10.14 5.89
CA VAL I 36 -49.51 -10.79 4.68
C VAL I 36 -49.22 -12.27 4.79
N TRP I 37 -50.29 -13.09 4.71
CA TRP I 37 -50.16 -14.54 4.78
C TRP I 37 -50.16 -15.10 3.36
N LEU I 38 -49.18 -15.93 3.05
CA LEU I 38 -49.18 -16.62 1.79
C LEU I 38 -50.06 -17.86 1.95
N ASN I 39 -51.16 -17.93 1.21
CA ASN I 39 -52.09 -19.01 1.38
C ASN I 39 -51.59 -20.28 0.68
N PHE I 40 -52.40 -21.34 0.68
CA PHE I 40 -51.93 -22.65 0.24
C PHE I 40 -51.65 -22.72 -1.27
N ASP I 41 -52.24 -21.79 -2.03
CA ASP I 41 -51.90 -21.56 -3.44
C ASP I 41 -50.77 -20.56 -3.66
N GLY I 42 -50.20 -20.01 -2.59
CA GLY I 42 -49.15 -19.01 -2.72
C GLY I 42 -49.65 -17.60 -2.95
N GLU I 43 -50.97 -17.40 -2.83
CA GLU I 43 -51.58 -16.08 -3.02
C GLU I 43 -51.46 -15.26 -1.73
N PRO I 44 -50.99 -14.00 -1.82
CA PRO I 44 -50.90 -13.18 -0.60
C PRO I 44 -52.27 -12.83 -0.04
N GLN I 45 -52.43 -12.97 1.28
CA GLN I 45 -53.70 -12.71 1.93
C GLN I 45 -53.48 -11.69 3.05
N PRO I 46 -53.98 -10.47 2.88
CA PRO I 46 -53.76 -9.48 3.92
C PRO I 46 -54.51 -9.75 5.21
N TYR I 47 -53.88 -9.41 6.33
CA TYR I 47 -54.45 -9.56 7.65
C TYR I 47 -54.56 -8.19 8.30
N PRO I 48 -55.22 -8.10 9.47
CA PRO I 48 -55.43 -6.79 10.06
C PRO I 48 -54.13 -6.03 10.38
N THR I 49 -54.16 -4.72 10.22
CA THR I 49 -52.96 -3.92 10.35
C THR I 49 -52.58 -3.70 11.81
N LEU I 50 -51.31 -3.37 12.01
CA LEU I 50 -50.72 -3.20 13.33
C LEU I 50 -50.12 -1.80 13.45
N PRO I 51 -50.68 -0.96 14.34
CA PRO I 51 -50.11 0.39 14.49
C PRO I 51 -48.68 0.31 15.00
N PRO I 52 -47.89 1.38 14.77
CA PRO I 52 -46.49 1.38 15.19
C PRO I 52 -46.35 1.12 16.69
N GLY I 53 -45.36 0.31 17.06
CA GLY I 53 -45.04 0.07 18.46
C GLY I 53 -45.97 -0.90 19.18
N THR I 54 -46.90 -1.53 18.46
CA THR I 54 -47.85 -2.42 19.08
C THR I 54 -47.53 -3.88 18.75
N GLY I 55 -48.03 -4.78 19.59
CA GLY I 55 -47.84 -6.21 19.43
C GLY I 55 -49.15 -6.94 19.63
N ARG I 56 -49.33 -8.05 18.92
CA ARG I 56 -50.51 -8.89 19.09
C ARG I 56 -50.14 -10.35 19.10
N ARG I 57 -50.80 -11.09 19.98
CA ARG I 57 -50.66 -12.54 20.03
C ARG I 57 -51.71 -13.09 19.09
N ILE I 58 -51.27 -13.92 18.15
CA ILE I 58 -52.11 -14.37 17.08
C ILE I 58 -51.91 -15.87 16.84
N HIS I 59 -52.93 -16.48 16.23
CA HIS I 59 -52.95 -17.91 16.00
C HIS I 59 -52.58 -18.21 14.56
N SER I 60 -51.43 -18.85 14.36
CA SER I 60 -51.01 -19.29 13.04
C SER I 60 -50.72 -20.79 13.09
N TYR I 61 -49.96 -21.29 12.14
CA TYR I 61 -49.69 -22.73 12.03
C TYR I 61 -48.26 -22.96 11.58
N ARG I 62 -47.72 -24.11 11.94
CA ARG I 62 -46.35 -24.39 11.66
C ARG I 62 -46.17 -24.57 10.17
N GLY I 63 -45.10 -24.00 9.62
CA GLY I 63 -44.86 -24.07 8.19
C GLY I 63 -45.68 -23.08 7.36
N HIS I 64 -46.42 -22.19 8.00
CA HIS I 64 -47.08 -21.12 7.26
C HIS I 64 -46.08 -20.01 6.94
N LEU I 65 -46.30 -19.30 5.84
CA LEU I 65 -45.40 -18.22 5.41
C LEU I 65 -46.07 -16.86 5.55
N TRP I 66 -45.29 -15.93 6.11
CA TRP I 66 -45.73 -14.55 6.32
C TRP I 66 -44.69 -13.56 5.83
N LEU I 67 -45.15 -12.39 5.40
CA LEU I 67 -44.28 -11.24 5.23
C LEU I 67 -45.02 -9.98 5.68
N PHE I 68 -44.28 -8.88 5.80
CA PHE I 68 -44.82 -7.68 6.42
C PHE I 68 -44.47 -6.46 5.60
N ARG I 69 -45.44 -5.55 5.48
CA ARG I 69 -45.31 -4.37 4.65
C ARG I 69 -45.90 -3.17 5.34
N ASP I 70 -45.48 -1.99 4.89
CA ASP I 70 -46.18 -0.76 5.18
C ASP I 70 -47.59 -0.87 4.58
N ALA I 71 -48.59 -0.71 5.42
CA ALA I 71 -49.98 -0.88 5.01
C ALA I 71 -50.44 0.15 4.00
N GLY I 72 -49.81 1.32 4.01
CA GLY I 72 -50.21 2.42 3.14
C GLY I 72 -49.45 2.44 1.82
N THR I 73 -48.16 2.18 1.86
CA THR I 73 -47.29 2.29 0.69
C THR I 73 -46.80 0.96 0.13
N HIS I 74 -46.97 -0.11 0.89
CA HIS I 74 -46.42 -1.43 0.57
C HIS I 74 -44.89 -1.53 0.58
N ASP I 75 -44.20 -0.52 1.12
CA ASP I 75 -42.76 -0.63 1.35
C ASP I 75 -42.46 -1.93 2.11
N GLY I 76 -41.35 -2.55 1.78
CA GLY I 76 -40.95 -3.82 2.38
C GLY I 76 -40.44 -3.61 3.79
N LEU I 77 -40.77 -4.56 4.67
CA LEU I 77 -40.28 -4.54 6.06
C LEU I 77 -39.59 -5.85 6.35
N LEU I 78 -38.79 -5.87 7.41
CA LEU I 78 -38.12 -7.11 7.82
C LEU I 78 -38.86 -7.72 8.97
N VAL I 79 -38.75 -9.04 9.09
CA VAL I 79 -39.27 -9.77 10.24
C VAL I 79 -38.18 -10.71 10.69
N ASN I 80 -37.80 -10.60 11.97
CA ASN I 80 -36.59 -11.24 12.50
C ASN I 80 -35.39 -11.14 11.56
N GLN I 81 -35.14 -9.93 11.07
CA GLN I 81 -34.02 -9.59 10.22
C GLN I 81 -34.01 -10.24 8.83
N THR I 82 -35.15 -10.78 8.39
CA THR I 82 -35.22 -11.38 7.07
C THR I 82 -36.58 -11.11 6.41
N GLU I 83 -36.78 -11.69 5.24
CA GLU I 83 -37.94 -11.38 4.41
C GLU I 83 -39.20 -12.12 4.84
N LEU I 84 -39.05 -13.40 5.11
CA LEU I 84 -40.18 -14.29 5.38
C LEU I 84 -40.15 -14.77 6.84
N PHE I 85 -41.32 -14.91 7.43
CA PHE I 85 -41.44 -15.52 8.74
C PHE I 85 -42.26 -16.81 8.65
N VAL I 86 -41.72 -17.89 9.21
CA VAL I 86 -42.37 -19.20 9.24
C VAL I 86 -42.56 -19.61 10.69
N PRO I 87 -43.81 -19.68 11.17
CA PRO I 87 -44.00 -20.13 12.56
C PRO I 87 -43.47 -21.53 12.75
N SER I 88 -42.79 -21.74 13.87
CA SER I 88 -42.26 -23.04 14.20
C SER I 88 -43.05 -23.61 15.38
N LEU I 89 -42.61 -24.76 15.83
CA LEU I 89 -43.14 -25.41 17.03
C LEU I 89 -42.96 -24.53 18.27
N ASN I 90 -44.04 -24.28 19.00
CA ASN I 90 -43.95 -23.66 20.33
C ASN I 90 -43.39 -24.67 21.31
N VAL I 91 -42.30 -24.33 21.97
CA VAL I 91 -41.78 -25.17 23.04
C VAL I 91 -42.22 -24.60 24.38
N ASP I 92 -42.77 -25.48 25.22
CA ASP I 92 -43.13 -25.14 26.59
C ASP I 92 -44.08 -23.95 26.71
N GLY I 93 -45.08 -23.90 25.83
CA GLY I 93 -46.05 -22.82 25.84
C GLY I 93 -45.56 -21.44 25.43
N GLN I 94 -44.31 -21.32 24.99
CA GLN I 94 -43.77 -20.03 24.55
C GLN I 94 -44.22 -19.71 23.14
N PRO I 95 -44.79 -18.52 22.93
CA PRO I 95 -45.14 -18.12 21.58
C PRO I 95 -43.88 -17.70 20.80
N ILE I 96 -43.94 -17.75 19.48
CA ILE I 96 -42.80 -17.38 18.65
C ILE I 96 -42.84 -15.88 18.42
N PHE I 97 -41.74 -15.18 18.62
CA PHE I 97 -41.72 -13.75 18.35
C PHE I 97 -41.43 -13.48 16.88
N ALA I 98 -42.31 -12.70 16.24
CA ALA I 98 -42.03 -12.14 14.92
C ALA I 98 -41.80 -10.64 15.09
N ASN I 99 -40.53 -10.25 15.21
CA ASN I 99 -40.18 -8.85 15.39
C ASN I 99 -40.07 -8.16 14.05
N ILE I 100 -40.96 -7.19 13.82
CA ILE I 100 -41.06 -6.48 12.57
C ILE I 100 -40.32 -5.16 12.70
N THR I 101 -39.34 -4.93 11.82
CA THR I 101 -38.51 -3.72 11.84
C THR I 101 -38.39 -3.08 10.47
N LEU I 102 -37.98 -1.81 10.45
CA LEU I 102 -37.57 -1.14 9.22
C LEU I 102 -36.28 -1.77 8.77
N PRO I 103 -36.13 -1.99 7.47
CA PRO I 103 -34.79 -2.24 6.97
C PRO I 103 -34.03 -0.93 6.91
N VAL I 104 -32.73 -1.01 6.69
CA VAL I 104 -31.98 0.15 6.26
C VAL I 104 -32.21 0.31 4.78
N TYR I 105 -33.14 1.18 4.39
CA TYR I 105 -33.38 1.39 2.97
C TYR I 105 -32.16 2.05 2.37
N THR I 106 -31.95 1.84 1.08
CA THR I 106 -30.96 2.62 0.36
C THR I 106 -31.49 4.05 0.36
N LEU I 107 -30.58 5.01 0.22
CA LEU I 107 -30.98 6.41 0.23
C LEU I 107 -31.90 6.65 -0.93
N LYS I 108 -31.57 6.03 -2.07
CA LYS I 108 -32.39 6.16 -3.27
C LYS I 108 -33.82 5.72 -2.98
N GLU I 109 -33.98 4.54 -2.41
CA GLU I 109 -35.33 4.01 -2.18
C GLU I 109 -36.09 4.86 -1.16
N ARG I 110 -35.37 5.31 -0.15
CA ARG I 110 -35.96 6.20 0.81
C ARG I 110 -36.41 7.51 0.15
N CYS I 111 -35.58 8.09 -0.71
CA CYS I 111 -36.01 9.27 -1.42
C CYS I 111 -37.23 8.99 -2.28
N LEU I 112 -37.21 7.86 -2.98
CA LEU I 112 -38.36 7.45 -3.78
C LEU I 112 -39.60 7.41 -2.92
N GLN I 113 -39.47 6.89 -1.70
CA GLN I 113 -40.62 6.81 -0.79
C GLN I 113 -41.21 8.20 -0.50
N VAL I 114 -40.35 9.14 -0.14
CA VAL I 114 -40.83 10.47 0.25
C VAL I 114 -41.50 11.21 -0.92
N VAL I 115 -40.94 11.06 -2.11
CA VAL I 115 -41.44 11.76 -3.29
C VAL I 115 -42.82 11.21 -3.67
N ARG I 116 -42.95 9.88 -3.64
CA ARG I 116 -44.24 9.24 -3.83
C ARG I 116 -45.29 9.75 -2.84
N SER I 117 -44.89 9.91 -1.58
CA SER I 117 -45.79 10.42 -0.55
C SER I 117 -46.23 11.88 -0.76
N LEU I 118 -45.48 12.66 -1.54
CA LEU I 118 -45.76 14.09 -1.71
C LEU I 118 -46.47 14.46 -3.02
N VAL I 119 -46.34 13.59 -4.02
CA VAL I 119 -46.86 13.84 -5.35
C VAL I 119 -47.96 12.84 -5.68
N LYS I 120 -49.04 13.30 -6.28
CA LYS I 120 -50.06 12.39 -6.81
C LYS I 120 -49.49 11.72 -8.05
N PRO I 121 -49.80 10.43 -8.27
CA PRO I 121 -49.16 9.73 -9.40
C PRO I 121 -49.52 10.24 -10.80
N GLU I 122 -50.48 11.16 -10.91
CA GLU I 122 -50.80 11.81 -12.18
C GLU I 122 -49.79 12.91 -12.46
N ASN I 123 -49.25 13.49 -11.39
CA ASN I 123 -48.31 14.60 -11.48
C ASN I 123 -46.84 14.21 -11.32
N TYR I 124 -46.53 12.91 -11.33
CA TYR I 124 -45.13 12.48 -11.33
C TYR I 124 -44.43 13.02 -12.56
N ARG I 125 -45.15 13.03 -13.68
CA ARG I 125 -44.62 13.46 -14.96
C ARG I 125 -44.42 14.99 -15.03
N ARG I 126 -45.13 15.73 -14.18
CA ARG I 126 -44.97 17.18 -14.06
C ARG I 126 -43.71 17.60 -13.27
N LEU I 127 -43.02 16.66 -12.62
CA LEU I 127 -41.80 16.96 -11.87
C LEU I 127 -40.60 17.21 -12.78
N ASP I 128 -39.79 18.21 -12.43
CA ASP I 128 -38.60 18.55 -13.21
C ASP I 128 -37.42 17.64 -12.82
N ILE I 129 -37.42 16.43 -13.36
CA ILE I 129 -36.44 15.39 -13.03
C ILE I 129 -36.26 14.48 -14.24
N VAL I 130 -35.13 13.78 -14.32
CA VAL I 130 -34.87 12.87 -15.44
C VAL I 130 -35.95 11.77 -15.53
N ARG I 131 -36.18 11.28 -16.76
CA ARG I 131 -37.31 10.40 -17.06
C ARG I 131 -37.21 9.02 -16.43
N SER I 132 -35.99 8.47 -16.34
CA SER I 132 -35.76 7.20 -15.63
C SER I 132 -36.35 7.25 -14.19
N LEU I 133 -36.23 8.40 -13.54
CA LEU I 133 -36.82 8.56 -12.20
C LEU I 133 -38.36 8.53 -12.23
N TYR I 134 -39.00 9.01 -13.31
CA TYR I 134 -40.46 8.85 -13.43
C TYR I 134 -40.83 7.36 -13.32
N GLU I 135 -40.01 6.52 -13.95
CA GLU I 135 -40.21 5.06 -13.93
C GLU I 135 -39.98 4.49 -12.56
N ASP I 136 -38.90 4.91 -11.90
CA ASP I 136 -38.63 4.46 -10.55
C ASP I 136 -39.82 4.81 -9.65
N LEU I 137 -40.35 6.02 -9.82
CA LEU I 137 -41.50 6.47 -9.02
C LEU I 137 -42.79 5.66 -9.26
N GLU I 138 -43.02 5.28 -10.51
CA GLU I 138 -44.20 4.48 -10.86
C GLU I 138 -44.07 3.00 -10.50
N ASP I 139 -42.85 2.51 -10.34
CA ASP I 139 -42.58 1.13 -10.01
C ASP I 139 -42.76 0.91 -8.49
N HIS I 140 -44.01 0.99 -8.02
CA HIS I 140 -44.32 0.96 -6.59
C HIS I 140 -43.91 -0.36 -5.96
N PRO I 141 -43.53 -0.32 -4.68
CA PRO I 141 -43.39 -1.59 -3.98
C PRO I 141 -44.65 -2.45 -4.13
N ASN I 142 -44.45 -3.74 -4.27
CA ASN I 142 -45.52 -4.63 -4.72
C ASN I 142 -45.18 -6.03 -4.22
N VAL I 143 -46.09 -6.64 -3.47
CA VAL I 143 -45.83 -7.95 -2.90
C VAL I 143 -45.63 -9.02 -3.99
N GLN I 144 -46.50 -9.05 -5.00
CA GLN I 144 -46.42 -10.09 -6.03
C GLN I 144 -45.06 -10.02 -6.72
N LYS I 145 -44.57 -8.80 -6.97
CA LYS I 145 -43.25 -8.60 -7.57
C LYS I 145 -42.14 -9.19 -6.69
N ASP I 146 -42.22 -8.92 -5.38
CA ASP I 146 -41.22 -9.44 -4.45
C ASP I 146 -41.22 -10.95 -4.37
N LEU I 147 -42.39 -11.55 -4.45
CA LEU I 147 -42.49 -13.01 -4.46
C LEU I 147 -41.83 -13.59 -5.70
N GLU I 148 -42.05 -12.93 -6.85
CA GLU I 148 -41.38 -13.30 -8.10
C GLU I 148 -39.86 -13.22 -7.94
N ARG I 149 -39.37 -12.09 -7.43
CA ARG I 149 -37.93 -11.90 -7.17
C ARG I 149 -37.38 -12.95 -6.22
N LEU I 150 -38.02 -13.09 -5.06
CA LEU I 150 -37.58 -14.08 -4.08
C LEU I 150 -37.44 -15.45 -4.73
N THR I 151 -38.53 -15.92 -5.33
CA THR I 151 -38.56 -17.21 -6.03
C THR I 151 -37.39 -17.40 -7.00
N GLN I 152 -36.99 -16.35 -7.72
CA GLN I 152 -35.88 -16.45 -8.68
C GLN I 152 -34.53 -16.73 -8.01
N GLU I 153 -34.19 -15.91 -7.00
CA GLU I 153 -32.91 -16.06 -6.28
C GLU I 153 -32.86 -17.39 -5.53
N MET J 1 9.92 -24.85 42.56
CA MET J 1 9.00 -24.43 41.49
C MET J 1 9.77 -23.60 40.47
N ASP J 2 9.46 -23.78 39.19
CA ASP J 2 10.03 -22.98 38.13
C ASP J 2 9.22 -21.70 37.91
N VAL J 3 9.94 -20.62 37.59
CA VAL J 3 9.36 -19.38 37.12
C VAL J 3 9.93 -19.10 35.74
N PHE J 4 9.10 -18.57 34.84
CA PHE J 4 9.47 -18.34 33.45
C PHE J 4 9.42 -16.86 33.15
N LEU J 5 10.54 -16.36 32.62
CA LEU J 5 10.83 -14.93 32.58
C LEU J 5 11.22 -14.44 31.20
N MET J 6 10.99 -13.16 30.96
CA MET J 6 11.65 -12.42 29.90
C MET J 6 12.52 -11.38 30.60
N ILE J 7 13.82 -11.37 30.34
CA ILE J 7 14.69 -10.32 30.87
C ILE J 7 14.90 -9.33 29.74
N ARG J 8 14.43 -8.10 29.94
CA ARG J 8 14.28 -7.17 28.84
C ARG J 8 15.07 -5.87 29.03
N ARG J 9 15.81 -5.50 27.98
CA ARG J 9 16.53 -4.23 27.95
C ARG J 9 16.49 -3.71 26.54
N HIS J 10 16.08 -2.47 26.39
CA HIS J 10 16.08 -1.82 25.08
C HIS J 10 15.35 -2.73 24.09
N LYS J 11 16.01 -3.24 23.05
CA LYS J 11 15.35 -4.16 22.10
C LYS J 11 15.83 -5.61 22.26
N THR J 12 16.32 -5.92 23.45
CA THR J 12 16.83 -7.23 23.80
C THR J 12 15.86 -7.89 24.77
N THR J 13 15.52 -9.16 24.48
CA THR J 13 14.66 -9.95 25.35
C THR J 13 15.23 -11.36 25.50
N ILE J 14 15.62 -11.69 26.72
CA ILE J 14 16.11 -13.01 27.05
C ILE J 14 14.98 -13.86 27.63
N PHE J 15 14.72 -15.01 27.03
CA PHE J 15 13.79 -15.97 27.59
C PHE J 15 14.54 -16.96 28.44
N THR J 16 14.17 -17.08 29.70
CA THR J 16 14.83 -18.04 30.57
C THR J 16 13.91 -18.40 31.72
N ASP J 17 14.24 -19.49 32.38
CA ASP J 17 13.54 -19.89 33.58
C ASP J 17 14.53 -19.98 34.71
N ALA J 18 14.00 -20.06 35.91
CA ALA J 18 14.81 -20.16 37.13
C ALA J 18 13.91 -20.70 38.22
N LYS J 19 14.50 -21.09 39.35
CA LYS J 19 13.69 -21.55 40.47
C LYS J 19 13.16 -20.37 41.25
N GLU J 20 11.99 -20.57 41.84
CA GLU J 20 11.42 -19.57 42.73
C GLU J 20 12.36 -19.24 43.90
N SER J 21 13.12 -20.24 44.37
CA SER J 21 14.05 -20.08 45.48
C SER J 21 15.40 -19.47 45.06
N SER J 22 15.63 -19.34 43.76
CA SER J 22 16.90 -18.81 43.27
C SER J 22 16.92 -17.30 43.44
N THR J 23 18.11 -16.72 43.34
CA THR J 23 18.29 -15.33 43.75
C THR J 23 18.40 -14.42 42.56
N VAL J 24 18.21 -13.13 42.82
CA VAL J 24 18.41 -12.08 41.83
C VAL J 24 19.86 -12.12 41.30
N PHE J 25 20.83 -12.33 42.18
CA PHE J 25 22.22 -12.47 41.73
C PHE J 25 22.37 -13.60 40.73
N GLU J 26 21.76 -14.74 41.03
CA GLU J 26 21.85 -15.90 40.12
C GLU J 26 21.26 -15.60 38.74
N LEU J 27 20.24 -14.74 38.71
CA LEU J 27 19.69 -14.26 37.45
C LEU J 27 20.68 -13.36 36.69
N LYS J 28 21.42 -12.52 37.42
CA LYS J 28 22.49 -11.72 36.83
C LYS J 28 23.60 -12.59 36.22
N ARG J 29 23.90 -13.73 36.85
CA ARG J 29 24.88 -14.66 36.28
C ARG J 29 24.41 -15.20 34.91
N ILE J 30 23.12 -15.47 34.79
CA ILE J 30 22.54 -15.88 33.50
C ILE J 30 22.72 -14.77 32.45
N VAL J 31 22.37 -13.55 32.83
CA VAL J 31 22.54 -12.41 31.96
C VAL J 31 24.00 -12.27 31.52
N GLU J 32 24.93 -12.42 32.47
CA GLU J 32 26.36 -12.32 32.19
C GLU J 32 26.80 -13.29 31.10
N GLY J 33 26.39 -14.54 31.22
CA GLY J 33 26.75 -15.57 30.25
C GLY J 33 26.30 -15.18 28.85
N ILE J 34 25.16 -14.50 28.76
CA ILE J 34 24.56 -14.18 27.48
C ILE J 34 25.08 -12.84 26.94
N LEU J 35 24.95 -11.78 27.74
CA LEU J 35 25.29 -10.43 27.28
C LEU J 35 26.67 -9.95 27.69
N LYS J 36 27.44 -10.81 28.37
CA LYS J 36 28.86 -10.55 28.66
C LYS J 36 29.11 -9.32 29.49
N ARG J 37 28.28 -9.12 30.50
CA ARG J 37 28.45 -8.05 31.46
C ARG J 37 28.31 -8.62 32.85
N PRO J 38 29.27 -8.32 33.73
CA PRO J 38 29.24 -8.92 35.05
C PRO J 38 28.07 -8.40 35.90
N PRO J 39 27.66 -9.17 36.93
CA PRO J 39 26.55 -8.78 37.78
C PRO J 39 26.64 -7.37 38.33
N ASP J 40 27.82 -6.92 38.72
CA ASP J 40 27.97 -5.57 39.30
C ASP J 40 27.73 -4.44 38.30
N GLU J 41 27.68 -4.76 37.01
CA GLU J 41 27.35 -3.77 35.97
C GLU J 41 25.91 -3.86 35.50
N GLN J 42 25.10 -4.65 36.22
CA GLN J 42 23.66 -4.80 35.93
C GLN J 42 22.78 -4.32 37.07
N ARG J 43 21.63 -3.77 36.71
CA ARG J 43 20.54 -3.57 37.63
C ARG J 43 19.35 -4.34 37.07
N LEU J 44 18.68 -5.13 37.91
CA LEU J 44 17.45 -5.81 37.51
C LEU J 44 16.27 -5.17 38.22
N TYR J 45 15.13 -5.14 37.52
CA TYR J 45 13.95 -4.46 38.03
C TYR J 45 12.70 -5.32 37.96
N LYS J 46 11.82 -5.13 38.94
CA LYS J 46 10.45 -5.58 38.80
C LYS J 46 9.60 -4.33 38.64
N ASP J 47 9.10 -4.11 37.43
CA ASP J 47 8.52 -2.83 37.06
C ASP J 47 9.58 -1.75 37.31
N ASP J 48 9.30 -0.76 38.15
CA ASP J 48 10.27 0.28 38.45
C ASP J 48 11.11 -0.03 39.69
N GLN J 49 10.87 -1.18 40.33
CA GLN J 49 11.56 -1.50 41.57
C GLN J 49 12.89 -2.23 41.38
N LEU J 50 13.96 -1.62 41.89
CA LEU J 50 15.28 -2.21 41.83
C LEU J 50 15.33 -3.48 42.66
N LEU J 51 15.82 -4.57 42.08
CA LEU J 51 15.87 -5.84 42.78
C LEU J 51 17.22 -6.01 43.49
N ASP J 52 17.21 -6.47 44.74
CA ASP J 52 18.43 -6.69 45.53
C ASP J 52 18.99 -8.09 45.27
N ASP J 53 20.31 -8.17 45.07
CA ASP J 53 20.97 -9.43 44.75
C ASP J 53 20.60 -10.60 45.66
N GLY J 54 20.45 -10.32 46.95
CA GLY J 54 20.27 -11.39 47.95
C GLY J 54 18.87 -11.97 48.04
N LYS J 55 17.90 -11.37 47.37
CA LYS J 55 16.50 -11.79 47.48
C LYS J 55 16.19 -12.92 46.52
N THR J 56 15.26 -13.77 46.91
CA THR J 56 14.79 -14.82 46.03
C THR J 56 13.78 -14.23 45.06
N LEU J 57 13.63 -14.89 43.93
CA LEU J 57 12.65 -14.46 42.93
C LEU J 57 11.24 -14.53 43.53
N GLY J 58 10.99 -15.52 44.36
CA GLY J 58 9.71 -15.69 45.02
C GLY J 58 9.42 -14.50 45.93
N GLU J 59 10.43 -14.08 46.69
CA GLU J 59 10.28 -12.89 47.54
C GLU J 59 9.98 -11.63 46.73
N CAS J 60 10.52 -11.56 45.52
CA CAS J 60 10.28 -10.42 44.64
CB CAS J 60 11.49 -10.17 43.73
C CAS J 60 9.02 -10.60 43.83
O CAS J 60 8.77 -9.85 42.90
SG CAS J 60 12.89 -9.67 44.67
AS CAS J 60 12.20 -7.79 45.75
CE1 CAS J 60 12.26 -8.24 47.67
CE2 CAS J 60 13.36 -6.20 45.47
N GLY J 61 8.18 -11.57 44.19
CA GLY J 61 6.87 -11.71 43.57
C GLY J 61 6.85 -12.47 42.26
N PHE J 62 7.96 -13.08 41.87
CA PHE J 62 7.95 -13.96 40.70
C PHE J 62 7.60 -15.35 41.19
N THR J 63 6.34 -15.74 40.95
CA THR J 63 5.85 -17.05 41.39
C THR J 63 5.44 -17.91 40.21
N SER J 64 5.41 -19.22 40.44
CA SER J 64 5.13 -20.17 39.37
C SER J 64 3.79 -19.94 38.71
N GLN J 65 2.81 -19.47 39.47
CA GLN J 65 1.48 -19.27 38.90
C GLN J 65 1.30 -17.92 38.20
N THR J 66 2.29 -17.02 38.34
CA THR J 66 2.26 -15.74 37.62
C THR J 66 3.33 -15.65 36.52
N ALA J 67 4.45 -16.33 36.70
CA ALA J 67 5.52 -16.35 35.70
C ALA J 67 5.43 -17.68 34.95
N ARG J 68 4.49 -17.75 34.01
CA ARG J 68 4.10 -19.00 33.35
C ARG J 68 4.86 -19.22 32.03
N PRO J 69 5.09 -20.48 31.65
CA PRO J 69 5.83 -20.73 30.40
C PRO J 69 5.21 -20.00 29.21
N GLN J 70 3.90 -20.06 29.11
CA GLN J 70 3.17 -19.47 28.00
C GLN J 70 2.85 -17.99 28.21
N ALA J 71 3.19 -17.44 29.36
CA ALA J 71 2.95 -16.03 29.67
C ALA J 71 3.99 -15.58 30.71
N PRO J 72 5.26 -15.49 30.28
CA PRO J 72 6.33 -15.27 31.24
C PRO J 72 6.27 -13.87 31.85
N ALA J 73 6.76 -13.74 33.08
CA ALA J 73 6.86 -12.43 33.77
C ALA J 73 8.09 -11.71 33.27
N THR J 74 8.06 -10.38 33.33
CA THR J 74 9.11 -9.52 32.79
C THR J 74 10.04 -8.99 33.89
N VAL J 75 11.34 -9.08 33.66
CA VAL J 75 12.35 -8.50 34.53
C VAL J 75 13.10 -7.48 33.72
N GLY J 76 13.14 -6.24 34.20
CA GLY J 76 13.85 -5.18 33.49
C GLY J 76 15.33 -5.24 33.76
N LEU J 77 16.12 -4.75 32.79
CA LEU J 77 17.58 -4.75 32.88
C LEU J 77 18.15 -3.42 32.40
N ALA J 78 19.10 -2.89 33.18
CA ALA J 78 19.89 -1.71 32.82
C ALA J 78 21.36 -1.96 33.12
N PHE J 79 22.24 -1.48 32.25
CA PHE J 79 23.68 -1.63 32.41
C PHE J 79 24.37 -0.37 32.90
N ARG J 80 25.52 -0.55 33.54
CA ARG J 80 26.40 0.57 33.80
C ARG J 80 27.04 0.99 32.48
N ALA J 81 27.11 2.30 32.24
CA ALA J 81 27.82 2.83 31.09
C ALA J 81 28.75 3.95 31.54
N ASP J 82 30.04 3.66 31.61
CA ASP J 82 31.06 4.62 32.07
C ASP J 82 30.80 5.18 33.47
N ASP J 83 30.70 4.28 34.45
CA ASP J 83 30.56 4.64 35.88
C ASP J 83 29.12 4.73 36.36
N THR J 84 28.26 5.43 35.61
CA THR J 84 26.86 5.59 36.01
C THR J 84 25.95 4.67 35.20
N PHE J 85 24.88 4.21 35.83
CA PHE J 85 23.94 3.30 35.21
C PHE J 85 23.02 4.10 34.30
N GLU J 86 22.74 3.54 33.13
CA GLU J 86 21.70 4.05 32.25
C GLU J 86 20.32 3.83 32.91
N ALA J 87 19.34 4.58 32.43
CA ALA J 87 17.97 4.42 32.90
C ALA J 87 17.39 3.09 32.40
N LEU J 88 16.38 2.59 33.10
CA LEU J 88 15.65 1.43 32.65
C LEU J 88 14.90 1.83 31.40
N CAS J 89 15.11 1.11 30.29
CA CAS J 89 14.39 1.39 29.06
CB CAS J 89 15.22 2.31 28.14
C CAS J 89 14.06 0.07 28.41
O CAS J 89 14.96 -0.71 28.13
SG CAS J 89 14.68 2.19 26.45
AS CAS J 89 13.00 3.66 26.55
CE1 CAS J 89 13.55 5.33 25.64
CE2 CAS J 89 11.41 2.95 25.60
N ILE J 90 12.77 -0.20 28.20
CA ILE J 90 12.32 -1.42 27.52
C ILE J 90 11.46 -1.02 26.32
N GLU J 91 11.93 -1.31 25.11
CA GLU J 91 11.16 -0.95 23.90
C GLU J 91 9.95 -1.87 23.77
N PRO J 92 8.74 -1.30 23.56
CA PRO J 92 7.57 -2.13 23.34
C PRO J 92 7.71 -2.98 22.08
N PHE J 93 7.06 -4.14 22.07
CA PHE J 93 6.96 -4.93 20.85
C PHE J 93 6.07 -4.18 19.89
N SER J 94 6.11 -4.57 18.63
CA SER J 94 5.27 -3.96 17.59
C SER J 94 3.78 -4.09 17.90
N SER J 95 2.98 -3.23 17.31
CA SER J 95 1.52 -3.26 17.49
C SER J 95 0.89 -4.12 16.40
N PRO J 96 0.00 -5.04 16.79
CA PRO J 96 -0.78 -5.77 15.83
C PRO J 96 -1.61 -4.84 14.95
N PRO J 97 -1.87 -5.24 13.70
CA PRO J 97 -2.74 -4.46 12.84
C PRO J 97 -4.19 -4.60 13.27
N GLU J 98 -5.07 -3.78 12.70
CA GLU J 98 -6.51 -3.92 12.91
C GLU J 98 -6.95 -5.33 12.51
N LEU J 99 -7.96 -5.86 13.19
CA LEU J 99 -8.57 -7.12 12.75
C LEU J 99 -9.17 -6.93 11.37
N PRO J 100 -8.79 -7.78 10.38
CA PRO J 100 -9.44 -7.70 9.08
C PRO J 100 -10.95 -7.80 9.20
N ASP J 101 -11.68 -7.24 8.24
CA ASP J 101 -13.15 -7.26 8.27
C ASP J 101 -13.67 -8.62 8.72
N VAL J 102 -13.18 -9.67 8.06
CA VAL J 102 -13.67 -11.03 8.27
C VAL J 102 -13.31 -11.70 9.62
N MET J 103 -12.75 -10.94 10.57
CA MET J 103 -12.42 -11.46 11.92
C MET J 103 -13.14 -10.67 13.02
N MET K 1 25.03 -23.37 29.34
CA MET K 1 23.73 -23.34 28.62
C MET K 1 23.88 -22.60 27.30
N MET K 2 23.63 -23.30 26.18
CA MET K 2 23.67 -22.67 24.86
C MET K 2 22.37 -21.92 24.55
N TYR K 3 22.52 -20.72 24.02
CA TYR K 3 21.41 -19.85 23.67
C TYR K 3 21.55 -19.51 22.19
N VAL K 4 20.48 -19.05 21.56
CA VAL K 4 20.50 -18.54 20.20
C VAL K 4 19.66 -17.26 20.10
N LYS K 5 19.94 -16.45 19.10
CA LYS K 5 19.25 -15.17 18.92
C LYS K 5 18.37 -15.16 17.68
N LEU K 6 17.09 -14.83 17.88
CA LEU K 6 16.12 -14.72 16.80
C LEU K 6 15.72 -13.25 16.69
N ILE K 7 15.92 -12.67 15.51
CA ILE K 7 15.75 -11.23 15.29
C ILE K 7 14.49 -10.97 14.47
N SER K 8 13.61 -10.13 15.00
CA SER K 8 12.32 -9.86 14.35
C SER K 8 12.49 -8.85 13.23
N SER K 9 11.44 -8.61 12.47
CA SER K 9 11.49 -7.67 11.34
C SER K 9 11.78 -6.24 11.82
N ASP K 10 11.20 -5.90 12.98
CA ASP K 10 11.38 -4.59 13.61
C ASP K 10 12.60 -4.50 14.55
N GLY K 11 13.53 -5.46 14.44
CA GLY K 11 14.82 -5.38 15.10
C GLY K 11 14.87 -5.82 16.56
N HIS K 12 13.80 -6.40 17.09
CA HIS K 12 13.86 -6.98 18.43
C HIS K 12 14.69 -8.27 18.43
N GLU K 13 15.60 -8.37 19.38
CA GLU K 13 16.48 -9.52 19.49
C GLU K 13 16.04 -10.41 20.62
N PHE K 14 15.55 -11.60 20.27
CA PHE K 14 15.08 -12.56 21.25
C PHE K 14 16.12 -13.64 21.47
N ILE K 15 16.50 -13.85 22.72
CA ILE K 15 17.52 -14.83 23.03
C ILE K 15 16.89 -15.97 23.84
N VAL K 16 16.93 -17.16 23.27
CA VAL K 16 16.29 -18.33 23.85
C VAL K 16 17.27 -19.50 23.87
N LYS K 17 17.03 -20.46 24.77
CA LYS K 17 17.87 -21.64 24.82
C LYS K 17 17.84 -22.36 23.49
N ARG K 18 19.00 -22.81 23.06
CA ARG K 18 19.15 -23.59 21.83
C ARG K 18 18.18 -24.75 21.84
N GLU K 19 18.16 -25.48 22.94
CA GLU K 19 17.26 -26.62 23.08
C GLU K 19 15.81 -26.25 22.70
N HIS K 20 15.36 -25.09 23.17
CA HIS K 20 14.00 -24.62 22.93
C HIS K 20 13.77 -24.20 21.47
N ALA K 21 14.75 -23.52 20.87
CA ALA K 21 14.62 -23.10 19.48
C ALA K 21 14.54 -24.29 18.53
N LEU K 22 15.25 -25.37 18.88
CA LEU K 22 15.24 -26.59 18.08
C LEU K 22 13.88 -27.31 18.06
N THR K 23 12.92 -26.83 18.83
CA THR K 23 11.51 -27.16 18.64
C THR K 23 11.05 -26.93 17.19
N SER K 24 11.54 -25.86 16.57
CA SER K 24 11.21 -25.56 15.19
C SER K 24 12.14 -26.37 14.29
N GLY K 25 11.55 -27.23 13.47
CA GLY K 25 12.33 -27.96 12.46
C GLY K 25 13.07 -27.01 11.54
N THR K 26 12.43 -25.90 11.19
CA THR K 26 13.03 -24.89 10.33
C THR K 26 14.23 -24.21 10.99
N ILE K 27 14.07 -23.78 12.23
CA ILE K 27 15.19 -23.18 12.95
C ILE K 27 16.33 -24.19 13.07
N LYS K 28 16.02 -25.45 13.34
CA LYS K 28 17.04 -26.47 13.47
C LYS K 28 17.92 -26.64 12.22
N ALA K 29 17.28 -26.67 11.05
CA ALA K 29 17.98 -26.71 9.79
C ALA K 29 18.74 -25.42 9.57
N MET K 30 18.07 -24.30 9.87
CA MET K 30 18.58 -22.96 9.62
C MET K 30 19.85 -22.63 10.40
N LEU K 31 20.04 -23.28 11.54
CA LEU K 31 21.26 -23.11 12.32
C LEU K 31 22.37 -23.99 11.77
N SER K 32 22.02 -25.21 11.33
CA SER K 32 23.00 -26.15 10.79
C SER K 32 23.10 -26.08 9.27
N THR K 42 25.80 -21.06 12.51
CA THR K 42 25.16 -19.81 12.91
C THR K 42 24.52 -19.94 14.30
N ASN K 43 24.57 -18.87 15.08
CA ASN K 43 23.79 -18.74 16.34
C ASN K 43 22.73 -17.64 16.30
N GLU K 44 22.68 -16.90 15.19
CA GLU K 44 21.63 -15.92 14.96
C GLU K 44 20.78 -16.29 13.77
N VAL K 45 19.52 -15.92 13.82
CA VAL K 45 18.63 -16.03 12.68
C VAL K 45 17.81 -14.75 12.56
N ASN K 46 17.74 -14.20 11.36
CA ASN K 46 16.95 -13.02 11.08
C ASN K 46 15.66 -13.42 10.39
N PHE K 47 14.54 -12.87 10.89
CA PHE K 47 13.24 -13.09 10.31
C PHE K 47 12.65 -11.78 9.85
N ARG K 48 13.00 -11.39 8.63
CA ARG K 48 12.61 -10.10 8.05
C ARG K 48 11.12 -9.86 7.87
N GLU K 49 10.27 -10.89 7.91
CA GLU K 49 8.82 -10.65 7.85
C GLU K 49 8.06 -11.06 9.09
N ILE K 50 8.76 -11.37 10.18
CA ILE K 50 8.09 -11.71 11.43
C ILE K 50 8.30 -10.58 12.44
N PRO K 51 7.27 -9.77 12.70
CA PRO K 51 7.40 -8.70 13.66
C PRO K 51 7.48 -9.23 15.10
N SER K 52 7.88 -8.36 16.03
CA SER K 52 8.14 -8.75 17.40
C SER K 52 6.89 -9.20 18.16
N HIS K 53 5.73 -8.66 17.81
CA HIS K 53 4.50 -9.08 18.51
C HIS K 53 4.10 -10.51 18.15
N VAL K 54 4.61 -11.01 17.03
CA VAL K 54 4.50 -12.42 16.63
C VAL K 54 5.66 -13.24 17.18
N LEU K 55 6.89 -12.78 16.93
CA LEU K 55 8.05 -13.57 17.28
C LEU K 55 8.16 -13.81 18.79
N SER K 56 7.74 -12.82 19.59
CA SER K 56 7.72 -13.01 21.05
C SER K 56 6.84 -14.17 21.45
N LYS K 57 5.67 -14.26 20.82
CA LYS K 57 4.75 -15.40 21.03
C LYS K 57 5.34 -16.74 20.61
N VAL K 58 6.08 -16.76 19.50
CA VAL K 58 6.75 -17.98 19.06
C VAL K 58 7.69 -18.48 20.14
N CYS K 59 8.42 -17.55 20.76
CA CYS K 59 9.32 -17.89 21.84
C CYS K 59 8.57 -18.43 23.06
N MET K 60 7.46 -17.82 23.42
CA MET K 60 6.66 -18.34 24.48
C MET K 60 6.17 -19.77 24.15
N TYR K 61 5.81 -20.02 22.89
CA TYR K 61 5.37 -21.35 22.47
C TYR K 61 6.47 -22.39 22.71
N PHE K 62 7.70 -22.09 22.33
CA PHE K 62 8.82 -23.00 22.59
C PHE K 62 8.89 -23.39 24.07
N THR K 63 8.84 -22.38 24.94
CA THR K 63 8.90 -22.59 26.38
C THR K 63 7.80 -23.54 26.83
N TYR K 64 6.57 -23.21 26.41
CA TYR K 64 5.38 -24.01 26.70
C TYR K 64 5.53 -25.45 26.22
N LYS K 65 5.96 -25.62 24.97
CA LYS K 65 6.13 -26.95 24.42
C LYS K 65 7.15 -27.78 25.20
N VAL K 66 8.30 -27.19 25.50
CA VAL K 66 9.33 -27.92 26.19
C VAL K 66 8.85 -28.27 27.60
N ARG K 67 8.18 -27.32 28.26
CA ARG K 67 7.67 -27.54 29.61
C ARG K 67 6.62 -28.64 29.64
N TYR K 68 5.67 -28.61 28.69
CA TYR K 68 4.52 -29.52 28.78
C TYR K 68 4.60 -30.80 27.97
N THR K 69 5.63 -30.95 27.14
CA THR K 69 5.79 -32.20 26.40
C THR K 69 6.23 -33.31 27.35
N ASN K 70 5.59 -34.46 27.21
CA ASN K 70 5.69 -35.60 28.15
C ASN K 70 5.81 -35.18 29.64
N SER K 71 4.86 -34.36 30.07
CA SER K 71 4.76 -33.94 31.47
C SER K 71 3.55 -34.56 32.15
N SER K 72 3.61 -34.65 33.48
CA SER K 72 2.53 -35.22 34.29
C SER K 72 1.49 -34.18 34.70
N THR K 73 1.93 -32.95 34.98
CA THR K 73 1.01 -31.89 35.41
C THR K 73 0.10 -31.49 34.27
N GLU K 74 -1.13 -31.08 34.61
CA GLU K 74 -2.18 -30.78 33.65
C GLU K 74 -1.75 -29.69 32.68
N ILE K 75 -2.04 -29.89 31.41
CA ILE K 75 -1.57 -29.00 30.37
C ILE K 75 -2.58 -27.87 30.22
N PRO K 76 -2.14 -26.61 30.32
CA PRO K 76 -3.08 -25.53 30.08
C PRO K 76 -3.11 -25.14 28.61
N GLU K 77 -4.06 -24.28 28.26
CA GLU K 77 -4.24 -23.86 26.88
C GLU K 77 -3.13 -22.90 26.53
N PHE K 78 -2.65 -22.96 25.29
CA PHE K 78 -1.75 -21.94 24.80
C PHE K 78 -2.58 -20.75 24.30
N PRO K 79 -2.42 -19.57 24.91
CA PRO K 79 -3.31 -18.47 24.57
C PRO K 79 -2.81 -17.68 23.35
N ILE K 80 -3.73 -17.31 22.48
CA ILE K 80 -3.42 -16.49 21.32
C ILE K 80 -4.50 -15.43 21.17
N ALA K 81 -4.12 -14.15 21.30
CA ALA K 81 -5.08 -13.05 21.15
C ALA K 81 -5.52 -12.98 19.70
N PRO K 82 -6.82 -12.69 19.46
CA PRO K 82 -7.32 -12.65 18.08
C PRO K 82 -6.53 -11.76 17.12
N GLU K 83 -5.90 -10.70 17.63
CA GLU K 83 -5.24 -9.71 16.78
C GLU K 83 -3.91 -10.20 16.21
N ILE K 84 -3.32 -11.22 16.84
CA ILE K 84 -2.09 -11.77 16.32
C ILE K 84 -2.23 -13.13 15.66
N ALA K 85 -3.42 -13.73 15.77
CA ALA K 85 -3.62 -15.10 15.28
C ALA K 85 -3.19 -15.31 13.81
N LEU K 86 -3.54 -14.39 12.95
CA LEU K 86 -3.25 -14.58 11.53
C LEU K 86 -1.74 -14.60 11.24
N GLU K 87 -1.03 -13.63 11.80
CA GLU K 87 0.40 -13.55 11.57
C GLU K 87 1.13 -14.70 12.25
N LEU K 88 0.63 -15.10 13.41
CA LEU K 88 1.22 -16.22 14.11
C LEU K 88 1.07 -17.50 13.29
N LEU K 89 -0.08 -17.68 12.64
CA LEU K 89 -0.33 -18.86 11.81
C LEU K 89 0.71 -18.97 10.66
N MET K 90 0.95 -17.85 9.99
CA MET K 90 1.96 -17.79 8.91
C MET K 90 3.36 -18.12 9.46
N ALA K 91 3.71 -17.53 10.59
CA ALA K 91 5.00 -17.81 11.18
C ALA K 91 5.13 -19.30 11.52
N ALA K 92 4.08 -19.85 12.14
CA ALA K 92 4.09 -21.25 12.55
C ALA K 92 4.26 -22.16 11.32
N ASN K 93 3.56 -21.82 10.25
CA ASN K 93 3.72 -22.58 9.02
C ASN K 93 5.18 -22.59 8.56
N PHE K 94 5.78 -21.41 8.46
CA PHE K 94 7.16 -21.29 7.98
C PHE K 94 8.12 -22.04 8.91
N LEU K 95 7.92 -21.87 10.21
CA LEU K 95 8.84 -22.42 11.21
C LEU K 95 8.67 -23.91 11.51
N ASP K 96 7.61 -24.54 10.99
CA ASP K 96 7.34 -25.97 11.22
C ASP K 96 7.39 -26.30 12.71
N CYS K 97 6.50 -25.67 13.48
CA CYS K 97 6.36 -25.95 14.90
C CYS K 97 4.92 -25.78 15.36
N VAL L 11 -12.62 -52.02 10.98
CA VAL L 11 -11.53 -52.58 11.83
C VAL L 11 -11.60 -51.96 13.24
N LEU L 12 -11.60 -50.63 13.31
CA LEU L 12 -11.77 -49.95 14.59
C LEU L 12 -13.24 -49.96 15.00
N ARG L 13 -13.57 -50.86 15.92
CA ARG L 13 -14.93 -50.98 16.40
C ARG L 13 -14.90 -51.61 17.79
N SER L 14 -15.95 -51.39 18.56
CA SER L 14 -16.06 -52.02 19.86
C SER L 14 -16.34 -53.52 19.69
N VAL L 15 -15.79 -54.30 20.59
CA VAL L 15 -16.11 -55.73 20.72
C VAL L 15 -17.34 -55.86 21.62
N ASN L 16 -18.30 -56.69 21.21
CA ASN L 16 -19.52 -56.86 21.98
C ASN L 16 -19.34 -57.91 23.08
N SER L 17 -18.52 -57.57 24.06
CA SER L 17 -18.14 -58.50 25.12
C SER L 17 -19.29 -58.73 26.08
N ARG L 18 -20.11 -57.70 26.30
CA ARG L 18 -21.13 -57.72 27.34
C ARG L 18 -20.55 -57.95 28.73
N GLU L 19 -19.26 -57.69 28.91
CA GLU L 19 -18.63 -57.78 30.22
C GLU L 19 -18.45 -56.37 30.78
N PRO L 20 -19.14 -56.04 31.89
CA PRO L 20 -19.09 -54.65 32.37
C PRO L 20 -17.71 -54.19 32.80
N SER L 21 -17.46 -52.91 32.59
CA SER L 21 -16.26 -52.26 33.07
C SER L 21 -16.71 -50.87 33.53
N GLN L 22 -16.41 -50.54 34.77
CA GLN L 22 -16.75 -49.22 35.33
C GLN L 22 -15.59 -48.27 35.15
N VAL L 23 -15.89 -47.08 34.64
CA VAL L 23 -14.85 -46.13 34.23
C VAL L 23 -15.15 -44.77 34.83
N ILE L 24 -14.10 -44.03 35.17
CA ILE L 24 -14.25 -42.60 35.44
C ILE L 24 -13.73 -41.82 34.22
N PHE L 25 -14.62 -41.09 33.57
CA PHE L 25 -14.20 -40.12 32.56
C PHE L 25 -13.84 -38.86 33.33
N CAS L 26 -12.57 -38.48 33.32
CA CAS L 26 -12.09 -37.32 34.10
CB CAS L 26 -11.04 -37.82 35.07
C CAS L 26 -11.55 -36.28 33.14
O CAS L 26 -10.52 -36.49 32.49
SG CAS L 26 -10.22 -36.54 35.97
AS CAS L 26 -11.90 -35.62 37.06
CE1 CAS L 26 -12.18 -36.60 38.73
CE2 CAS L 26 -11.18 -33.84 37.54
N ASN L 27 -12.25 -35.16 33.01
CA ASN L 27 -11.86 -34.11 32.08
C ASN L 27 -10.83 -33.17 32.73
N ARG L 28 -9.55 -33.44 32.51
CA ARG L 28 -8.48 -32.57 32.98
C ARG L 28 -8.00 -31.67 31.86
N SER L 29 -8.96 -31.01 31.20
CA SER L 29 -8.67 -30.09 30.13
C SER L 29 -9.57 -28.89 30.33
N PRO L 30 -9.30 -27.79 29.61
CA PRO L 30 -10.15 -26.62 29.67
C PRO L 30 -11.28 -26.64 28.64
N ARG L 31 -11.40 -27.73 27.88
CA ARG L 31 -12.45 -27.85 26.85
C ARG L 31 -13.69 -28.55 27.39
N VAL L 32 -14.85 -28.23 26.80
CA VAL L 32 -16.04 -29.05 26.96
C VAL L 32 -15.77 -30.30 26.12
N VAL L 33 -15.84 -31.47 26.75
CA VAL L 33 -15.45 -32.72 26.12
C VAL L 33 -16.66 -33.53 25.67
N LEU L 34 -16.57 -34.00 24.44
CA LEU L 34 -17.52 -34.93 23.85
C LEU L 34 -16.88 -36.32 23.83
N PRO L 35 -17.37 -37.24 24.70
CA PRO L 35 -16.96 -38.62 24.58
C PRO L 35 -17.63 -39.26 23.35
N VAL L 36 -16.84 -40.03 22.60
CA VAL L 36 -17.33 -40.71 21.40
C VAL L 36 -17.09 -42.22 21.52
N TRP L 37 -18.17 -42.99 21.54
CA TRP L 37 -18.11 -44.46 21.55
C TRP L 37 -18.14 -45.01 20.14
N LEU L 38 -17.19 -45.88 19.80
CA LEU L 38 -17.23 -46.54 18.52
C LEU L 38 -18.14 -47.75 18.66
N ASN L 39 -19.22 -47.76 17.90
CA ASN L 39 -20.19 -48.83 18.05
C ASN L 39 -19.72 -50.13 17.36
N PHE L 40 -20.54 -51.18 17.41
CA PHE L 40 -20.12 -52.51 16.96
C PHE L 40 -19.86 -52.56 15.45
N ASP L 41 -20.31 -51.55 14.72
CA ASP L 41 -20.01 -51.33 13.31
C ASP L 41 -18.89 -50.32 13.05
N GLY L 42 -18.28 -49.77 14.10
CA GLY L 42 -17.24 -48.76 13.92
C GLY L 42 -17.75 -47.33 13.73
N GLU L 43 -19.05 -47.14 13.91
CA GLU L 43 -19.65 -45.82 13.76
C GLU L 43 -19.53 -45.03 15.06
N PRO L 44 -19.01 -43.81 14.98
CA PRO L 44 -18.90 -42.97 16.16
C PRO L 44 -20.25 -42.56 16.72
N GLN L 45 -20.41 -42.74 18.03
CA GLN L 45 -21.66 -42.46 18.70
C GLN L 45 -21.37 -41.48 19.85
N PRO L 46 -21.85 -40.24 19.72
CA PRO L 46 -21.64 -39.25 20.76
C PRO L 46 -22.41 -39.53 22.04
N TYR L 47 -21.78 -39.22 23.18
CA TYR L 47 -22.36 -39.41 24.49
C TYR L 47 -22.36 -38.05 25.18
N PRO L 48 -23.03 -37.93 26.33
CA PRO L 48 -23.18 -36.62 26.93
C PRO L 48 -21.86 -35.92 27.21
N THR L 49 -21.85 -34.59 27.12
CA THR L 49 -20.59 -33.84 27.24
C THR L 49 -20.21 -33.63 28.69
N LEU L 50 -18.91 -33.44 28.92
CA LEU L 50 -18.37 -33.14 30.24
C LEU L 50 -17.74 -31.76 30.28
N PRO L 51 -18.26 -30.86 31.13
CA PRO L 51 -17.62 -29.55 31.28
C PRO L 51 -16.18 -29.64 31.77
N PRO L 52 -15.37 -28.62 31.49
CA PRO L 52 -13.98 -28.57 31.95
C PRO L 52 -13.85 -28.91 33.43
N GLY L 53 -12.87 -29.73 33.77
CA GLY L 53 -12.59 -30.03 35.17
C GLY L 53 -13.54 -30.97 35.90
N THR L 54 -14.56 -31.50 35.20
CA THR L 54 -15.53 -32.39 35.83
C THR L 54 -15.23 -33.87 35.50
N GLY L 55 -15.74 -34.75 36.35
CA GLY L 55 -15.58 -36.19 36.14
C GLY L 55 -16.89 -36.91 36.34
N ARG L 56 -17.04 -38.05 35.66
CA ARG L 56 -18.22 -38.88 35.81
C ARG L 56 -17.85 -40.35 35.80
N ARG L 57 -18.47 -41.08 36.71
CA ARG L 57 -18.37 -42.53 36.77
C ARG L 57 -19.41 -43.07 35.83
N ILE L 58 -18.98 -43.84 34.84
CA ILE L 58 -19.88 -44.34 33.81
C ILE L 58 -19.77 -45.85 33.64
N HIS L 59 -20.81 -46.44 33.04
CA HIS L 59 -20.83 -47.87 32.77
C HIS L 59 -20.49 -48.19 31.32
N SER L 60 -19.40 -48.91 31.13
CA SER L 60 -19.00 -49.36 29.79
C SER L 60 -18.66 -50.85 29.87
N TYR L 61 -17.93 -51.34 28.88
CA TYR L 61 -17.72 -52.78 28.75
C TYR L 61 -16.33 -53.05 28.23
N ARG L 62 -15.83 -54.23 28.58
CA ARG L 62 -14.50 -54.65 28.19
C ARG L 62 -14.39 -54.67 26.67
N GLY L 63 -13.26 -54.20 26.16
CA GLY L 63 -13.02 -54.18 24.74
C GLY L 63 -13.82 -53.15 23.94
N HIS L 64 -14.52 -52.25 24.62
CA HIS L 64 -15.17 -51.13 23.93
C HIS L 64 -14.17 -50.04 23.63
N LEU L 65 -14.41 -49.27 22.57
CA LEU L 65 -13.47 -48.23 22.15
C LEU L 65 -14.06 -46.83 22.27
N TRP L 66 -13.27 -45.93 22.85
CA TRP L 66 -13.67 -44.54 23.04
C TRP L 66 -12.62 -43.57 22.55
N LEU L 67 -13.07 -42.42 22.07
CA LEU L 67 -12.19 -41.29 21.92
C LEU L 67 -12.88 -40.03 22.43
N PHE L 68 -12.12 -38.94 22.54
CA PHE L 68 -12.63 -37.75 23.18
C PHE L 68 -12.25 -36.52 22.38
N ARG L 69 -13.22 -35.61 22.23
CA ARG L 69 -13.09 -34.42 21.39
C ARG L 69 -13.62 -33.22 22.10
N ASP L 70 -13.18 -32.03 21.65
CA ASP L 70 -13.83 -30.78 22.00
C ASP L 70 -15.24 -30.83 21.39
N ALA L 71 -16.27 -30.62 22.20
CA ALA L 71 -17.65 -30.77 21.75
C ALA L 71 -18.10 -29.66 20.82
N GLY L 72 -17.44 -28.50 20.88
CA GLY L 72 -17.78 -27.38 20.01
C GLY L 72 -17.05 -27.42 18.67
N THR L 73 -15.75 -27.71 18.68
CA THR L 73 -14.92 -27.64 17.50
C THR L 73 -14.45 -28.98 16.93
N HIS L 74 -14.62 -30.05 17.70
CA HIS L 74 -14.11 -31.37 17.39
C HIS L 74 -12.60 -31.54 17.37
N ASP L 75 -11.87 -30.60 17.95
CA ASP L 75 -10.43 -30.74 18.14
C ASP L 75 -10.17 -32.06 18.87
N GLY L 76 -9.09 -32.73 18.48
CA GLY L 76 -8.67 -33.98 19.11
C GLY L 76 -8.16 -33.76 20.52
N LEU L 77 -8.48 -34.70 21.40
CA LEU L 77 -7.97 -34.70 22.78
C LEU L 77 -7.31 -36.03 23.10
N LEU L 78 -6.53 -36.06 24.18
CA LEU L 78 -5.83 -37.27 24.57
C LEU L 78 -6.56 -37.87 25.75
N VAL L 79 -6.51 -39.18 25.82
CA VAL L 79 -7.05 -39.93 26.96
C VAL L 79 -5.97 -40.91 27.39
N ASN L 80 -5.60 -40.83 28.65
CA ASN L 80 -4.42 -41.51 29.17
C ASN L 80 -3.24 -41.41 28.21
N GLN L 81 -3.00 -40.19 27.74
CA GLN L 81 -1.86 -39.85 26.86
C GLN L 81 -1.92 -40.43 25.46
N THR L 82 -3.04 -41.05 25.08
CA THR L 82 -3.13 -41.59 23.73
C THR L 82 -4.49 -41.31 23.11
N GLU L 83 -4.72 -41.88 21.94
CA GLU L 83 -5.88 -41.56 21.11
C GLU L 83 -7.14 -42.24 21.58
N LEU L 84 -7.00 -43.53 21.81
CA LEU L 84 -8.13 -44.42 22.06
C LEU L 84 -8.07 -44.92 23.49
N PHE L 85 -9.25 -45.12 24.06
CA PHE L 85 -9.39 -45.67 25.40
C PHE L 85 -10.25 -46.92 25.33
N VAL L 86 -9.77 -47.99 25.95
CA VAL L 86 -10.44 -49.30 25.92
C VAL L 86 -10.62 -49.74 27.35
N PRO L 87 -11.87 -49.76 27.85
CA PRO L 87 -12.09 -50.24 29.22
C PRO L 87 -11.63 -51.67 29.42
N SER L 88 -11.09 -51.94 30.60
CA SER L 88 -10.50 -53.22 30.92
C SER L 88 -11.21 -53.78 32.16
N LEU L 89 -10.74 -54.95 32.60
CA LEU L 89 -11.29 -55.62 33.77
C LEU L 89 -11.02 -54.79 35.04
N ASN L 90 -12.04 -54.57 35.84
CA ASN L 90 -11.88 -53.88 37.14
C ASN L 90 -11.20 -54.75 38.17
N VAL L 91 -10.28 -54.18 38.93
CA VAL L 91 -9.40 -54.98 39.77
C VAL L 91 -10.03 -55.30 41.14
N ASP L 92 -10.35 -54.28 41.93
CA ASP L 92 -10.86 -54.51 43.30
C ASP L 92 -12.03 -53.58 43.57
N GLY L 93 -13.09 -53.74 42.78
CA GLY L 93 -14.20 -52.80 42.73
C GLY L 93 -13.72 -51.40 42.36
N GLN L 94 -12.56 -51.34 41.69
CA GLN L 94 -11.87 -50.09 41.43
C GLN L 94 -12.11 -49.72 39.97
N PRO L 95 -12.63 -48.50 39.74
CA PRO L 95 -12.90 -48.10 38.37
C PRO L 95 -11.61 -47.74 37.65
N ILE L 96 -11.66 -47.80 36.33
CA ILE L 96 -10.55 -47.45 35.46
C ILE L 96 -10.66 -45.96 35.16
N PHE L 97 -9.60 -45.21 35.42
CA PHE L 97 -9.56 -43.79 35.08
C PHE L 97 -9.24 -43.57 33.61
N ALA L 98 -10.11 -42.83 32.94
CA ALA L 98 -9.82 -42.28 31.63
C ALA L 98 -9.55 -40.78 31.80
N ASN L 99 -8.27 -40.42 31.87
CA ASN L 99 -7.88 -39.03 32.10
C ASN L 99 -7.77 -38.35 30.77
N ILE L 100 -8.66 -37.39 30.52
CA ILE L 100 -8.74 -36.68 29.26
C ILE L 100 -8.03 -35.34 29.41
N THR L 101 -7.08 -35.07 28.50
CA THR L 101 -6.24 -33.86 28.57
C THR L 101 -6.14 -33.17 27.21
N LEU L 102 -5.77 -31.89 27.24
CA LEU L 102 -5.31 -31.21 26.03
C LEU L 102 -4.01 -31.85 25.56
N PRO L 103 -3.88 -32.10 24.25
CA PRO L 103 -2.56 -32.34 23.69
C PRO L 103 -1.74 -31.06 23.75
N VAL L 104 -0.42 -31.20 23.65
CA VAL L 104 0.42 -30.09 23.28
C VAL L 104 0.28 -29.96 21.78
N TYR L 105 -0.63 -29.10 21.32
CA TYR L 105 -0.80 -28.88 19.89
C TYR L 105 0.43 -28.20 19.31
N THR L 106 0.66 -28.42 18.01
CA THR L 106 1.67 -27.67 17.32
C THR L 106 1.16 -26.24 17.30
N LEU L 107 2.07 -25.29 17.23
CA LEU L 107 1.67 -23.90 17.17
C LEU L 107 0.75 -23.67 15.97
N LYS L 108 1.09 -24.30 14.85
CA LYS L 108 0.26 -24.18 13.64
C LYS L 108 -1.17 -24.65 13.91
N GLU L 109 -1.34 -25.86 14.46
CA GLU L 109 -2.71 -26.34 14.74
C GLU L 109 -3.45 -25.40 15.69
N ARG L 110 -2.77 -24.97 16.74
CA ARG L 110 -3.37 -24.03 17.67
C ARG L 110 -3.81 -22.72 16.98
N CYS L 111 -2.94 -22.16 16.14
CA CYS L 111 -3.30 -20.98 15.36
C CYS L 111 -4.49 -21.29 14.44
N LEU L 112 -4.50 -22.45 13.80
CA LEU L 112 -5.64 -22.81 12.96
C LEU L 112 -6.92 -22.82 13.78
N GLN L 113 -6.83 -23.35 15.02
CA GLN L 113 -8.00 -23.39 15.92
C GLN L 113 -8.54 -21.99 16.17
N VAL L 114 -7.65 -21.06 16.49
CA VAL L 114 -8.08 -19.72 16.84
C VAL L 114 -8.63 -19.02 15.60
N VAL L 115 -7.97 -19.19 14.45
CA VAL L 115 -8.42 -18.53 13.22
C VAL L 115 -9.79 -19.09 12.81
N ARG L 116 -9.98 -20.42 12.91
CA ARG L 116 -11.28 -21.03 12.61
C ARG L 116 -12.38 -20.47 13.49
N SER L 117 -12.06 -20.18 14.75
CA SER L 117 -13.04 -19.64 15.69
C SER L 117 -13.39 -18.17 15.40
N LEU L 118 -12.67 -17.55 14.47
CA LEU L 118 -12.89 -16.15 14.10
C LEU L 118 -13.31 -15.94 12.64
N VAL L 119 -12.92 -16.84 11.73
CA VAL L 119 -13.19 -16.67 10.31
C VAL L 119 -14.12 -17.77 9.78
N LYS L 120 -15.29 -17.36 9.31
CA LYS L 120 -16.28 -18.33 8.86
C LYS L 120 -15.79 -18.96 7.55
N PRO L 121 -16.17 -20.23 7.31
CA PRO L 121 -15.57 -21.01 6.22
C PRO L 121 -15.64 -20.38 4.83
N GLU L 122 -16.65 -19.55 4.59
CA GLU L 122 -16.79 -18.83 3.33
C GLU L 122 -15.65 -17.81 3.06
N ASN L 123 -14.95 -17.40 4.12
CA ASN L 123 -13.97 -16.31 4.04
C ASN L 123 -12.49 -16.73 4.13
N TYR L 124 -12.21 -18.04 4.29
CA TYR L 124 -10.82 -18.52 4.41
C TYR L 124 -9.96 -18.10 3.21
N ARG L 125 -10.51 -18.33 2.01
CA ARG L 125 -9.85 -18.04 0.75
C ARG L 125 -9.58 -16.56 0.57
N ARG L 126 -10.30 -15.73 1.32
CA ARG L 126 -10.09 -14.29 1.33
C ARG L 126 -8.86 -13.85 2.17
N LEU L 127 -8.32 -14.74 3.00
CA LEU L 127 -7.19 -14.39 3.90
C LEU L 127 -5.88 -14.21 3.14
N ASP L 128 -5.15 -13.14 3.44
CA ASP L 128 -3.90 -12.87 2.74
C ASP L 128 -2.80 -13.78 3.27
N ILE L 129 -2.92 -15.06 2.94
CA ILE L 129 -1.93 -16.04 3.34
C ILE L 129 -1.59 -17.02 2.23
N VAL L 130 -0.46 -17.71 2.43
CA VAL L 130 0.01 -18.78 1.56
C VAL L 130 -1.13 -19.76 1.25
N ARG L 131 -1.29 -20.09 -0.03
CA ARG L 131 -2.49 -20.81 -0.48
C ARG L 131 -2.69 -22.15 0.23
N SER L 132 -1.59 -22.86 0.50
CA SER L 132 -1.61 -24.15 1.21
C SER L 132 -2.30 -24.09 2.57
N LEU L 133 -2.20 -22.95 3.26
CA LEU L 133 -2.88 -22.73 4.53
C LEU L 133 -4.43 -22.73 4.41
N TYR L 134 -4.95 -22.47 3.21
CA TYR L 134 -6.40 -22.54 2.98
C TYR L 134 -6.90 -23.96 3.16
N GLU L 135 -6.27 -24.90 2.46
CA GLU L 135 -6.50 -26.34 2.67
C GLU L 135 -6.38 -26.70 4.15
N ASP L 136 -5.34 -26.18 4.81
CA ASP L 136 -5.12 -26.49 6.23
C ASP L 136 -6.35 -26.09 7.06
N LEU L 137 -6.84 -24.87 6.84
CA LEU L 137 -8.03 -24.36 7.55
C LEU L 137 -9.28 -25.15 7.27
N GLU L 138 -9.50 -25.49 5.99
CA GLU L 138 -10.71 -26.23 5.60
C GLU L 138 -10.68 -27.67 6.09
N ASP L 139 -9.50 -28.20 6.34
CA ASP L 139 -9.34 -29.55 6.86
C ASP L 139 -9.71 -29.57 8.36
N HIS L 140 -10.98 -29.31 8.65
CA HIS L 140 -11.51 -29.28 10.01
C HIS L 140 -11.28 -30.59 10.74
N PRO L 141 -10.96 -30.53 12.04
CA PRO L 141 -10.89 -31.74 12.85
C PRO L 141 -12.20 -32.52 12.72
N ASN L 142 -12.10 -33.83 12.54
CA ASN L 142 -13.23 -34.65 12.08
C ASN L 142 -12.92 -36.05 12.55
N VAL L 143 -13.81 -36.60 13.39
CA VAL L 143 -13.61 -37.93 13.93
C VAL L 143 -13.48 -38.97 12.81
N GLN L 144 -14.36 -38.90 11.80
CA GLN L 144 -14.37 -39.90 10.74
C GLN L 144 -13.00 -39.95 10.08
N LYS L 145 -12.46 -38.80 9.71
CA LYS L 145 -11.13 -38.71 9.10
C LYS L 145 -10.00 -39.24 10.01
N ASP L 146 -10.13 -39.03 11.32
CA ASP L 146 -9.16 -39.58 12.28
C ASP L 146 -9.24 -41.10 12.36
N LEU L 147 -10.44 -41.65 12.26
CA LEU L 147 -10.59 -43.11 12.29
C LEU L 147 -9.94 -43.72 11.04
N GLU L 148 -10.10 -43.05 9.91
CA GLU L 148 -9.44 -43.47 8.68
C GLU L 148 -7.93 -43.50 8.89
N ARG L 149 -7.37 -42.39 9.39
CA ARG L 149 -5.94 -42.34 9.69
C ARG L 149 -5.48 -43.41 10.67
N LEU L 150 -6.20 -43.55 11.79
CA LEU L 150 -5.85 -44.55 12.79
C LEU L 150 -5.87 -45.97 12.21
N THR L 151 -6.88 -46.27 11.39
CA THR L 151 -6.97 -47.57 10.71
C THR L 151 -5.80 -47.81 9.76
N GLN L 152 -5.38 -46.79 9.01
CA GLN L 152 -4.21 -46.92 8.13
C GLN L 152 -2.92 -46.85 8.95
N GLU L 153 -2.76 -47.77 9.89
CA GLU L 153 -1.64 -47.75 10.83
C GLU L 153 -1.59 -49.04 11.63
CAA 9BT M . 4.26 -20.81 -1.10
CBA 9BT M . 5.45 -20.80 -2.07
NAS 9BT M . 6.25 -19.72 -2.13
CAN 9BT M . 7.25 -19.78 -3.00
SAV 9BT M . 7.18 -21.25 -3.75
CBC 9BT M . 5.78 -21.80 -2.93
CBB 9BT M . 5.16 -22.99 -3.06
CAM 9BT M . 3.77 -23.13 -3.08
CAK 9BT M . 3.17 -24.38 -3.22
CAL 9BT M . 5.92 -24.16 -3.20
CAJ 9BT M . 5.31 -25.42 -3.32
CAZ 9BT M . 3.91 -25.55 -3.33
CAP 9BT M . 3.22 -26.77 -3.45
NAT 9BT M . 4.11 -27.82 -3.98
C 9BT M . 4.19 -28.15 -5.28
O 9BT M . 3.52 -27.58 -6.15
CA 9BT M . 5.16 -29.13 -5.62
CB 9BT M . 6.47 -28.39 -5.99
CG 9BT M . 7.11 -29.20 -7.11
OD1 9BT M . 7.93 -30.23 -6.54
CD2 9BT M . 5.91 -29.76 -7.86
N 9BT M . 4.83 -29.95 -6.83
CAY 9BT M . 3.72 -30.72 -6.85
OAG 9BT M . 2.95 -30.79 -5.89
CBF 9BT M . 3.43 -31.57 -8.10
CBH 9BT M . 2.30 -31.00 -8.99
CAC 9BT M . 0.90 -31.00 -8.28
CAD 9BT M . 2.20 -31.86 -10.27
CAB 9BT M . 2.60 -29.54 -9.41
NAU 9BT M . 3.04 -32.87 -7.57
CAW 9BT M . 3.74 -34.00 -7.62
OAE 9BT M . 4.81 -34.15 -8.21
CAO 9BT M . 3.01 -35.16 -6.94
OAH 9BT M . 3.86 -36.29 -7.16
CAA 9BT N . -27.84 8.92 -17.62
CBA 9BT N . -26.69 8.91 -18.64
NAS 9BT N . -25.94 10.02 -18.73
CAN 9BT N . -24.95 9.95 -19.63
SAV 9BT N . -25.01 8.46 -20.37
CBC 9BT N . -26.36 7.89 -19.48
CBB 9BT N . -26.94 6.67 -19.61
CAM 9BT N . -28.33 6.51 -19.59
CAK 9BT N . -28.93 5.25 -19.72
CAL 9BT N . -26.17 5.51 -19.76
CAJ 9BT N . -26.77 4.23 -19.88
CAZ 9BT N . -28.18 4.08 -19.86
CAP 9BT N . -28.86 2.86 -19.98
NAT 9BT N . -27.94 1.85 -20.58
C 9BT N . -27.84 1.58 -21.89
O 9BT N . -28.56 2.10 -22.74
CA 9BT N . -26.82 0.64 -22.22
CB 9BT N . -25.50 1.38 -22.54
CG 9BT N . -24.82 0.58 -23.63
OD1 9BT N . -23.98 -0.43 -23.05
CD2 9BT N . -25.96 -0.08 -24.41
N 9BT N . -27.08 -0.23 -23.42
CAY 9BT N . -28.16 -1.01 -23.38
OAG 9BT N . -28.92 -1.04 -22.41
CBF 9BT N . -28.41 -1.94 -24.60
CBH 9BT N . -29.56 -1.44 -25.50
CAC 9BT N . -30.92 -1.55 -24.80
CAD 9BT N . -29.61 -2.29 -26.77
CAB 9BT N . -29.36 0.03 -25.92
NAU 9BT N . -28.76 -3.26 -24.04
CAW 9BT N . -28.02 -4.36 -24.17
OAE 9BT N . -26.97 -4.42 -24.80
CAO 9BT N . -28.61 -5.58 -23.50
OAH 9BT N . -27.63 -6.62 -23.66
CAA 9BT O . -55.53 -9.70 15.03
CBA 9BT O . -54.43 -9.69 13.96
NAS 9BT O . -53.66 -8.57 13.83
CAN 9BT O . -52.71 -8.67 12.89
SAV 9BT O . -52.83 -10.19 12.18
CBC 9BT O . -54.12 -10.71 13.13
CBB 9BT O . -54.69 -11.94 13.05
CAM 9BT O . -56.09 -12.12 13.05
CAK 9BT O . -56.63 -13.41 12.98
CAL 9BT O . -53.89 -13.08 12.99
CAJ 9BT O . -54.44 -14.38 12.93
CAZ 9BT O . -55.83 -14.56 12.93
CAP 9BT O . -56.47 -15.80 12.87
NAT 9BT O . -55.57 -16.83 12.30
C 9BT O . -55.60 -17.25 11.02
O 9BT O . -56.35 -16.82 10.15
CA 9BT O . -54.58 -18.15 10.68
CB 9BT O . -53.34 -17.34 10.30
CG 9BT O . -52.69 -18.09 9.14
OD1 9BT O . -51.76 -19.03 9.66
CD2 9BT O . -53.85 -18.80 8.44
N 9BT O . -54.88 -19.04 9.50
CAY 9BT O . -55.90 -19.92 9.62
OAG 9BT O . -56.60 -19.98 10.62
CBF 9BT O . -56.14 -20.87 8.44
CBH 9BT O . -57.33 -20.40 7.59
CAC 9BT O . -58.66 -20.32 8.39
CAD 9BT O . -57.53 -21.41 6.45
CAB 9BT O . -57.01 -19.02 6.98
NAU 9BT O . -56.43 -22.22 8.98
CAW 9BT O . -55.56 -23.23 8.85
OAE 9BT O . -54.48 -23.14 8.29
CAO 9BT O . -55.99 -24.57 9.41
OAH 9BT O . -57.06 -24.26 10.31
CAA 9BT P . -23.41 -39.58 31.74
CBA 9BT P . -22.27 -39.63 30.72
NAS 9BT P . -21.47 -38.54 30.59
CAN 9BT P . -20.51 -38.63 29.68
SAV 9BT P . -20.59 -40.11 29.00
CBC 9BT P . -21.96 -40.67 29.90
CBB 9BT P . -22.55 -41.90 29.82
CAM 9BT P . -23.94 -42.09 29.89
CAK 9BT P . -24.50 -43.37 29.81
CAL 9BT P . -21.78 -43.05 29.65
CAJ 9BT P . -22.34 -44.35 29.58
CAZ 9BT P . -23.72 -44.52 29.66
CAP 9BT P . -24.38 -45.76 29.60
NAT 9BT P . -23.47 -46.78 29.03
C 9BT P . -23.49 -47.16 27.74
O 9BT P . -24.26 -46.70 26.92
CA 9BT P . -22.47 -48.06 27.37
CB 9BT P . -21.25 -47.24 26.95
CG 9BT P . -20.62 -48.02 25.80
OD1 9BT P . -19.72 -49.00 26.29
CD2 9BT P . -21.79 -48.71 25.12
N 9BT P . -22.80 -48.94 26.20
CAY 9BT P . -23.86 -49.77 26.30
OAG 9BT P . -24.53 -49.82 27.32
CBF 9BT P . -24.17 -50.72 25.14
CBH 9BT P . -25.38 -50.25 24.31
CAC 9BT P . -26.71 -50.30 25.14
CAD 9BT P . -25.53 -51.13 23.07
CAB 9BT P . -25.14 -48.81 23.81
NAU 9BT P . -24.44 -52.05 25.75
CAW 9BT P . -23.59 -53.07 25.62
OAE 9BT P . -22.55 -53.01 24.98
CAO 9BT P . -23.98 -54.38 26.28
OAH 9BT P . -25.20 -54.12 26.95
#